data_3CCT
#
_entry.id   3CCT
#
_cell.length_a   73.940
_cell.length_b   173.510
_cell.length_c   76.400
_cell.angle_alpha   90.000
_cell.angle_beta   119.180
_cell.angle_gamma   90.000
#
_symmetry.space_group_name_H-M   'P 1 21 1'
#
loop_
_entity.id
_entity.type
_entity.pdbx_description
1 polymer '3-hydroxy-3-methylglutaryl-coenzyme A reductase'
2 non-polymer '(3R,5R)-7-[2-(4-fluorophenyl)-4-[(2-hydroxyphenyl)carbamoyl]-5-(1-methylethyl)-3-phenyl-1H-pyrrol-1-yl]-3,5-dihydroxyheptanoic acid'
3 water water
#
_entity_poly.entity_id   1
_entity_poly.type   'polypeptide(L)'
_entity_poly.pdbx_seq_one_letter_code
;HHHHHHEPRPNEECLQILGNAEKGAKFLSDAEIIQLVNAKHIPAYKLETLIETHERGVSIRRQLLSKKLSEPSSLQYLPY
RDYNYSLVMGACCENVIGYMPIPVGVAGPLCLDEKEFQVPMATTEGCLVASTNRGCRAIGLGGGASSRVLADGMTRGPVV
RLPRACDSAEVKAWLETSEGFAVIKEAFDSTSRFARLQKLHTSIAGRNLYIRFQSRSGDAMGMNMISKGTEKALSKLHEY
FPEMQILAVSGNYCTDKKPAAINWIEGRGKSVVCEAVIPAKVVREVLKTTTEAMIEVNINKNLVGSAMAGSIGGYNAHAA
NIVTAIYIACGQDAAQNVGSSNCITLMEASGPTNEDLYISCTMPSIEIGTVGGGTNLLPQQACLQMLGVQGACKDNPGEN
ARQLARIVCGTVMAGELSLMAALAAGHLVKSHMIHNRSKIN
;
_entity_poly.pdbx_strand_id   A,B,C,D
#
# COMPACT_ATOMS: atom_id res chain seq x y z
N GLU A 7 -55.43 15.69 29.15
CA GLU A 7 -55.32 16.98 28.40
C GLU A 7 -55.17 16.81 26.88
N PRO A 8 -54.39 15.83 26.42
CA PRO A 8 -54.19 15.63 24.97
C PRO A 8 -55.50 15.31 24.25
N ARG A 9 -55.78 16.02 23.15
CA ARG A 9 -57.08 15.93 22.47
C ARG A 9 -56.99 15.04 21.22
N PRO A 10 -58.13 14.58 20.70
CA PRO A 10 -58.15 13.69 19.52
C PRO A 10 -57.29 14.16 18.35
N ASN A 11 -56.76 13.22 17.59
CA ASN A 11 -55.81 13.51 16.52
C ASN A 11 -56.42 14.22 15.32
N GLU A 12 -57.69 13.95 15.04
CA GLU A 12 -58.38 14.55 13.91
C GLU A 12 -58.49 16.06 14.08
N GLU A 13 -58.81 16.50 15.30
CA GLU A 13 -58.86 17.92 15.67
C GLU A 13 -57.47 18.55 15.65
N CYS A 14 -56.45 17.75 15.98
CA CYS A 14 -55.06 18.21 15.95
C CYS A 14 -54.56 18.44 14.52
N LEU A 15 -55.19 17.75 13.56
CA LEU A 15 -54.81 17.87 12.15
C LEU A 15 -55.45 19.08 11.46
N GLN A 16 -56.62 19.51 11.94
CA GLN A 16 -57.26 20.76 11.49
C GLN A 16 -56.40 21.94 11.89
N ILE A 17 -55.99 21.96 13.15
CA ILE A 17 -55.23 23.05 13.75
C ILE A 17 -53.87 23.20 13.05
N LEU A 18 -53.28 22.07 12.69
CA LEU A 18 -51.96 22.03 12.06
C LEU A 18 -52.00 22.52 10.61
N GLY A 19 -52.98 22.03 9.84
CA GLY A 19 -53.18 22.44 8.46
C GLY A 19 -53.72 23.86 8.29
N ASN A 20 -54.23 24.43 9.38
CA ASN A 20 -54.72 25.80 9.36
C ASN A 20 -53.54 26.78 9.29
N ALA A 21 -53.55 27.63 8.28
CA ALA A 21 -52.42 28.51 7.99
C ALA A 21 -52.10 29.55 9.08
N GLU A 22 -53.10 29.99 9.85
CA GLU A 22 -52.86 30.98 10.90
C GLU A 22 -52.84 30.40 12.32
N LYS A 23 -52.80 29.07 12.42
CA LYS A 23 -52.57 28.40 13.69
C LYS A 23 -51.22 27.65 13.65
N GLY A 24 -51.21 26.49 13.01
CA GLY A 24 -50.01 25.67 12.91
C GLY A 24 -49.67 24.93 14.20
N ALA A 25 -48.48 24.33 14.22
CA ALA A 25 -48.01 23.53 15.35
C ALA A 25 -47.97 24.31 16.66
N LYS A 26 -47.79 25.63 16.59
CA LYS A 26 -47.72 26.47 17.79
C LYS A 26 -48.93 26.31 18.73
N PHE A 27 -50.09 26.03 18.16
CA PHE A 27 -51.33 25.85 18.92
C PHE A 27 -51.45 24.46 19.58
N LEU A 28 -50.63 23.50 19.12
CA LEU A 28 -50.60 22.15 19.69
C LEU A 28 -49.56 22.03 20.83
N SER A 29 -49.77 21.01 21.69
CA SER A 29 -48.88 20.71 22.82
C SER A 29 -47.70 19.87 22.35
N ASP A 30 -46.69 19.73 23.20
CA ASP A 30 -45.59 18.80 22.95
C ASP A 30 -46.19 17.42 22.78
N ALA A 31 -46.98 17.00 23.77
CA ALA A 31 -47.58 15.66 23.79
C ALA A 31 -48.50 15.39 22.60
N GLU A 32 -49.06 16.46 22.05
CA GLU A 32 -49.97 16.41 20.92
C GLU A 32 -49.26 16.11 19.61
N ILE A 33 -48.17 16.85 19.35
CA ILE A 33 -47.29 16.59 18.22
C ILE A 33 -46.81 15.14 18.28
N ILE A 34 -46.46 14.70 19.48
CA ILE A 34 -45.94 13.36 19.74
C ILE A 34 -46.98 12.26 19.49
N GLN A 35 -48.24 12.51 19.87
CA GLN A 35 -49.32 11.55 19.67
C GLN A 35 -49.57 11.38 18.16
N LEU A 36 -49.35 12.45 17.42
CA LEU A 36 -49.53 12.48 15.98
C LEU A 36 -48.39 11.72 15.28
N VAL A 37 -47.17 11.83 15.81
CA VAL A 37 -46.01 11.15 15.25
C VAL A 37 -46.17 9.64 15.43
N ASN A 38 -46.44 9.23 16.67
CA ASN A 38 -46.86 7.86 16.99
C ASN A 38 -48.21 7.62 16.31
N ALA A 39 -48.37 6.48 15.64
CA ALA A 39 -49.54 6.21 14.81
C ALA A 39 -49.62 7.09 13.53
N LYS A 40 -48.45 7.51 13.03
CA LYS A 40 -48.30 8.17 11.73
C LYS A 40 -49.13 9.45 11.53
N HIS A 41 -48.93 10.10 10.38
CA HIS A 41 -49.54 11.40 9.98
C HIS A 41 -48.40 12.39 9.71
N ILE A 42 -47.41 12.37 10.60
CA ILE A 42 -46.15 13.09 10.41
C ILE A 42 -45.01 12.07 10.55
N PRO A 43 -43.97 12.16 9.72
CA PRO A 43 -42.84 11.22 9.80
C PRO A 43 -41.97 11.37 11.07
N ALA A 44 -41.30 12.52 11.23
CA ALA A 44 -40.37 12.78 12.35
C ALA A 44 -39.28 13.75 11.92
N TYR A 45 -38.81 13.62 10.68
CA TYR A 45 -37.77 14.50 10.16
C TYR A 45 -38.36 15.79 9.62
N LYS A 46 -39.55 15.68 9.05
CA LYS A 46 -40.32 16.85 8.62
C LYS A 46 -40.85 17.68 9.78
N LEU A 47 -40.63 17.22 11.02
CA LEU A 47 -40.93 18.02 12.21
C LEU A 47 -40.43 19.46 12.08
N GLU A 48 -39.25 19.66 11.51
CA GLU A 48 -38.74 21.02 11.30
C GLU A 48 -39.68 21.80 10.38
N THR A 49 -39.91 21.28 9.18
CA THR A 49 -40.84 21.91 8.23
C THR A 49 -42.30 21.66 8.65
N LEU A 50 -42.69 22.30 9.75
CA LEU A 50 -43.94 22.01 10.46
C LEU A 50 -44.00 22.70 11.82
N ILE A 51 -42.87 22.79 12.53
CA ILE A 51 -42.83 23.36 13.87
C ILE A 51 -42.36 24.83 13.87
N GLU A 52 -43.06 25.64 14.66
CA GLU A 52 -42.75 27.05 14.94
C GLU A 52 -41.26 27.47 15.00
N THR A 53 -40.45 26.77 15.80
CA THR A 53 -39.00 27.06 15.91
C THR A 53 -38.13 25.82 15.69
N HIS A 54 -36.88 26.06 15.28
CA HIS A 54 -35.89 24.99 15.16
C HIS A 54 -35.72 24.27 16.49
N GLU A 55 -35.54 25.03 17.56
CA GLU A 55 -35.23 24.42 18.85
C GLU A 55 -36.31 23.48 19.40
N ARG A 56 -37.57 23.80 19.11
CA ARG A 56 -38.68 22.98 19.57
C ARG A 56 -38.77 21.69 18.75
N GLY A 57 -38.39 21.75 17.48
CA GLY A 57 -38.22 20.55 16.67
C GLY A 57 -37.22 19.58 17.28
N VAL A 58 -36.09 20.13 17.73
CA VAL A 58 -35.06 19.34 18.41
C VAL A 58 -35.59 18.72 19.70
N SER A 59 -36.25 19.54 20.51
CA SER A 59 -36.86 19.07 21.75
C SER A 59 -37.87 17.96 21.50
N ILE A 60 -38.73 18.10 20.50
CA ILE A 60 -39.71 17.05 20.21
C ILE A 60 -38.98 15.77 19.82
N ARG A 61 -38.02 15.90 18.90
CA ARG A 61 -37.18 14.77 18.47
C ARG A 61 -36.48 14.07 19.64
N ARG A 62 -35.91 14.83 20.57
CA ARG A 62 -35.27 14.26 21.75
C ARG A 62 -36.28 13.51 22.61
N GLN A 63 -37.46 14.07 22.78
CA GLN A 63 -38.52 13.42 23.57
C GLN A 63 -38.96 12.09 22.93
N LEU A 64 -39.13 12.07 21.61
CA LEU A 64 -39.43 10.84 20.87
C LEU A 64 -38.32 9.79 21.06
N LEU A 65 -37.08 10.22 20.84
CA LEU A 65 -35.90 9.36 20.97
C LEU A 65 -35.78 8.74 22.36
N SER A 66 -35.91 9.56 23.39
CA SER A 66 -35.78 9.14 24.79
C SER A 66 -36.69 7.97 25.17
N LYS A 67 -37.91 7.97 24.64
CA LYS A 67 -38.90 6.92 24.93
C LYS A 67 -38.48 5.56 24.37
N LYS A 68 -37.67 5.57 23.31
CA LYS A 68 -37.16 4.35 22.67
C LYS A 68 -35.90 3.75 23.35
N LEU A 69 -35.21 4.55 24.16
CA LEU A 69 -33.97 4.13 24.81
C LEU A 69 -34.19 3.31 26.09
N SER A 70 -33.25 2.41 26.37
CA SER A 70 -33.30 1.58 27.57
C SER A 70 -33.11 2.41 28.84
N GLU A 71 -32.38 3.51 28.73
CA GLU A 71 -32.26 4.47 29.82
C GLU A 71 -32.90 5.79 29.35
N PRO A 72 -34.17 6.01 29.75
CA PRO A 72 -34.93 7.21 29.38
C PRO A 72 -34.23 8.56 29.61
N SER A 73 -33.34 8.64 30.59
CA SER A 73 -32.63 9.87 30.90
C SER A 73 -31.26 10.00 30.20
N SER A 74 -31.01 9.17 29.18
CA SER A 74 -29.70 9.13 28.52
C SER A 74 -29.28 10.51 27.99
N LEU A 75 -30.25 11.27 27.48
CA LEU A 75 -29.97 12.57 26.83
C LEU A 75 -29.76 13.75 27.78
N GLN A 76 -29.88 13.50 29.08
CA GLN A 76 -29.86 14.55 30.11
C GLN A 76 -28.72 15.58 29.97
N TYR A 77 -27.50 15.10 29.71
CA TYR A 77 -26.35 16.00 29.60
C TYR A 77 -25.87 16.22 28.15
N LEU A 78 -26.64 15.75 27.18
CA LEU A 78 -26.41 16.14 25.78
C LEU A 78 -27.08 17.49 25.57
N PRO A 79 -26.32 18.58 25.47
CA PRO A 79 -26.92 19.91 25.39
C PRO A 79 -27.60 20.16 24.05
N TYR A 80 -28.48 21.15 24.01
CA TYR A 80 -29.21 21.49 22.79
C TYR A 80 -29.84 22.89 22.76
N ARG A 81 -29.99 23.50 23.93
CA ARG A 81 -30.67 24.79 24.01
C ARG A 81 -29.78 25.93 23.56
N ASP A 82 -30.40 26.92 22.95
CA ASP A 82 -29.74 28.17 22.55
C ASP A 82 -28.64 28.04 21.52
N TYR A 83 -28.55 26.90 20.85
CA TYR A 83 -27.60 26.73 19.76
C TYR A 83 -28.26 27.27 18.49
N ASN A 84 -27.46 27.82 17.60
CA ASN A 84 -27.97 28.40 16.36
C ASN A 84 -28.26 27.33 15.29
N TYR A 85 -29.41 26.67 15.39
CA TYR A 85 -29.77 25.59 14.46
C TYR A 85 -30.14 26.08 13.06
N SER A 86 -30.45 27.37 12.91
CA SER A 86 -30.91 27.91 11.63
C SER A 86 -29.92 27.59 10.52
N LEU A 87 -28.64 27.69 10.85
CA LEU A 87 -27.57 27.44 9.89
C LEU A 87 -27.27 25.96 9.69
N VAL A 88 -27.84 25.11 10.54
CA VAL A 88 -27.62 23.67 10.46
C VAL A 88 -28.72 22.93 9.70
N MET A 89 -29.98 23.30 9.93
CA MET A 89 -31.10 22.53 9.40
C MET A 89 -31.14 22.70 7.88
N GLY A 90 -31.16 21.58 7.17
CA GLY A 90 -31.19 21.59 5.72
C GLY A 90 -29.83 21.79 5.07
N ALA A 91 -28.78 21.93 5.87
CA ALA A 91 -27.44 22.25 5.36
C ALA A 91 -26.36 21.27 5.82
N CYS A 92 -26.26 21.04 7.13
CA CYS A 92 -25.13 20.35 7.77
C CYS A 92 -25.43 19.04 8.52
N CYS A 93 -26.67 18.84 8.96
CA CYS A 93 -27.03 17.63 9.73
C CYS A 93 -28.52 17.37 9.66
N GLU A 94 -28.93 16.12 9.81
CA GLU A 94 -30.35 15.74 9.87
C GLU A 94 -30.67 15.01 11.17
N ASN A 95 -31.97 14.82 11.43
CA ASN A 95 -32.48 14.24 12.68
C ASN A 95 -31.76 14.79 13.92
N VAL A 96 -31.66 16.12 14.00
CA VAL A 96 -30.82 16.76 15.00
C VAL A 96 -31.43 16.69 16.41
N ILE A 97 -30.61 16.25 17.37
CA ILE A 97 -31.02 16.07 18.76
C ILE A 97 -30.18 16.88 19.74
N GLY A 98 -29.29 17.72 19.22
CA GLY A 98 -28.44 18.53 20.07
C GLY A 98 -27.10 18.87 19.42
N TYR A 99 -26.10 19.11 20.25
CA TYR A 99 -24.73 19.29 19.80
C TYR A 99 -23.74 18.67 20.77
N MET A 100 -22.53 18.44 20.28
CA MET A 100 -21.46 17.84 21.05
C MET A 100 -20.35 18.87 21.22
N PRO A 101 -20.17 19.39 22.43
CA PRO A 101 -19.05 20.30 22.71
C PRO A 101 -17.68 19.61 22.66
N ILE A 102 -16.75 20.18 21.89
CA ILE A 102 -15.38 19.67 21.81
C ILE A 102 -14.47 20.79 22.33
N PRO A 103 -13.73 20.52 23.40
CA PRO A 103 -12.81 21.54 23.94
C PRO A 103 -11.90 22.11 22.87
N VAL A 104 -11.67 23.42 22.87
CA VAL A 104 -10.80 24.09 21.91
C VAL A 104 -9.68 24.81 22.65
N GLY A 105 -8.44 24.42 22.35
CA GLY A 105 -7.27 25.07 22.89
C GLY A 105 -6.53 25.84 21.82
N VAL A 106 -5.63 26.71 22.24
CA VAL A 106 -4.85 27.50 21.29
C VAL A 106 -3.39 27.11 21.36
N ALA A 107 -2.79 26.93 20.18
CA ALA A 107 -1.39 26.59 20.06
C ALA A 107 -0.75 27.69 19.27
N GLY A 108 0.13 28.44 19.93
CA GLY A 108 0.91 29.46 19.25
C GLY A 108 1.68 30.36 20.20
N PRO A 109 2.35 31.37 19.67
CA PRO A 109 2.27 31.72 18.25
C PRO A 109 3.09 30.78 17.36
N LEU A 110 2.51 30.46 16.20
CA LEU A 110 3.19 29.69 15.16
C LEU A 110 3.78 30.71 14.20
N CYS A 111 5.09 30.75 14.13
CA CYS A 111 5.77 31.71 13.28
C CYS A 111 5.95 31.07 11.92
N LEU A 112 5.17 31.52 10.94
CA LEU A 112 5.12 30.89 9.63
C LEU A 112 5.14 31.95 8.54
N ASP A 113 6.12 31.85 7.64
CA ASP A 113 6.26 32.80 6.54
C ASP A 113 6.23 34.26 7.04
N GLU A 114 7.01 34.53 8.08
CA GLU A 114 7.17 35.89 8.65
C GLU A 114 5.87 36.51 9.21
N LYS A 115 4.89 35.67 9.53
CA LYS A 115 3.67 36.07 10.21
C LYS A 115 3.56 35.24 11.47
N GLU A 116 2.56 35.56 12.30
CA GLU A 116 2.27 34.80 13.51
C GLU A 116 0.82 34.34 13.48
N PHE A 117 0.60 33.10 13.92
CA PHE A 117 -0.73 32.50 13.93
C PHE A 117 -1.02 31.84 15.26
N GLN A 118 -2.20 32.11 15.80
CA GLN A 118 -2.72 31.44 16.98
C GLN A 118 -3.66 30.36 16.47
N VAL A 119 -3.23 29.11 16.56
CA VAL A 119 -3.90 28.01 15.92
C VAL A 119 -4.90 27.32 16.86
N PRO A 120 -6.18 27.34 16.51
CA PRO A 120 -7.21 26.67 17.31
C PRO A 120 -7.21 25.18 17.06
N MET A 121 -7.35 24.42 18.15
CA MET A 121 -7.32 22.96 18.08
C MET A 121 -8.45 22.39 18.94
N ALA A 122 -9.28 21.56 18.34
CA ALA A 122 -10.42 20.97 19.04
C ALA A 122 -10.13 19.50 19.29
N THR A 123 -9.88 19.16 20.55
CA THR A 123 -9.48 17.80 20.90
C THR A 123 -9.91 17.40 22.31
N THR A 124 -9.99 16.09 22.58
CA THR A 124 -10.11 15.59 23.96
C THR A 124 -8.90 14.76 24.39
N GLU A 125 -7.81 14.84 23.64
CA GLU A 125 -6.60 14.12 24.02
C GLU A 125 -5.72 15.02 24.91
N GLY A 126 -5.59 14.61 26.17
CA GLY A 126 -4.68 15.29 27.08
C GLY A 126 -3.27 15.42 26.50
N CYS A 127 -2.69 16.59 26.69
CA CYS A 127 -1.31 16.95 26.32
C CYS A 127 -1.09 17.32 24.87
N LEU A 128 -2.07 17.07 24.01
CA LEU A 128 -1.89 17.33 22.58
C LEU A 128 -1.61 18.80 22.29
N VAL A 129 -2.46 19.68 22.80
CA VAL A 129 -2.31 21.13 22.58
C VAL A 129 -1.05 21.73 23.23
N ALA A 130 -0.74 21.31 24.46
CA ALA A 130 0.49 21.75 25.13
C ALA A 130 1.72 21.23 24.39
N SER A 131 1.66 19.99 23.92
CA SER A 131 2.78 19.41 23.17
C SER A 131 3.02 20.19 21.89
N THR A 132 1.94 20.54 21.20
CA THR A 132 2.04 21.29 19.95
C THR A 132 2.56 22.69 20.21
N ASN A 133 2.05 23.31 21.27
CA ASN A 133 2.52 24.63 21.67
C ASN A 133 4.03 24.68 21.94
N ARG A 134 4.60 23.61 22.51
CA ARG A 134 6.04 23.53 22.73
C ARG A 134 6.82 23.50 21.40
N GLY A 135 6.31 22.72 20.45
CA GLY A 135 6.83 22.72 19.10
C GLY A 135 6.78 24.09 18.43
N CYS A 136 5.71 24.84 18.68
CA CYS A 136 5.59 26.20 18.13
C CYS A 136 6.67 27.13 18.71
N ARG A 137 6.98 26.91 19.98
CA ARG A 137 7.92 27.73 20.74
C ARG A 137 9.35 27.50 20.23
N ALA A 138 9.70 26.24 19.98
CA ALA A 138 11.00 25.89 19.46
C ALA A 138 11.19 26.48 18.07
N ILE A 139 10.18 26.34 17.22
CA ILE A 139 10.12 26.99 15.91
C ILE A 139 10.26 28.50 16.01
N GLY A 140 9.57 29.10 16.98
CA GLY A 140 9.56 30.56 17.11
C GLY A 140 10.96 31.07 17.44
N LEU A 141 11.65 30.34 18.30
CA LEU A 141 12.98 30.71 18.75
C LEU A 141 14.06 30.36 17.74
N GLY A 142 13.70 29.61 16.69
CA GLY A 142 14.65 29.25 15.65
C GLY A 142 14.52 30.06 14.39
N GLY A 143 13.95 31.26 14.48
CA GLY A 143 13.70 32.09 13.31
C GLY A 143 12.42 31.78 12.55
N GLY A 144 11.67 30.76 12.96
CA GLY A 144 10.35 30.49 12.42
C GLY A 144 10.35 29.54 11.22
N ALA A 145 9.16 29.30 10.68
CA ALA A 145 8.97 28.30 9.62
C ALA A 145 8.71 28.97 8.29
N SER A 146 9.02 28.26 7.20
CA SER A 146 8.67 28.68 5.86
C SER A 146 7.85 27.59 5.19
N SER A 147 6.96 27.97 4.29
CA SER A 147 6.12 27.00 3.60
C SER A 147 5.71 27.45 2.21
N ARG A 148 5.38 26.46 1.40
CA ARG A 148 4.99 26.67 0.02
C ARG A 148 3.88 25.69 -0.36
N VAL A 149 2.88 26.21 -1.06
CA VAL A 149 1.87 25.40 -1.70
C VAL A 149 2.43 24.98 -3.04
N LEU A 150 2.54 23.67 -3.25
CA LEU A 150 3.14 23.08 -4.43
C LEU A 150 2.13 22.77 -5.53
N ALA A 151 0.88 22.55 -5.15
CA ALA A 151 -0.18 22.19 -6.07
C ALA A 151 -1.52 22.41 -5.40
N ASP A 152 -2.56 22.57 -6.22
CA ASP A 152 -3.89 22.92 -5.76
C ASP A 152 -4.90 22.37 -6.76
N GLY A 153 -5.74 21.46 -6.30
CA GLY A 153 -6.75 20.86 -7.16
C GLY A 153 -7.49 19.72 -6.49
N MET A 154 -8.74 19.96 -6.13
CA MET A 154 -9.62 18.92 -5.63
C MET A 154 -9.94 17.98 -6.80
N THR A 155 -10.23 16.72 -6.51
CA THR A 155 -10.50 15.76 -7.55
C THR A 155 -11.76 14.96 -7.35
N ARG A 156 -12.23 14.39 -8.45
CA ARG A 156 -13.29 13.42 -8.44
C ARG A 156 -12.95 12.41 -9.52
N GLY A 157 -13.15 11.14 -9.21
CA GLY A 157 -12.63 10.05 -10.01
C GLY A 157 -13.68 9.03 -10.40
N PRO A 158 -14.61 9.41 -11.29
CA PRO A 158 -15.68 8.48 -11.73
C PRO A 158 -15.16 7.27 -12.44
N VAL A 159 -15.97 6.22 -12.49
CA VAL A 159 -15.69 5.08 -13.34
C VAL A 159 -16.77 4.95 -14.42
N VAL A 160 -16.31 4.79 -15.65
CA VAL A 160 -17.20 4.52 -16.78
C VAL A 160 -16.81 3.21 -17.40
N ARG A 161 -17.73 2.62 -18.17
CA ARG A 161 -17.46 1.38 -18.89
C ARG A 161 -17.84 1.48 -20.36
N LEU A 162 -17.06 0.85 -21.22
CA LEU A 162 -17.37 0.71 -22.62
C LEU A 162 -17.64 -0.77 -22.84
N PRO A 163 -18.20 -1.15 -23.98
CA PRO A 163 -18.46 -2.57 -24.26
C PRO A 163 -17.20 -3.44 -24.21
N ARG A 164 -16.08 -2.91 -24.69
CA ARG A 164 -14.82 -3.66 -24.74
C ARG A 164 -13.64 -2.79 -24.33
N ALA A 165 -12.55 -3.44 -23.95
CA ALA A 165 -11.31 -2.77 -23.58
C ALA A 165 -10.71 -1.99 -24.74
N CYS A 166 -10.91 -2.47 -25.97
CA CYS A 166 -10.47 -1.72 -27.14
C CYS A 166 -11.20 -0.40 -27.21
N ASP A 167 -12.46 -0.40 -26.79
CA ASP A 167 -13.28 0.82 -26.76
C ASP A 167 -12.83 1.77 -25.64
N SER A 168 -12.58 1.24 -24.44
CA SER A 168 -12.10 2.09 -23.35
C SER A 168 -10.76 2.74 -23.74
N ALA A 169 -9.91 1.96 -24.40
CA ALA A 169 -8.63 2.45 -24.94
C ALA A 169 -8.83 3.58 -25.93
N GLU A 170 -9.81 3.46 -26.81
CA GLU A 170 -10.11 4.54 -27.75
C GLU A 170 -10.55 5.80 -27.00
N VAL A 171 -11.36 5.64 -25.97
CA VAL A 171 -11.77 6.79 -25.19
C VAL A 171 -10.58 7.45 -24.48
N LYS A 172 -9.72 6.62 -23.88
CA LYS A 172 -8.52 7.12 -23.21
C LYS A 172 -7.66 7.93 -24.19
N ALA A 173 -7.46 7.41 -25.40
CA ALA A 173 -6.62 8.06 -26.41
C ALA A 173 -7.22 9.38 -26.90
N TRP A 174 -8.53 9.42 -27.07
CA TRP A 174 -9.27 10.62 -27.48
C TRP A 174 -9.20 11.71 -26.41
N LEU A 175 -9.27 11.31 -25.15
CA LEU A 175 -9.16 12.24 -24.02
C LEU A 175 -7.76 12.80 -23.93
N GLU A 176 -6.78 12.10 -24.48
CA GLU A 176 -5.38 12.51 -24.48
C GLU A 176 -5.00 13.41 -25.66
N THR A 177 -5.83 13.49 -26.70
CA THR A 177 -5.60 14.49 -27.76
C THR A 177 -5.96 15.89 -27.26
N SER A 178 -5.40 16.90 -27.92
CA SER A 178 -5.64 18.28 -27.52
C SER A 178 -7.09 18.69 -27.75
N GLU A 179 -7.65 18.24 -28.86
CA GLU A 179 -9.02 18.55 -29.24
C GLU A 179 -10.03 17.85 -28.32
N GLY A 180 -9.78 16.59 -28.00
CA GLY A 180 -10.66 15.83 -27.13
C GLY A 180 -10.72 16.42 -25.72
N PHE A 181 -9.57 16.77 -25.17
CA PHE A 181 -9.50 17.38 -23.84
C PHE A 181 -10.16 18.76 -23.80
N ALA A 182 -10.01 19.52 -24.88
CA ALA A 182 -10.53 20.89 -24.95
C ALA A 182 -12.05 20.93 -24.88
N VAL A 183 -12.70 19.96 -25.52
CA VAL A 183 -14.15 19.84 -25.51
C VAL A 183 -14.65 19.48 -24.12
N ILE A 184 -13.92 18.58 -23.46
CA ILE A 184 -14.28 18.12 -22.14
C ILE A 184 -14.07 19.25 -21.15
N LYS A 185 -12.97 19.97 -21.31
CA LYS A 185 -12.65 21.11 -20.44
C LYS A 185 -13.69 22.21 -20.58
N GLU A 186 -14.16 22.46 -21.80
CA GLU A 186 -15.19 23.47 -22.04
C GLU A 186 -16.46 23.12 -21.31
N ALA A 187 -16.87 21.85 -21.38
CA ALA A 187 -18.09 21.40 -20.69
C ALA A 187 -17.91 21.49 -19.17
N PHE A 188 -16.75 21.04 -18.68
CA PHE A 188 -16.45 21.07 -17.25
C PHE A 188 -16.43 22.52 -16.74
N ASP A 189 -15.77 23.40 -17.46
CA ASP A 189 -15.52 24.77 -17.02
C ASP A 189 -16.77 25.64 -17.05
N SER A 190 -17.79 25.23 -17.80
CA SER A 190 -19.00 26.01 -17.97
C SER A 190 -19.93 25.92 -16.76
N THR A 191 -19.66 24.97 -15.86
CA THR A 191 -20.54 24.73 -14.72
C THR A 191 -20.34 25.68 -13.55
N SER A 192 -19.21 26.38 -13.54
CA SER A 192 -18.88 27.25 -12.40
C SER A 192 -17.73 28.18 -12.76
N ARG A 193 -17.69 29.34 -12.11
CA ARG A 193 -16.64 30.34 -12.39
C ARG A 193 -15.27 29.84 -11.99
N PHE A 194 -15.17 29.08 -10.90
CA PHE A 194 -13.89 28.49 -10.49
C PHE A 194 -13.53 27.17 -11.17
N ALA A 195 -14.47 26.57 -11.90
CA ALA A 195 -14.20 25.30 -12.57
C ALA A 195 -13.20 25.49 -13.71
N ARG A 196 -11.92 25.16 -13.45
CA ARG A 196 -10.87 25.24 -14.46
C ARG A 196 -10.11 23.92 -14.54
N LEU A 197 -10.60 23.00 -15.38
CA LEU A 197 -10.10 21.64 -15.45
C LEU A 197 -8.62 21.60 -15.80
N GLN A 198 -7.85 20.90 -14.98
CA GLN A 198 -6.43 20.69 -15.20
C GLN A 198 -6.28 19.40 -15.97
N LYS A 199 -5.05 19.01 -16.26
CA LYS A 199 -4.77 17.80 -17.02
C LYS A 199 -5.49 16.59 -16.41
N LEU A 200 -6.03 15.74 -17.29
CA LEU A 200 -6.78 14.59 -16.88
C LEU A 200 -5.77 13.48 -16.55
N HIS A 201 -6.10 12.67 -15.55
CA HIS A 201 -5.38 11.44 -15.27
C HIS A 201 -6.34 10.27 -15.42
N THR A 202 -5.94 9.32 -16.25
CA THR A 202 -6.82 8.25 -16.68
C THR A 202 -6.17 6.88 -16.45
N SER A 203 -6.99 5.89 -16.14
CA SER A 203 -6.54 4.53 -15.89
C SER A 203 -7.55 3.49 -16.37
N ILE A 204 -7.06 2.52 -17.12
CA ILE A 204 -7.90 1.46 -17.67
C ILE A 204 -7.78 0.18 -16.85
N ALA A 205 -8.92 -0.49 -16.67
CA ALA A 205 -8.98 -1.84 -16.16
C ALA A 205 -9.98 -2.59 -17.03
N GLY A 206 -9.47 -3.21 -18.08
CA GLY A 206 -10.33 -3.85 -19.06
C GLY A 206 -11.22 -2.84 -19.74
N ARG A 207 -12.52 -3.08 -19.71
CA ARG A 207 -13.46 -2.15 -20.29
C ARG A 207 -13.84 -1.00 -19.37
N ASN A 208 -13.40 -1.06 -18.11
CA ASN A 208 -13.50 0.07 -17.19
C ASN A 208 -12.50 1.17 -17.53
N LEU A 209 -12.91 2.41 -17.33
CA LEU A 209 -12.05 3.57 -17.48
C LEU A 209 -12.31 4.51 -16.32
N TYR A 210 -11.26 4.75 -15.54
CA TYR A 210 -11.28 5.65 -14.39
C TYR A 210 -10.70 6.98 -14.83
N ILE A 211 -11.46 8.05 -14.65
CA ILE A 211 -11.06 9.39 -15.06
C ILE A 211 -11.05 10.28 -13.82
N ARG A 212 -9.88 10.87 -13.57
CA ARG A 212 -9.62 11.74 -12.44
C ARG A 212 -9.67 13.18 -12.92
N PHE A 213 -10.79 13.85 -12.65
CA PHE A 213 -10.96 15.27 -12.94
C PHE A 213 -10.41 16.12 -11.80
N GLN A 214 -9.56 17.08 -12.15
CA GLN A 214 -8.93 17.92 -11.16
C GLN A 214 -9.14 19.40 -11.48
N SER A 215 -9.55 20.16 -10.49
CA SER A 215 -9.63 21.59 -10.65
C SER A 215 -9.51 22.32 -9.31
N ARG A 216 -8.99 23.54 -9.36
CA ARG A 216 -9.10 24.45 -8.25
C ARG A 216 -10.58 24.79 -8.05
N SER A 217 -10.89 25.48 -6.96
CA SER A 217 -12.27 25.67 -6.55
C SER A 217 -12.43 26.86 -5.62
N GLY A 218 -11.69 27.93 -5.91
CA GLY A 218 -11.70 29.09 -5.04
C GLY A 218 -11.21 28.71 -3.65
N ASP A 219 -11.94 29.14 -2.61
CA ASP A 219 -11.59 28.81 -1.23
C ASP A 219 -12.44 27.66 -0.68
N ALA A 220 -13.32 27.13 -1.51
CA ALA A 220 -14.10 25.95 -1.15
C ALA A 220 -13.24 24.68 -1.26
N MET A 221 -13.53 23.71 -0.40
CA MET A 221 -12.91 22.39 -0.51
C MET A 221 -13.18 21.79 -1.89
N GLY A 222 -14.39 21.99 -2.41
CA GLY A 222 -14.69 21.78 -3.82
C GLY A 222 -15.27 20.46 -4.29
N MET A 223 -15.72 19.58 -3.39
CA MET A 223 -16.31 18.31 -3.81
C MET A 223 -17.54 18.54 -4.66
N ASN A 224 -18.48 19.32 -4.13
CA ASN A 224 -19.72 19.64 -4.83
C ASN A 224 -19.46 20.23 -6.23
N MET A 225 -18.61 21.24 -6.29
CA MET A 225 -18.33 21.91 -7.55
C MET A 225 -17.66 20.98 -8.59
N ILE A 226 -16.74 20.15 -8.14
CA ILE A 226 -16.02 19.25 -9.04
C ILE A 226 -16.96 18.14 -9.54
N SER A 227 -17.82 17.66 -8.65
CA SER A 227 -18.75 16.60 -9.00
C SER A 227 -19.71 17.13 -10.07
N LYS A 228 -20.08 18.39 -9.93
CA LYS A 228 -20.96 19.05 -10.89
C LYS A 228 -20.27 19.15 -12.25
N GLY A 229 -19.04 19.66 -12.25
CA GLY A 229 -18.24 19.73 -13.46
C GLY A 229 -18.05 18.37 -14.11
N THR A 230 -17.87 17.32 -13.30
CA THR A 230 -17.61 15.98 -13.79
C THR A 230 -18.82 15.41 -14.53
N GLU A 231 -20.00 15.60 -13.95
CA GLU A 231 -21.23 15.13 -14.56
C GLU A 231 -21.46 15.76 -15.93
N LYS A 232 -21.25 17.05 -16.07
CA LYS A 232 -21.39 17.70 -17.38
C LYS A 232 -20.31 17.27 -18.38
N ALA A 233 -19.09 17.07 -17.90
CA ALA A 233 -17.99 16.57 -18.75
C ALA A 233 -18.30 15.18 -19.29
N LEU A 234 -18.83 14.32 -18.42
CA LEU A 234 -19.09 12.95 -18.80
C LEU A 234 -20.28 12.91 -19.77
N SER A 235 -21.24 13.80 -19.54
CA SER A 235 -22.37 13.99 -20.47
C SER A 235 -21.85 14.37 -21.86
N LYS A 236 -20.88 15.28 -21.91
CA LYS A 236 -20.27 15.68 -23.16
C LYS A 236 -19.51 14.53 -23.81
N LEU A 237 -18.74 13.80 -23.02
CA LEU A 237 -18.04 12.62 -23.50
C LEU A 237 -18.99 11.61 -24.13
N HIS A 238 -20.15 11.40 -23.51
CA HIS A 238 -21.15 10.45 -24.02
C HIS A 238 -21.69 10.84 -25.41
N GLU A 239 -21.74 12.14 -25.70
CA GLU A 239 -22.09 12.60 -27.05
C GLU A 239 -21.12 12.05 -28.10
N TYR A 240 -19.82 11.99 -27.76
CA TYR A 240 -18.81 11.42 -28.65
C TYR A 240 -18.73 9.88 -28.58
N PHE A 241 -19.07 9.31 -27.43
CA PHE A 241 -19.05 7.85 -27.27
C PHE A 241 -20.37 7.38 -26.69
N PRO A 242 -21.41 7.32 -27.52
CA PRO A 242 -22.76 6.93 -27.05
C PRO A 242 -22.86 5.58 -26.32
N GLU A 243 -21.95 4.65 -26.56
CA GLU A 243 -21.98 3.36 -25.87
C GLU A 243 -21.38 3.39 -24.45
N MET A 244 -20.79 4.51 -24.04
CA MET A 244 -20.23 4.64 -22.70
C MET A 244 -21.34 4.63 -21.66
N GLN A 245 -21.19 3.80 -20.64
CA GLN A 245 -22.04 3.87 -19.45
C GLN A 245 -21.25 4.50 -18.31
N ILE A 246 -21.86 5.48 -17.67
CA ILE A 246 -21.33 6.03 -16.44
C ILE A 246 -21.76 5.10 -15.31
N LEU A 247 -20.82 4.40 -14.72
CA LEU A 247 -21.15 3.41 -13.72
C LEU A 247 -21.38 4.08 -12.38
N ALA A 248 -20.49 5.00 -12.02
CA ALA A 248 -20.56 5.73 -10.76
C ALA A 248 -19.76 7.03 -10.84
N VAL A 249 -20.35 8.13 -10.37
CA VAL A 249 -19.69 9.44 -10.44
C VAL A 249 -18.43 9.49 -9.58
N SER A 250 -18.36 8.60 -8.59
CA SER A 250 -17.10 8.28 -7.93
C SER A 250 -16.86 6.79 -8.04
N GLY A 251 -15.78 6.43 -8.73
CA GLY A 251 -15.28 5.07 -8.78
C GLY A 251 -14.08 4.81 -7.88
N ASN A 252 -13.95 5.59 -6.81
CA ASN A 252 -12.86 5.47 -5.83
C ASN A 252 -11.48 5.81 -6.38
N TYR A 253 -11.45 6.53 -7.49
CA TYR A 253 -10.22 6.89 -8.13
C TYR A 253 -9.79 8.30 -7.76
N CYS A 254 -10.61 8.98 -6.96
CA CYS A 254 -10.41 10.38 -6.61
C CYS A 254 -9.11 10.65 -5.80
N THR A 255 -8.83 9.97 -4.68
CA THR A 255 -9.71 9.12 -3.90
C THR A 255 -10.17 9.86 -2.65
N ASP A 256 -11.45 9.76 -2.33
CA ASP A 256 -11.99 10.51 -1.19
C ASP A 256 -12.29 9.61 0.02
N LYS A 257 -11.68 9.99 1.15
CA LYS A 257 -11.93 9.40 2.47
C LYS A 257 -11.48 7.95 2.60
N LYS A 258 -10.56 7.52 1.72
CA LYS A 258 -9.94 6.20 1.83
C LYS A 258 -8.46 6.39 1.51
N PRO A 259 -7.60 5.59 2.14
CA PRO A 259 -6.16 5.67 1.87
C PRO A 259 -5.88 5.22 0.44
N ALA A 260 -5.02 5.96 -0.27
CA ALA A 260 -4.73 5.63 -1.66
C ALA A 260 -3.42 6.24 -2.12
N ALA A 261 -2.57 5.41 -2.70
CA ALA A 261 -1.28 5.85 -3.24
C ALA A 261 -1.43 6.96 -4.27
N ILE A 262 -2.55 7.00 -4.98
CA ILE A 262 -2.74 8.05 -5.97
C ILE A 262 -2.76 9.45 -5.33
N ASN A 263 -3.36 9.59 -4.14
CA ASN A 263 -3.38 10.91 -3.47
C ASN A 263 -1.97 11.31 -3.03
N TRP A 264 -1.22 10.32 -2.56
CA TRP A 264 0.15 10.49 -2.13
C TRP A 264 1.05 10.91 -3.29
N ILE A 265 0.84 10.32 -4.46
CA ILE A 265 1.72 10.49 -5.60
C ILE A 265 1.32 11.71 -6.44
N GLU A 266 0.02 11.81 -6.74
CA GLU A 266 -0.49 12.90 -7.60
C GLU A 266 -0.90 14.12 -6.81
N GLY A 267 -1.14 13.97 -5.52
CA GLY A 267 -1.70 15.04 -4.71
C GLY A 267 -3.23 15.11 -4.81
N ARG A 268 -3.86 15.73 -3.83
CA ARG A 268 -5.30 15.99 -3.86
C ARG A 268 -5.58 17.20 -3.00
N GLY A 269 -6.31 18.17 -3.52
CA GLY A 269 -6.49 19.44 -2.81
C GLY A 269 -5.17 20.19 -2.79
N LYS A 270 -4.66 20.55 -1.61
CA LYS A 270 -3.39 21.28 -1.54
C LYS A 270 -2.20 20.40 -1.13
N SER A 271 -1.15 20.46 -1.93
CA SER A 271 0.12 19.84 -1.60
C SER A 271 1.02 20.92 -1.04
N VAL A 272 1.60 20.64 0.12
CA VAL A 272 2.30 21.64 0.89
C VAL A 272 3.59 21.06 1.41
N VAL A 273 4.60 21.91 1.53
CA VAL A 273 5.84 21.59 2.23
C VAL A 273 6.10 22.71 3.24
N CYS A 274 6.56 22.34 4.41
CA CYS A 274 6.97 23.29 5.44
C CYS A 274 8.37 22.93 5.92
N GLU A 275 9.09 23.91 6.46
CA GLU A 275 10.42 23.66 6.99
C GLU A 275 10.84 24.67 8.05
N ALA A 276 11.85 24.31 8.81
CA ALA A 276 12.47 25.22 9.78
C ALA A 276 13.80 24.65 10.22
N VAL A 277 14.68 25.53 10.69
CA VAL A 277 15.93 25.12 11.32
C VAL A 277 15.82 25.54 12.79
N ILE A 278 15.95 24.56 13.68
CA ILE A 278 15.92 24.78 15.13
C ILE A 278 17.37 24.82 15.63
N PRO A 279 17.82 25.96 16.16
CA PRO A 279 19.16 26.03 16.79
C PRO A 279 19.41 24.91 17.79
N ALA A 280 20.63 24.38 17.81
CA ALA A 280 21.02 23.31 18.72
C ALA A 280 20.71 23.63 20.17
N LYS A 281 20.92 24.90 20.54
CA LYS A 281 20.58 25.42 21.87
C LYS A 281 19.10 25.23 22.23
N VAL A 282 18.22 25.57 21.29
CA VAL A 282 16.79 25.41 21.47
C VAL A 282 16.41 23.92 21.60
N VAL A 283 17.07 23.05 20.86
CA VAL A 283 16.75 21.62 20.92
C VAL A 283 16.99 21.11 22.35
N ARG A 284 18.04 21.61 23.00
CA ARG A 284 18.36 21.19 24.38
C ARG A 284 17.44 21.84 25.41
N GLU A 285 17.22 23.15 25.27
CA GLU A 285 16.55 23.92 26.30
C GLU A 285 15.04 23.68 26.27
N VAL A 286 14.47 23.89 25.08
CA VAL A 286 13.04 23.73 24.85
C VAL A 286 12.65 22.26 24.71
N LEU A 287 13.36 21.53 23.85
CA LEU A 287 12.95 20.17 23.47
C LEU A 287 13.57 19.07 24.34
N LYS A 288 14.56 19.41 25.15
CA LYS A 288 15.14 18.46 26.11
C LYS A 288 15.82 17.25 25.43
N THR A 289 16.44 17.50 24.29
CA THR A 289 17.13 16.45 23.53
C THR A 289 18.22 17.05 22.62
N THR A 290 18.78 16.26 21.72
CA THR A 290 19.79 16.76 20.77
C THR A 290 19.38 16.55 19.33
N THR A 291 20.00 17.31 18.44
CA THR A 291 19.80 17.13 17.01
C THR A 291 20.13 15.71 16.57
N GLU A 292 21.26 15.20 17.04
CA GLU A 292 21.71 13.85 16.72
C GLU A 292 20.67 12.79 17.12
N ALA A 293 20.06 12.98 18.29
CA ALA A 293 19.04 12.08 18.81
C ALA A 293 17.71 12.17 18.04
N MET A 294 17.38 13.37 17.59
CA MET A 294 16.13 13.62 16.87
C MET A 294 16.20 12.92 15.53
N ILE A 295 17.35 13.07 14.86
CA ILE A 295 17.57 12.49 13.54
C ILE A 295 17.48 10.99 13.59
N GLU A 296 18.13 10.38 14.59
CA GLU A 296 18.16 8.93 14.72
C GLU A 296 16.76 8.36 14.95
N VAL A 297 15.94 9.07 15.74
CA VAL A 297 14.56 8.63 15.98
C VAL A 297 13.75 8.77 14.68
N ASN A 298 13.88 9.90 14.00
CA ASN A 298 13.10 10.15 12.79
C ASN A 298 13.38 9.13 11.71
N ILE A 299 14.66 8.88 11.46
CA ILE A 299 15.05 7.88 10.49
C ILE A 299 14.46 6.55 10.86
N ASN A 300 14.62 6.13 12.11
CA ASN A 300 14.28 4.75 12.46
C ASN A 300 12.82 4.53 12.88
N LYS A 301 12.11 5.59 13.22
CA LYS A 301 10.67 5.56 13.47
C LYS A 301 9.89 5.94 12.21
N ASN A 302 10.07 7.16 11.73
CA ASN A 302 9.20 7.66 10.67
C ASN A 302 9.49 7.17 9.27
N LEU A 303 10.70 6.67 9.03
CA LEU A 303 11.03 6.04 7.77
C LEU A 303 11.04 4.54 7.91
N VAL A 304 12.00 4.02 8.68
CA VAL A 304 12.19 2.59 8.74
C VAL A 304 11.01 1.93 9.41
N GLY A 305 10.53 2.49 10.51
CA GLY A 305 9.40 1.92 11.22
C GLY A 305 8.15 1.87 10.37
N SER A 306 7.80 3.01 9.76
CA SER A 306 6.66 3.11 8.87
C SER A 306 6.81 2.14 7.71
N ALA A 307 8.02 2.01 7.18
CA ALA A 307 8.30 1.05 6.11
C ALA A 307 8.08 -0.41 6.55
N MET A 308 8.54 -0.77 7.75
CA MET A 308 8.34 -2.12 8.25
C MET A 308 6.85 -2.41 8.45
N ALA A 309 6.09 -1.38 8.80
CA ALA A 309 4.65 -1.51 9.00
C ALA A 309 3.82 -1.63 7.71
N GLY A 310 4.43 -1.39 6.56
CA GLY A 310 3.72 -1.41 5.30
C GLY A 310 2.90 -0.14 5.07
N SER A 311 3.50 1.01 5.35
CA SER A 311 2.78 2.28 5.21
C SER A 311 2.94 2.88 3.82
N ILE A 312 1.83 3.40 3.30
CA ILE A 312 1.83 4.28 2.14
C ILE A 312 1.40 5.63 2.68
N GLY A 313 2.31 6.61 2.63
CA GLY A 313 2.01 7.97 3.05
C GLY A 313 2.05 8.27 4.56
N GLY A 314 2.38 7.28 5.38
CA GLY A 314 2.36 7.47 6.83
C GLY A 314 3.74 7.57 7.45
N TYR A 315 4.62 8.33 6.81
CA TYR A 315 6.01 8.50 7.27
C TYR A 315 6.16 9.66 8.22
N ASN A 316 5.37 9.62 9.28
CA ASN A 316 5.28 10.69 10.25
C ASN A 316 4.88 10.16 11.63
N ALA A 317 4.97 11.04 12.62
CA ALA A 317 4.74 10.65 14.01
C ALA A 317 3.27 10.76 14.37
N HIS A 318 2.66 11.93 14.17
CA HIS A 318 1.22 12.08 14.45
C HIS A 318 0.54 13.27 13.77
N ALA A 319 0.84 13.47 12.49
CA ALA A 319 0.19 14.53 11.73
C ALA A 319 -1.32 14.47 11.85
N ALA A 320 -1.89 13.28 11.94
CA ALA A 320 -3.34 13.07 12.10
C ALA A 320 -3.92 13.76 13.34
N ASN A 321 -3.16 13.79 14.44
CA ASN A 321 -3.59 14.51 15.64
C ASN A 321 -3.87 15.98 15.35
N ILE A 322 -2.92 16.63 14.70
CA ILE A 322 -3.00 18.06 14.45
C ILE A 322 -4.03 18.36 13.38
N VAL A 323 -4.03 17.56 12.32
CA VAL A 323 -4.94 17.78 11.21
C VAL A 323 -6.36 17.67 11.73
N THR A 324 -6.63 16.63 12.50
CA THR A 324 -7.96 16.35 13.04
C THR A 324 -8.45 17.46 13.96
N ALA A 325 -7.55 18.01 14.78
CA ALA A 325 -7.93 18.99 15.78
C ALA A 325 -8.20 20.35 15.14
N ILE A 326 -7.37 20.73 14.17
CA ILE A 326 -7.61 21.95 13.40
C ILE A 326 -8.89 21.82 12.59
N TYR A 327 -9.10 20.63 12.01
CA TYR A 327 -10.24 20.40 11.12
C TYR A 327 -11.54 20.50 11.91
N ILE A 328 -11.60 19.92 13.11
CA ILE A 328 -12.84 20.01 13.88
C ILE A 328 -13.11 21.46 14.29
N ALA A 329 -12.06 22.16 14.70
CA ALA A 329 -12.19 23.52 15.20
C ALA A 329 -12.59 24.52 14.11
N CYS A 330 -12.17 24.26 12.87
CA CYS A 330 -12.35 25.19 11.75
C CYS A 330 -13.42 24.75 10.74
N GLY A 331 -14.26 23.78 11.12
CA GLY A 331 -15.43 23.41 10.33
C GLY A 331 -15.15 22.63 9.07
N GLN A 332 -14.04 21.90 9.04
CA GLN A 332 -13.68 21.08 7.90
C GLN A 332 -14.41 19.77 8.01
N ASP A 333 -14.34 18.94 6.97
CA ASP A 333 -14.87 17.58 7.02
C ASP A 333 -13.80 16.66 7.67
N ALA A 334 -14.02 16.29 8.93
CA ALA A 334 -13.02 15.56 9.70
C ALA A 334 -12.73 14.18 9.15
N ALA A 335 -13.71 13.59 8.47
CA ALA A 335 -13.50 12.31 7.78
C ALA A 335 -12.37 12.37 6.76
N GLN A 336 -12.07 13.57 6.24
CA GLN A 336 -10.97 13.74 5.31
C GLN A 336 -9.58 13.71 5.95
N ASN A 337 -9.52 13.55 7.27
CA ASN A 337 -8.26 13.27 7.93
C ASN A 337 -7.58 12.01 7.37
N VAL A 338 -8.34 11.14 6.76
CA VAL A 338 -7.78 9.92 6.21
C VAL A 338 -6.64 10.23 5.21
N GLY A 339 -6.91 11.07 4.21
CA GLY A 339 -5.91 11.46 3.23
C GLY A 339 -5.17 12.73 3.59
N SER A 340 -5.85 13.67 4.23
CA SER A 340 -5.25 14.95 4.62
C SER A 340 -4.09 14.83 5.61
N SER A 341 -4.07 13.72 6.37
CA SER A 341 -2.97 13.37 7.27
C SER A 341 -1.71 12.85 6.60
N ASN A 342 -1.75 12.56 5.31
CA ASN A 342 -0.57 12.07 4.60
C ASN A 342 0.57 13.05 4.83
N CYS A 343 1.71 12.53 5.27
CA CYS A 343 2.85 13.35 5.64
C CYS A 343 4.13 12.54 5.70
N ILE A 344 5.19 13.13 5.16
CA ILE A 344 6.54 12.64 5.41
C ILE A 344 7.31 13.71 6.16
N THR A 345 7.87 13.31 7.29
CA THR A 345 8.63 14.19 8.17
C THR A 345 10.08 13.81 8.01
N LEU A 346 10.92 14.80 7.71
CA LEU A 346 12.34 14.57 7.49
C LEU A 346 13.17 15.46 8.41
N MET A 347 14.30 14.91 8.84
CA MET A 347 15.17 15.60 9.78
C MET A 347 16.63 15.28 9.46
N GLU A 348 17.46 16.34 9.44
CA GLU A 348 18.89 16.20 9.26
C GLU A 348 19.68 17.31 9.96
N ALA A 349 20.99 17.12 10.03
CA ALA A 349 21.90 18.10 10.63
C ALA A 349 22.05 19.30 9.73
N SER A 350 22.20 20.48 10.32
CA SER A 350 22.35 21.73 9.57
C SER A 350 23.24 22.77 10.30
N GLY A 351 23.70 23.76 9.55
CA GLY A 351 24.47 24.87 10.10
C GLY A 351 25.98 24.63 10.19
N PRO A 352 26.73 25.71 10.49
CA PRO A 352 28.21 25.66 10.62
C PRO A 352 28.76 24.48 11.43
N THR A 353 28.31 24.33 12.68
CA THR A 353 28.74 23.22 13.54
C THR A 353 28.12 21.90 13.09
N ASN A 354 27.03 21.98 12.34
CA ASN A 354 26.29 20.79 11.91
C ASN A 354 25.56 20.15 13.10
N GLU A 355 25.22 21.00 14.08
CA GLU A 355 24.55 20.58 15.31
C GLU A 355 23.10 21.07 15.37
N ASP A 356 22.71 21.97 14.47
CA ASP A 356 21.34 22.49 14.39
C ASP A 356 20.43 21.53 13.62
N LEU A 357 19.15 21.49 14.00
CA LEU A 357 18.16 20.57 13.43
C LEU A 357 17.41 21.17 12.26
N TYR A 358 17.65 20.68 11.05
CA TYR A 358 16.77 20.93 9.92
C TYR A 358 15.59 19.96 9.96
N ILE A 359 14.38 20.48 9.76
CA ILE A 359 13.16 19.66 9.76
C ILE A 359 12.19 20.13 8.68
N SER A 360 11.60 19.19 7.96
CA SER A 360 10.54 19.50 7.01
C SER A 360 9.37 18.53 7.12
N CYS A 361 8.19 19.02 6.81
CA CYS A 361 7.00 18.20 6.63
C CYS A 361 6.46 18.41 5.24
N THR A 362 6.23 17.31 4.52
CA THR A 362 5.61 17.35 3.21
C THR A 362 4.28 16.61 3.25
N MET A 363 3.21 17.32 2.92
CA MET A 363 1.82 16.85 2.99
C MET A 363 1.15 17.08 1.63
N PRO A 364 1.08 16.03 0.81
CA PRO A 364 0.62 16.15 -0.57
C PRO A 364 -0.90 16.27 -0.79
N SER A 365 -1.71 15.96 0.20
CA SER A 365 -3.16 15.85 0.03
C SER A 365 -4.00 16.44 1.17
N ILE A 366 -3.78 17.72 1.46
CA ILE A 366 -4.60 18.43 2.43
C ILE A 366 -5.91 18.93 1.77
N GLU A 367 -7.00 18.29 2.17
CA GLU A 367 -8.30 18.57 1.59
C GLU A 367 -8.98 19.57 2.49
N ILE A 368 -9.08 20.81 2.03
CA ILE A 368 -9.45 21.92 2.92
C ILE A 368 -10.19 23.06 2.23
N GLY A 369 -10.84 23.90 3.04
CA GLY A 369 -11.63 25.00 2.54
C GLY A 369 -12.12 25.95 3.63
N THR A 370 -12.43 27.19 3.25
CA THR A 370 -12.88 28.21 4.20
C THR A 370 -14.27 28.73 3.87
N VAL A 371 -14.89 28.10 2.89
CA VAL A 371 -16.28 28.36 2.49
C VAL A 371 -16.94 27.00 2.34
N GLY A 372 -18.21 26.91 2.74
CA GLY A 372 -19.01 25.73 2.54
C GLY A 372 -19.00 24.79 3.73
N GLY A 373 -19.90 23.80 3.70
CA GLY A 373 -20.06 22.83 4.77
C GLY A 373 -20.00 23.44 6.14
N GLY A 374 -19.16 22.88 7.01
CA GLY A 374 -19.06 23.34 8.39
C GLY A 374 -18.56 24.76 8.60
N THR A 375 -17.83 25.31 7.64
CA THR A 375 -17.33 26.68 7.76
C THR A 375 -18.43 27.74 7.62
N ASN A 376 -19.67 27.32 7.36
CA ASN A 376 -20.82 28.23 7.37
C ASN A 376 -21.33 28.50 8.78
N LEU A 377 -20.93 27.68 9.73
CA LEU A 377 -21.40 27.83 11.10
C LEU A 377 -20.54 28.86 11.84
N LEU A 378 -21.17 29.60 12.76
CA LEU A 378 -20.53 30.75 13.38
C LEU A 378 -19.38 30.38 14.31
N PRO A 379 -19.54 29.38 15.18
CA PRO A 379 -18.42 28.95 16.02
C PRO A 379 -17.22 28.54 15.20
N GLN A 380 -17.40 27.74 14.15
CA GLN A 380 -16.24 27.29 13.39
C GLN A 380 -15.69 28.44 12.56
N GLN A 381 -16.53 29.44 12.24
CA GLN A 381 -16.05 30.69 11.61
C GLN A 381 -15.18 31.52 12.56
N ALA A 382 -15.46 31.46 13.86
CA ALA A 382 -14.67 32.19 14.84
C ALA A 382 -13.23 31.69 14.81
N CYS A 383 -13.04 30.37 14.82
CA CYS A 383 -11.72 29.77 14.69
C CYS A 383 -11.04 30.07 13.35
N LEU A 384 -11.81 30.14 12.26
CA LEU A 384 -11.26 30.56 10.99
C LEU A 384 -10.82 32.04 11.03
N GLN A 385 -11.56 32.86 11.77
CA GLN A 385 -11.26 34.28 11.87
C GLN A 385 -9.97 34.51 12.66
N MET A 386 -9.72 33.69 13.68
CA MET A 386 -8.47 33.69 14.42
C MET A 386 -7.26 33.64 13.49
N LEU A 387 -7.33 32.74 12.51
CA LEU A 387 -6.25 32.53 11.56
C LEU A 387 -6.27 33.53 10.40
N GLY A 388 -7.32 34.33 10.32
CA GLY A 388 -7.48 35.32 9.25
C GLY A 388 -7.90 34.73 7.91
N VAL A 389 -8.48 33.53 7.95
CA VAL A 389 -8.81 32.78 6.73
C VAL A 389 -10.30 32.50 6.56
N GLN A 390 -11.17 33.19 7.30
CA GLN A 390 -12.60 32.98 7.18
C GLN A 390 -13.13 33.40 5.81
N GLY A 391 -13.88 32.51 5.18
CA GLY A 391 -14.58 32.80 3.95
C GLY A 391 -13.70 32.97 2.73
N ALA A 392 -14.31 33.46 1.67
CA ALA A 392 -13.67 33.64 0.39
C ALA A 392 -12.82 34.91 0.37
N CYS A 393 -11.64 34.83 -0.22
CA CYS A 393 -10.81 36.00 -0.46
C CYS A 393 -11.20 36.62 -1.79
N LYS A 394 -11.86 37.78 -1.75
CA LYS A 394 -12.31 38.45 -2.97
C LYS A 394 -11.15 38.76 -3.94
N ASP A 395 -10.13 39.44 -3.44
CA ASP A 395 -9.05 39.96 -4.29
C ASP A 395 -8.07 38.90 -4.79
N ASN A 396 -8.16 37.70 -4.24
CA ASN A 396 -7.24 36.61 -4.59
C ASN A 396 -7.89 35.25 -4.30
N PRO A 397 -8.82 34.83 -5.14
CA PRO A 397 -9.58 33.59 -4.91
C PRO A 397 -8.70 32.38 -4.56
N GLY A 398 -9.06 31.70 -3.48
CA GLY A 398 -8.32 30.53 -3.02
C GLY A 398 -7.23 30.83 -2.01
N GLU A 399 -6.89 32.11 -1.81
CA GLU A 399 -5.77 32.46 -0.95
C GLU A 399 -6.00 32.04 0.48
N ASN A 400 -7.22 32.17 0.95
CA ASN A 400 -7.56 31.79 2.31
C ASN A 400 -7.39 30.29 2.57
N ALA A 401 -7.95 29.47 1.68
CA ALA A 401 -7.80 28.02 1.73
C ALA A 401 -6.35 27.57 1.61
N ARG A 402 -5.56 28.27 0.78
CA ARG A 402 -4.12 27.99 0.65
C ARG A 402 -3.41 28.31 1.93
N GLN A 403 -3.76 29.46 2.52
CA GLN A 403 -3.14 29.92 3.75
C GLN A 403 -3.47 28.97 4.89
N LEU A 404 -4.70 28.44 4.89
CA LEU A 404 -5.13 27.48 5.91
C LEU A 404 -4.35 26.18 5.78
N ALA A 405 -4.11 25.74 4.54
CA ALA A 405 -3.32 24.53 4.31
C ALA A 405 -1.89 24.71 4.81
N ARG A 406 -1.30 25.88 4.58
CA ARG A 406 0.05 26.20 5.04
C ARG A 406 0.15 26.13 6.56
N ILE A 407 -0.85 26.71 7.22
CA ILE A 407 -0.96 26.71 8.68
C ILE A 407 -1.08 25.31 9.22
N VAL A 408 -1.87 24.48 8.56
CA VAL A 408 -2.02 23.08 8.97
C VAL A 408 -0.68 22.36 8.88
N CYS A 409 0.01 22.52 7.77
CA CYS A 409 1.31 21.89 7.58
C CYS A 409 2.35 22.35 8.62
N GLY A 410 2.37 23.65 8.90
CA GLY A 410 3.27 24.23 9.88
C GLY A 410 2.98 23.76 11.29
N THR A 411 1.69 23.68 11.64
CA THR A 411 1.29 23.18 12.95
C THR A 411 1.63 21.68 13.07
N VAL A 412 1.47 20.94 11.98
CA VAL A 412 1.85 19.54 11.95
C VAL A 412 3.34 19.42 12.26
N MET A 413 4.17 20.24 11.62
CA MET A 413 5.62 20.26 11.88
C MET A 413 5.93 20.63 13.32
N ALA A 414 5.18 21.58 13.88
CA ALA A 414 5.33 21.92 15.29
C ALA A 414 5.04 20.68 16.14
N GLY A 415 3.94 20.01 15.83
CA GLY A 415 3.55 18.80 16.53
C GLY A 415 4.56 17.68 16.39
N GLU A 416 5.19 17.58 15.22
CA GLU A 416 6.16 16.54 14.95
C GLU A 416 7.41 16.81 15.79
N LEU A 417 7.76 18.08 15.92
CA LEU A 417 8.97 18.49 16.63
C LEU A 417 8.92 18.08 18.08
N SER A 418 7.78 18.35 18.72
CA SER A 418 7.62 18.11 20.15
C SER A 418 7.45 16.64 20.51
N LEU A 419 6.64 15.89 19.78
CA LEU A 419 6.45 14.47 20.08
C LEU A 419 7.71 13.65 19.79
N MET A 420 8.42 14.02 18.74
CA MET A 420 9.65 13.31 18.40
C MET A 420 10.73 13.57 19.44
N ALA A 421 10.74 14.74 20.06
CA ALA A 421 11.65 15.05 21.15
C ALA A 421 11.32 14.23 22.39
N ALA A 422 10.03 14.16 22.72
CA ALA A 422 9.58 13.41 23.89
C ALA A 422 9.94 11.94 23.78
N LEU A 423 9.75 11.36 22.62
CA LEU A 423 10.13 9.96 22.37
C LEU A 423 11.66 9.78 22.39
N ALA A 424 12.38 10.79 21.89
CA ALA A 424 13.84 10.77 21.83
C ALA A 424 14.46 10.93 23.22
N ALA A 425 13.79 11.68 24.09
CA ALA A 425 14.27 11.93 25.45
C ALA A 425 14.01 10.70 26.31
N GLY A 426 13.01 9.89 25.94
CA GLY A 426 12.75 8.64 26.62
C GLY A 426 11.87 8.74 27.86
N HIS A 427 10.81 9.57 27.74
CA HIS A 427 9.80 9.86 28.78
C HIS A 427 9.99 11.28 29.30
N GLU B 7 -10.06 52.66 39.37
CA GLU B 7 -9.51 51.89 40.49
C GLU B 7 -8.38 50.90 40.13
N PRO B 8 -8.17 50.53 38.87
CA PRO B 8 -7.05 49.64 38.54
C PRO B 8 -5.77 50.08 39.22
N ARG B 9 -5.21 49.22 40.07
CA ARG B 9 -4.08 49.56 40.91
C ARG B 9 -2.78 49.39 40.14
N PRO B 10 -1.70 50.01 40.60
CA PRO B 10 -0.38 49.82 39.99
C PRO B 10 0.12 48.37 40.07
N ASN B 11 1.07 48.01 39.23
CA ASN B 11 1.59 46.64 39.17
C ASN B 11 2.08 46.15 40.53
N GLU B 12 2.88 46.98 41.20
CA GLU B 12 3.48 46.62 42.48
C GLU B 12 2.43 46.28 43.55
N GLU B 13 1.34 47.06 43.61
CA GLU B 13 0.22 46.77 44.52
C GLU B 13 -0.55 45.51 44.14
N CYS B 14 -0.82 45.33 42.84
CA CYS B 14 -1.52 44.14 42.38
C CYS B 14 -0.70 42.88 42.70
N LEU B 15 0.62 43.01 42.64
CA LEU B 15 1.53 41.88 42.87
C LEU B 15 1.53 41.41 44.31
N GLN B 16 1.55 42.33 45.27
CA GLN B 16 1.44 41.96 46.69
C GLN B 16 0.12 41.27 47.00
N ILE B 17 -0.97 41.74 46.38
CA ILE B 17 -2.28 41.10 46.54
C ILE B 17 -2.20 39.67 45.98
N LEU B 18 -1.50 39.52 44.86
CA LEU B 18 -1.30 38.22 44.24
C LEU B 18 -0.50 37.25 45.12
N GLY B 19 0.57 37.74 45.72
CA GLY B 19 1.43 36.96 46.60
C GLY B 19 0.85 36.72 47.99
N ASN B 20 -0.19 37.47 48.31
CA ASN B 20 -0.94 37.33 49.55
C ASN B 20 -1.84 36.10 49.43
N ALA B 21 -1.59 35.09 50.25
CA ALA B 21 -2.26 33.80 50.13
C ALA B 21 -3.72 33.75 50.61
N GLU B 22 -4.17 34.74 51.38
CA GLU B 22 -5.61 34.84 51.67
C GLU B 22 -6.35 35.87 50.80
N LYS B 23 -5.66 36.39 49.79
CA LYS B 23 -6.27 37.18 48.71
C LYS B 23 -6.15 36.39 47.40
N GLY B 24 -5.10 36.66 46.62
CA GLY B 24 -4.86 36.01 45.35
C GLY B 24 -5.46 36.78 44.18
N ALA B 25 -5.60 36.10 43.04
CA ALA B 25 -6.17 36.66 41.82
C ALA B 25 -7.66 37.01 41.93
N LYS B 26 -8.37 36.35 42.85
CA LYS B 26 -9.79 36.57 43.10
C LYS B 26 -10.08 38.00 43.58
N PHE B 27 -9.05 38.67 44.10
CA PHE B 27 -9.15 40.05 44.56
C PHE B 27 -8.59 41.06 43.55
N LEU B 28 -8.28 40.62 42.34
CA LEU B 28 -7.90 41.52 41.27
C LEU B 28 -8.96 41.44 40.17
N SER B 29 -9.09 42.53 39.41
CA SER B 29 -9.96 42.56 38.24
C SER B 29 -9.25 41.90 37.06
N ASP B 30 -10.02 41.56 36.01
CA ASP B 30 -9.47 41.04 34.76
C ASP B 30 -8.42 42.00 34.23
N ALA B 31 -8.76 43.28 34.17
CA ALA B 31 -7.83 44.27 33.66
C ALA B 31 -6.52 44.29 34.45
N GLU B 32 -6.59 44.09 35.77
CA GLU B 32 -5.38 44.06 36.60
C GLU B 32 -4.49 42.84 36.33
N ILE B 33 -5.11 41.68 36.19
CA ILE B 33 -4.36 40.47 35.85
C ILE B 33 -3.70 40.62 34.49
N ILE B 34 -4.45 41.12 33.51
CA ILE B 34 -3.94 41.32 32.16
C ILE B 34 -2.79 42.34 32.14
N GLN B 35 -2.92 43.37 32.96
CA GLN B 35 -1.87 44.37 33.11
C GLN B 35 -0.58 43.68 33.64
N LEU B 36 -0.74 42.80 34.61
CA LEU B 36 0.40 42.06 35.16
C LEU B 36 1.05 41.18 34.11
N VAL B 37 0.23 40.53 33.27
CA VAL B 37 0.73 39.64 32.23
C VAL B 37 1.50 40.43 31.17
N ASN B 38 0.93 41.56 30.73
CA ASN B 38 1.56 42.37 29.69
C ASN B 38 2.84 43.10 30.16
N ALA B 39 2.99 43.29 31.47
CA ALA B 39 4.20 43.87 32.04
C ALA B 39 5.23 42.80 32.47
N LYS B 40 5.01 41.55 32.07
CA LYS B 40 5.95 40.43 32.24
C LYS B 40 6.16 39.97 33.70
N HIS B 41 5.14 40.18 34.55
CA HIS B 41 5.20 39.74 35.94
C HIS B 41 4.60 38.34 36.15
N ILE B 42 3.74 37.92 35.23
CA ILE B 42 3.18 36.57 35.25
C ILE B 42 3.33 35.96 33.86
N PRO B 43 3.84 34.73 33.78
CA PRO B 43 3.79 33.97 32.51
C PRO B 43 2.35 33.76 32.02
N ALA B 44 2.12 33.96 30.72
CA ALA B 44 0.77 33.90 30.15
C ALA B 44 0.05 32.56 30.33
N TYR B 45 0.80 31.49 30.58
CA TYR B 45 0.24 30.14 30.66
C TYR B 45 -0.03 29.67 32.09
N LYS B 46 0.69 30.22 33.06
CA LYS B 46 0.47 29.87 34.47
C LYS B 46 -0.76 30.56 35.07
N LEU B 47 -1.64 31.09 34.21
CA LEU B 47 -2.94 31.60 34.64
C LEU B 47 -3.77 30.51 35.30
N GLU B 48 -3.74 29.30 34.74
CA GLU B 48 -4.60 28.21 35.20
C GLU B 48 -4.38 27.85 36.68
N THR B 49 -3.15 28.00 37.16
CA THR B 49 -2.82 27.77 38.57
C THR B 49 -3.23 28.95 39.47
N LEU B 50 -2.98 30.17 39.01
CA LEU B 50 -3.24 31.39 39.80
C LEU B 50 -4.74 31.68 39.98
N ILE B 51 -5.51 31.49 38.91
CA ILE B 51 -6.92 31.81 38.89
C ILE B 51 -7.72 30.66 39.50
N GLU B 52 -8.59 31.00 40.45
CA GLU B 52 -9.25 30.01 41.30
C GLU B 52 -10.52 29.41 40.69
N THR B 53 -10.91 29.90 39.53
CA THR B 53 -12.08 29.37 38.81
C THR B 53 -11.71 29.05 37.35
N HIS B 54 -12.23 27.94 36.84
CA HIS B 54 -11.85 27.47 35.51
C HIS B 54 -12.32 28.43 34.39
N GLU B 55 -13.56 28.89 34.47
CA GLU B 55 -14.12 29.71 33.40
C GLU B 55 -13.50 31.10 33.31
N ARG B 56 -13.08 31.65 34.44
CA ARG B 56 -12.38 32.93 34.45
C ARG B 56 -10.99 32.79 33.82
N GLY B 57 -10.31 31.69 34.12
CA GLY B 57 -9.07 31.34 33.44
C GLY B 57 -9.28 31.41 31.94
N VAL B 58 -10.27 30.69 31.44
CA VAL B 58 -10.63 30.70 30.01
C VAL B 58 -10.92 32.12 29.54
N SER B 59 -11.70 32.86 30.32
CA SER B 59 -12.12 34.20 29.96
C SER B 59 -10.94 35.15 29.80
N ILE B 60 -9.99 35.08 30.73
CA ILE B 60 -8.84 35.97 30.68
C ILE B 60 -7.96 35.56 29.49
N ARG B 61 -7.74 34.27 29.30
CA ARG B 61 -6.98 33.80 28.13
C ARG B 61 -7.57 34.29 26.81
N ARG B 62 -8.90 34.27 26.69
CA ARG B 62 -9.55 34.79 25.50
C ARG B 62 -9.27 36.28 25.35
N GLN B 63 -9.41 37.03 26.44
CA GLN B 63 -9.20 38.47 26.38
C GLN B 63 -7.77 38.80 25.96
N LEU B 64 -6.81 38.03 26.45
CA LEU B 64 -5.40 38.19 26.05
C LEU B 64 -5.19 37.84 24.59
N LEU B 65 -5.75 36.69 24.19
CA LEU B 65 -5.68 36.23 22.79
C LEU B 65 -6.28 37.24 21.81
N SER B 66 -7.43 37.82 22.17
CA SER B 66 -8.16 38.75 21.32
C SER B 66 -7.32 39.95 20.86
N LYS B 67 -6.57 40.54 21.79
CA LYS B 67 -5.82 41.76 21.49
C LYS B 67 -4.59 41.47 20.58
N LYS B 68 -4.22 40.20 20.43
CA LYS B 68 -3.19 39.78 19.46
C LYS B 68 -3.70 39.49 18.04
N LEU B 69 -5.01 39.27 17.89
CA LEU B 69 -5.57 38.89 16.59
C LEU B 69 -5.72 40.11 15.69
N SER B 70 -5.74 39.88 14.39
CA SER B 70 -5.91 40.96 13.41
C SER B 70 -7.30 41.58 13.51
N GLU B 71 -8.29 40.76 13.85
CA GLU B 71 -9.65 41.22 14.14
C GLU B 71 -9.98 40.86 15.59
N PRO B 72 -9.86 41.84 16.49
CA PRO B 72 -10.12 41.63 17.92
C PRO B 72 -11.43 40.92 18.29
N SER B 73 -12.47 40.99 17.47
CA SER B 73 -13.76 40.36 17.79
C SER B 73 -13.97 38.95 17.19
N SER B 74 -12.88 38.30 16.77
CA SER B 74 -13.03 37.03 16.04
C SER B 74 -13.56 35.88 16.91
N LEU B 75 -13.43 35.98 18.23
CA LEU B 75 -13.94 34.94 19.13
C LEU B 75 -15.37 35.19 19.61
N GLN B 76 -15.98 36.30 19.18
CA GLN B 76 -17.33 36.64 19.62
C GLN B 76 -18.26 35.41 19.64
N TYR B 77 -18.25 34.63 18.56
CA TYR B 77 -19.16 33.49 18.41
C TYR B 77 -18.54 32.13 18.72
N LEU B 78 -17.32 32.12 19.26
CA LEU B 78 -16.78 30.90 19.88
C LEU B 78 -17.29 30.84 21.33
N PRO B 79 -18.16 29.90 21.64
CA PRO B 79 -18.76 29.83 22.98
C PRO B 79 -17.77 29.30 24.00
N TYR B 80 -17.91 29.73 25.25
CA TYR B 80 -17.08 29.22 26.35
C TYR B 80 -17.82 29.11 27.68
N ARG B 81 -18.82 29.95 27.90
CA ARG B 81 -19.54 30.01 29.17
C ARG B 81 -20.34 28.76 29.48
N ASP B 82 -20.35 28.42 30.77
CA ASP B 82 -21.22 27.38 31.34
C ASP B 82 -20.96 25.97 30.80
N TYR B 83 -19.70 25.70 30.45
CA TYR B 83 -19.27 24.37 30.08
C TYR B 83 -18.50 23.76 31.25
N ASN B 84 -18.58 22.44 31.40
CA ASN B 84 -17.95 21.74 32.52
C ASN B 84 -16.46 21.54 32.28
N TYR B 85 -15.69 22.61 32.47
CA TYR B 85 -14.25 22.56 32.29
C TYR B 85 -13.55 21.72 33.36
N SER B 86 -14.27 21.34 34.42
CA SER B 86 -13.65 20.54 35.48
C SER B 86 -13.12 19.21 34.94
N LEU B 87 -13.87 18.58 34.05
CA LEU B 87 -13.51 17.29 33.45
C LEU B 87 -12.53 17.41 32.26
N VAL B 88 -12.22 18.63 31.86
CA VAL B 88 -11.35 18.91 30.71
C VAL B 88 -9.97 19.41 31.12
N MET B 89 -9.91 20.41 31.99
CA MET B 89 -8.63 20.96 32.40
C MET B 89 -7.75 19.90 33.04
N GLY B 90 -6.52 19.77 32.52
CA GLY B 90 -5.57 18.81 33.04
C GLY B 90 -5.93 17.36 32.76
N ALA B 91 -6.60 17.11 31.63
CA ALA B 91 -7.08 15.76 31.30
C ALA B 91 -7.36 15.57 29.80
N CYS B 92 -8.08 16.52 29.20
CA CYS B 92 -8.49 16.44 27.79
C CYS B 92 -7.97 17.55 26.88
N CYS B 93 -7.62 18.70 27.42
CA CYS B 93 -7.22 19.85 26.59
C CYS B 93 -6.49 20.91 27.42
N GLU B 94 -5.66 21.72 26.76
CA GLU B 94 -4.92 22.79 27.41
C GLU B 94 -5.09 24.09 26.62
N ASN B 95 -4.65 25.19 27.22
CA ASN B 95 -4.87 26.53 26.70
C ASN B 95 -6.27 26.69 26.14
N VAL B 96 -7.27 26.32 26.94
CA VAL B 96 -8.65 26.26 26.50
C VAL B 96 -9.21 27.66 26.33
N ILE B 97 -9.87 27.92 25.20
CA ILE B 97 -10.46 29.22 24.92
C ILE B 97 -11.96 29.13 24.61
N GLY B 98 -12.55 27.98 24.89
CA GLY B 98 -13.94 27.70 24.55
C GLY B 98 -14.16 26.28 24.11
N TYR B 99 -15.28 26.05 23.42
CA TYR B 99 -15.58 24.74 22.86
C TYR B 99 -16.25 24.92 21.51
N MET B 100 -16.25 23.83 20.73
CA MET B 100 -16.75 23.84 19.36
C MET B 100 -17.93 22.89 19.32
N PRO B 101 -19.13 23.43 19.14
CA PRO B 101 -20.33 22.60 19.04
C PRO B 101 -20.39 21.92 17.68
N ILE B 102 -20.56 20.60 17.70
CA ILE B 102 -20.72 19.80 16.50
C ILE B 102 -22.15 19.23 16.52
N PRO B 103 -22.96 19.58 15.52
CA PRO B 103 -24.34 19.10 15.46
C PRO B 103 -24.40 17.59 15.59
N VAL B 104 -25.35 17.07 16.35
CA VAL B 104 -25.48 15.63 16.53
C VAL B 104 -26.82 15.21 15.99
N GLY B 105 -26.78 14.26 15.07
CA GLY B 105 -27.99 13.68 14.52
C GLY B 105 -28.05 12.24 14.95
N VAL B 106 -29.16 11.58 14.65
CA VAL B 106 -29.36 10.20 15.01
C VAL B 106 -29.90 9.38 13.85
N ALA B 107 -29.25 8.25 13.61
CA ALA B 107 -29.62 7.31 12.56
C ALA B 107 -30.04 6.02 13.23
N GLY B 108 -31.18 5.48 12.81
CA GLY B 108 -31.69 4.24 13.36
C GLY B 108 -33.20 4.13 13.23
N PRO B 109 -33.79 3.08 13.80
CA PRO B 109 -33.04 2.07 14.58
C PRO B 109 -32.12 1.21 13.71
N LEU B 110 -30.94 0.89 14.22
CA LEU B 110 -30.07 -0.08 13.57
C LEU B 110 -30.37 -1.46 14.17
N CYS B 111 -30.88 -2.36 13.35
CA CYS B 111 -31.28 -3.67 13.84
C CYS B 111 -30.07 -4.57 13.72
N LEU B 112 -29.35 -4.71 14.82
CA LEU B 112 -28.07 -5.43 14.86
C LEU B 112 -28.09 -6.49 15.96
N ASP B 113 -27.82 -7.73 15.57
CA ASP B 113 -27.76 -8.89 16.49
C ASP B 113 -29.03 -8.98 17.37
N GLU B 114 -30.18 -8.85 16.71
CA GLU B 114 -31.50 -8.91 17.34
C GLU B 114 -31.78 -7.81 18.36
N LYS B 115 -30.93 -6.79 18.40
CA LYS B 115 -31.18 -5.59 19.20
C LYS B 115 -31.48 -4.44 18.25
N GLU B 116 -31.83 -3.28 18.82
CA GLU B 116 -32.08 -2.06 18.05
C GLU B 116 -31.28 -0.93 18.70
N PHE B 117 -30.53 -0.20 17.87
CA PHE B 117 -29.69 0.89 18.34
C PHE B 117 -30.08 2.22 17.66
N GLN B 118 -30.05 3.29 18.44
CA GLN B 118 -30.24 4.64 17.94
C GLN B 118 -28.85 5.25 17.96
N VAL B 119 -28.26 5.47 16.78
CA VAL B 119 -26.84 5.78 16.68
C VAL B 119 -26.62 7.29 16.54
N PRO B 120 -25.88 7.88 17.48
CA PRO B 120 -25.58 9.31 17.40
C PRO B 120 -24.40 9.54 16.45
N MET B 121 -24.49 10.62 15.69
CA MET B 121 -23.54 10.93 14.66
C MET B 121 -23.34 12.45 14.66
N ALA B 122 -22.13 12.87 15.00
CA ALA B 122 -21.78 14.28 15.02
C ALA B 122 -21.06 14.64 13.73
N THR B 123 -21.69 15.52 12.95
CA THR B 123 -21.17 15.86 11.64
C THR B 123 -21.68 17.22 11.17
N THR B 124 -20.98 17.80 10.21
CA THR B 124 -21.45 19.01 9.51
C THR B 124 -21.62 18.75 8.01
N GLU B 125 -21.61 17.47 7.60
CA GLU B 125 -21.83 17.12 6.20
C GLU B 125 -23.32 16.82 5.98
N GLY B 126 -23.97 17.70 5.21
CA GLY B 126 -25.37 17.56 4.90
C GLY B 126 -25.63 16.22 4.26
N CYS B 127 -26.80 15.66 4.57
CA CYS B 127 -27.27 14.38 4.05
C CYS B 127 -26.62 13.10 4.58
N LEU B 128 -25.54 13.19 5.34
CA LEU B 128 -24.88 11.99 5.82
C LEU B 128 -25.77 11.20 6.79
N VAL B 129 -26.38 11.89 7.73
CA VAL B 129 -27.27 11.24 8.70
C VAL B 129 -28.50 10.66 8.01
N ALA B 130 -29.14 11.46 7.16
CA ALA B 130 -30.30 11.00 6.39
C ALA B 130 -29.98 9.75 5.58
N SER B 131 -28.89 9.80 4.83
CA SER B 131 -28.44 8.66 4.02
C SER B 131 -28.14 7.45 4.90
N THR B 132 -27.40 7.66 5.97
CA THR B 132 -27.14 6.55 6.91
C THR B 132 -28.45 5.97 7.48
N ASN B 133 -29.44 6.84 7.72
CA ASN B 133 -30.74 6.43 8.24
C ASN B 133 -31.49 5.58 7.23
N ARG B 134 -31.37 5.91 5.95
CA ARG B 134 -31.98 5.10 4.90
C ARG B 134 -31.38 3.71 4.84
N GLY B 135 -30.07 3.59 5.03
CA GLY B 135 -29.44 2.29 5.04
C GLY B 135 -29.93 1.45 6.22
N CYS B 136 -30.11 2.10 7.36
CA CYS B 136 -30.63 1.43 8.54
C CYS B 136 -32.00 0.85 8.23
N ARG B 137 -32.79 1.59 7.47
CA ARG B 137 -34.14 1.19 7.11
C ARG B 137 -34.12 -0.06 6.25
N ALA B 138 -33.25 -0.07 5.24
CA ALA B 138 -33.10 -1.22 4.36
C ALA B 138 -32.72 -2.45 5.13
N ILE B 139 -31.81 -2.30 6.10
CA ILE B 139 -31.38 -3.38 6.97
C ILE B 139 -32.54 -3.88 7.84
N GLY B 140 -33.26 -2.96 8.46
CA GLY B 140 -34.34 -3.29 9.39
C GLY B 140 -35.46 -4.08 8.73
N LEU B 141 -35.91 -3.60 7.57
CA LEU B 141 -36.90 -4.29 6.77
C LEU B 141 -36.39 -5.56 6.13
N GLY B 142 -35.06 -5.68 6.03
CA GLY B 142 -34.42 -6.85 5.45
C GLY B 142 -34.13 -7.96 6.46
N GLY B 143 -34.66 -7.82 7.69
CA GLY B 143 -34.49 -8.83 8.73
C GLY B 143 -33.29 -8.63 9.65
N GLY B 144 -32.66 -7.47 9.56
CA GLY B 144 -31.56 -7.12 10.43
C GLY B 144 -30.17 -7.58 9.99
N ALA B 145 -29.17 -7.10 10.72
CA ALA B 145 -27.78 -7.44 10.47
C ALA B 145 -27.26 -8.29 11.62
N SER B 146 -26.22 -9.08 11.33
CA SER B 146 -25.49 -9.83 12.34
C SER B 146 -24.01 -9.48 12.26
N SER B 147 -23.35 -9.44 13.42
CA SER B 147 -21.94 -9.10 13.49
C SER B 147 -21.21 -9.93 14.55
N ARG B 148 -19.89 -10.04 14.36
CA ARG B 148 -19.00 -10.77 15.23
C ARG B 148 -17.70 -10.00 15.40
N VAL B 149 -17.21 -9.92 16.63
CA VAL B 149 -15.86 -9.47 16.91
C VAL B 149 -14.92 -10.65 16.72
N LEU B 150 -13.94 -10.49 15.83
CA LEU B 150 -13.07 -11.58 15.44
C LEU B 150 -11.79 -11.60 16.26
N ALA B 151 -11.31 -10.43 16.64
CA ALA B 151 -10.12 -10.29 17.48
C ALA B 151 -10.23 -9.01 18.28
N ASP B 152 -9.42 -8.90 19.32
CA ASP B 152 -9.46 -7.76 20.21
C ASP B 152 -8.08 -7.59 20.82
N GLY B 153 -7.52 -6.39 20.68
CA GLY B 153 -6.26 -6.08 21.32
C GLY B 153 -5.62 -4.84 20.76
N MET B 154 -5.44 -3.84 21.60
CA MET B 154 -4.70 -2.62 21.25
C MET B 154 -3.23 -3.00 21.16
N THR B 155 -2.45 -2.23 20.42
CA THR B 155 -1.03 -2.48 20.27
C THR B 155 -0.15 -1.27 20.47
N ARG B 156 1.11 -1.55 20.71
CA ARG B 156 2.17 -0.59 20.80
C ARG B 156 3.43 -1.24 20.21
N GLY B 157 4.10 -0.52 19.31
CA GLY B 157 5.19 -1.08 18.55
C GLY B 157 6.45 -0.24 18.71
N PRO B 158 7.12 -0.37 19.85
CA PRO B 158 8.39 0.33 20.09
C PRO B 158 9.52 -0.16 19.20
N VAL B 159 10.50 0.71 19.00
CA VAL B 159 11.73 0.31 18.33
C VAL B 159 12.89 0.34 19.32
N VAL B 160 13.62 -0.78 19.38
CA VAL B 160 14.86 -0.87 20.13
C VAL B 160 16.03 -1.18 19.17
N ARG B 161 17.23 -0.87 19.62
CA ARG B 161 18.44 -1.09 18.84
C ARG B 161 19.44 -1.90 19.64
N LEU B 162 20.04 -2.88 18.98
CA LEU B 162 21.12 -3.67 19.54
C LEU B 162 22.38 -3.20 18.84
N PRO B 163 23.55 -3.59 19.35
CA PRO B 163 24.81 -3.16 18.74
C PRO B 163 25.01 -3.73 17.32
N ARG B 164 24.60 -4.97 17.13
CA ARG B 164 24.65 -5.63 15.82
C ARG B 164 23.34 -6.32 15.50
N ALA B 165 23.16 -6.65 14.22
CA ALA B 165 22.00 -7.37 13.73
C ALA B 165 22.02 -8.79 14.23
N CYS B 166 23.21 -9.35 14.47
CA CYS B 166 23.32 -10.67 15.09
C CYS B 166 22.70 -10.65 16.48
N ASP B 167 22.85 -9.53 17.18
CA ASP B 167 22.27 -9.37 18.51
C ASP B 167 20.75 -9.14 18.48
N SER B 168 20.27 -8.29 17.57
CA SER B 168 18.84 -8.08 17.42
C SER B 168 18.18 -9.43 17.10
N ALA B 169 18.79 -10.18 16.19
CA ALA B 169 18.36 -11.54 15.87
C ALA B 169 18.34 -12.44 17.11
N GLU B 170 19.32 -12.28 17.99
CA GLU B 170 19.39 -13.06 19.23
C GLU B 170 18.21 -12.67 20.11
N VAL B 171 17.93 -11.39 20.19
CA VAL B 171 16.84 -10.89 21.03
C VAL B 171 15.49 -11.38 20.50
N LYS B 172 15.34 -11.42 19.18
CA LYS B 172 14.12 -11.90 18.53
C LYS B 172 13.90 -13.38 18.83
N ALA B 173 14.95 -14.18 18.65
CA ALA B 173 14.86 -15.61 18.93
C ALA B 173 14.55 -15.86 20.41
N TRP B 174 15.11 -15.05 21.28
CA TRP B 174 14.86 -15.15 22.71
C TRP B 174 13.38 -14.86 23.04
N LEU B 175 12.83 -13.80 22.44
CA LEU B 175 11.42 -13.45 22.66
C LEU B 175 10.46 -14.53 22.15
N GLU B 176 10.91 -15.36 21.20
CA GLU B 176 10.10 -16.43 20.63
C GLU B 176 10.16 -17.78 21.38
N THR B 177 11.08 -17.92 22.35
CA THR B 177 11.06 -19.10 23.21
C THR B 177 9.92 -18.94 24.22
N SER B 178 9.27 -20.05 24.56
CA SER B 178 8.20 -20.04 25.56
C SER B 178 8.61 -19.40 26.88
N GLU B 179 9.86 -19.64 27.30
CA GLU B 179 10.35 -19.15 28.60
C GLU B 179 10.73 -17.67 28.54
N GLY B 180 11.30 -17.24 27.41
CA GLY B 180 11.63 -15.85 27.20
C GLY B 180 10.39 -14.99 27.12
N PHE B 181 9.40 -15.46 26.36
CA PHE B 181 8.12 -14.76 26.25
C PHE B 181 7.43 -14.69 27.61
N ALA B 182 7.43 -15.80 28.35
CA ALA B 182 6.71 -15.89 29.64
C ALA B 182 7.24 -14.83 30.62
N VAL B 183 8.55 -14.64 30.61
CA VAL B 183 9.20 -13.62 31.42
C VAL B 183 8.73 -12.21 31.05
N ILE B 184 8.56 -11.96 29.75
CA ILE B 184 8.10 -10.65 29.29
C ILE B 184 6.60 -10.48 29.56
N LYS B 185 5.84 -11.54 29.33
CA LYS B 185 4.41 -11.57 29.63
C LYS B 185 4.14 -11.26 31.10
N GLU B 186 4.90 -11.84 32.02
CA GLU B 186 4.72 -11.61 33.47
C GLU B 186 4.90 -10.14 33.81
N ALA B 187 5.96 -9.52 33.29
CA ALA B 187 6.23 -8.10 33.53
C ALA B 187 5.12 -7.20 32.99
N PHE B 188 4.64 -7.52 31.79
CA PHE B 188 3.61 -6.73 31.12
C PHE B 188 2.27 -6.84 31.86
N ASP B 189 1.89 -8.07 32.15
CA ASP B 189 0.60 -8.37 32.78
C ASP B 189 0.45 -7.84 34.20
N SER B 190 1.57 -7.60 34.85
CA SER B 190 1.62 -7.10 36.23
C SER B 190 1.20 -5.62 36.37
N THR B 191 1.23 -4.88 35.26
CA THR B 191 0.97 -3.44 35.27
C THR B 191 -0.51 -3.05 35.36
N SER B 192 -1.41 -3.98 35.09
CA SER B 192 -2.85 -3.66 35.09
C SER B 192 -3.69 -4.94 35.07
N ARG B 193 -4.92 -4.86 35.57
CA ARG B 193 -5.76 -6.06 35.71
C ARG B 193 -6.25 -6.59 34.39
N PHE B 194 -6.25 -5.75 33.36
CA PHE B 194 -6.67 -6.14 32.02
C PHE B 194 -5.48 -6.55 31.13
N ALA B 195 -4.27 -6.16 31.52
CA ALA B 195 -3.05 -6.50 30.77
C ALA B 195 -2.88 -8.01 30.61
N ARG B 196 -2.87 -8.47 29.36
CA ARG B 196 -2.78 -9.88 29.03
C ARG B 196 -2.08 -10.08 27.69
N LEU B 197 -0.75 -10.03 27.71
CA LEU B 197 0.05 -9.99 26.50
C LEU B 197 -0.20 -11.22 25.65
N GLN B 198 -0.51 -11.00 24.39
CA GLN B 198 -0.77 -12.06 23.42
C GLN B 198 0.55 -12.38 22.72
N LYS B 199 0.53 -13.39 21.85
CA LYS B 199 1.71 -13.70 21.03
C LYS B 199 2.35 -12.41 20.53
N LEU B 200 3.67 -12.34 20.65
CA LEU B 200 4.43 -11.17 20.23
C LEU B 200 4.63 -11.20 18.70
N HIS B 201 4.77 -10.05 18.07
CA HIS B 201 5.09 -10.01 16.65
C HIS B 201 6.28 -9.09 16.46
N THR B 202 7.36 -9.60 15.87
CA THR B 202 8.60 -8.84 15.79
C THR B 202 9.11 -8.74 14.37
N SER B 203 9.88 -7.68 14.12
CA SER B 203 10.43 -7.43 12.81
C SER B 203 11.80 -6.80 12.92
N ILE B 204 12.76 -7.44 12.27
CA ILE B 204 14.14 -6.96 12.26
C ILE B 204 14.35 -6.09 11.03
N ALA B 205 15.01 -4.95 11.25
CA ALA B 205 15.61 -4.16 10.18
C ALA B 205 17.05 -3.84 10.59
N GLY B 206 17.99 -4.69 10.19
CA GLY B 206 19.38 -4.50 10.56
C GLY B 206 19.53 -4.70 12.06
N ARG B 207 20.13 -3.73 12.72
CA ARG B 207 20.29 -3.82 14.15
C ARG B 207 19.10 -3.28 14.94
N ASN B 208 18.05 -2.86 14.24
CA ASN B 208 16.77 -2.55 14.88
C ASN B 208 15.94 -3.79 15.06
N LEU B 209 15.11 -3.74 16.11
CA LEU B 209 14.06 -4.70 16.34
C LEU B 209 12.77 -3.96 16.71
N TYR B 210 11.72 -4.19 15.94
CA TYR B 210 10.41 -3.62 16.19
C TYR B 210 9.61 -4.69 16.89
N ILE B 211 9.02 -4.36 18.03
CA ILE B 211 8.26 -5.32 18.83
C ILE B 211 6.83 -4.82 18.99
N ARG B 212 5.88 -5.60 18.53
CA ARG B 212 4.47 -5.21 18.58
C ARG B 212 3.80 -5.92 19.74
N PHE B 213 3.63 -5.20 20.83
CA PHE B 213 2.93 -5.67 22.02
C PHE B 213 1.44 -5.49 21.84
N GLN B 214 0.69 -6.57 22.07
CA GLN B 214 -0.75 -6.56 21.89
C GLN B 214 -1.46 -7.16 23.10
N SER B 215 -2.53 -6.51 23.56
CA SER B 215 -3.34 -7.03 24.65
C SER B 215 -4.70 -6.38 24.68
N ARG B 216 -5.66 -7.11 25.23
CA ARG B 216 -6.94 -6.54 25.62
C ARG B 216 -6.71 -5.45 26.64
N SER B 217 -7.72 -4.61 26.82
CA SER B 217 -7.63 -3.47 27.73
C SER B 217 -8.99 -3.17 28.37
N GLY B 218 -9.76 -4.21 28.68
CA GLY B 218 -11.08 -4.04 29.26
C GLY B 218 -11.99 -3.32 28.29
N ASP B 219 -12.64 -2.25 28.76
CA ASP B 219 -13.43 -1.39 27.90
C ASP B 219 -12.69 -0.11 27.50
N ALA B 220 -11.47 0.08 27.97
CA ALA B 220 -10.69 1.23 27.51
C ALA B 220 -10.16 0.97 26.12
N MET B 221 -9.91 2.05 25.37
CA MET B 221 -9.28 1.95 24.06
C MET B 221 -7.88 1.33 24.23
N GLY B 222 -7.15 1.80 25.25
CA GLY B 222 -6.00 1.08 25.75
C GLY B 222 -4.62 1.63 25.46
N MET B 223 -4.50 2.77 24.78
CA MET B 223 -3.15 3.26 24.44
C MET B 223 -2.31 3.39 25.69
N ASN B 224 -2.82 4.12 26.68
CA ASN B 224 -2.08 4.38 27.92
C ASN B 224 -1.67 3.12 28.66
N MET B 225 -2.62 2.21 28.86
CA MET B 225 -2.37 0.96 29.57
C MET B 225 -1.33 0.12 28.84
N ILE B 226 -1.51 -0.04 27.54
CA ILE B 226 -0.58 -0.81 26.72
C ILE B 226 0.82 -0.21 26.80
N SER B 227 0.90 1.11 26.81
CA SER B 227 2.17 1.81 26.81
C SER B 227 2.89 1.65 28.16
N LYS B 228 2.11 1.54 29.23
CA LYS B 228 2.64 1.29 30.56
C LYS B 228 3.15 -0.16 30.68
N GLY B 229 2.39 -1.10 30.13
CA GLY B 229 2.79 -2.50 30.06
C GLY B 229 4.03 -2.70 29.20
N THR B 230 4.17 -1.87 28.16
CA THR B 230 5.27 -1.99 27.21
C THR B 230 6.57 -1.54 27.86
N GLU B 231 6.54 -0.40 28.55
CA GLU B 231 7.69 0.16 29.26
C GLU B 231 8.25 -0.81 30.29
N LYS B 232 7.37 -1.45 31.05
CA LYS B 232 7.76 -2.43 32.05
C LYS B 232 8.30 -3.68 31.38
N ALA B 233 7.66 -4.09 30.29
CA ALA B 233 8.11 -5.23 29.51
C ALA B 233 9.54 -5.03 29.00
N LEU B 234 9.85 -3.82 28.54
CA LEU B 234 11.18 -3.51 28.00
C LEU B 234 12.26 -3.36 29.07
N SER B 235 11.93 -2.81 30.24
CA SER B 235 12.87 -2.79 31.36
C SER B 235 13.30 -4.21 31.69
N LYS B 236 12.36 -5.14 31.64
CA LYS B 236 12.63 -6.54 31.91
C LYS B 236 13.53 -7.13 30.81
N LEU B 237 13.24 -6.85 29.55
CA LEU B 237 14.06 -7.32 28.44
C LEU B 237 15.49 -6.78 28.54
N HIS B 238 15.62 -5.54 28.97
CA HIS B 238 16.91 -4.86 29.20
C HIS B 238 17.76 -5.54 30.28
N GLU B 239 17.10 -6.14 31.28
CA GLU B 239 17.81 -6.92 32.31
C GLU B 239 18.50 -8.12 31.70
N TYR B 240 17.89 -8.73 30.67
CA TYR B 240 18.51 -9.85 29.94
C TYR B 240 19.48 -9.40 28.84
N PHE B 241 19.32 -8.17 28.34
CA PHE B 241 20.10 -7.66 27.21
C PHE B 241 20.52 -6.21 27.47
N PRO B 242 21.50 -6.01 28.34
CA PRO B 242 21.85 -4.66 28.79
C PRO B 242 22.46 -3.78 27.68
N GLU B 243 22.86 -4.36 26.56
CA GLU B 243 23.36 -3.57 25.43
C GLU B 243 22.23 -2.95 24.60
N MET B 244 21.00 -3.37 24.85
CA MET B 244 19.85 -2.87 24.11
C MET B 244 19.55 -1.42 24.47
N GLN B 245 19.23 -0.64 23.44
CA GLN B 245 18.89 0.76 23.56
C GLN B 245 17.42 0.87 23.20
N ILE B 246 16.63 1.55 24.02
CA ILE B 246 15.23 1.75 23.70
C ILE B 246 15.13 3.10 23.00
N LEU B 247 15.01 3.07 21.68
CA LEU B 247 15.06 4.28 20.88
C LEU B 247 13.78 5.09 20.97
N ALA B 248 12.64 4.42 20.92
CA ALA B 248 11.35 5.09 21.01
C ALA B 248 10.29 4.10 21.44
N VAL B 249 9.50 4.51 22.43
CA VAL B 249 8.43 3.66 22.94
C VAL B 249 7.41 3.40 21.83
N SER B 250 7.34 4.30 20.84
CA SER B 250 6.66 4.04 19.57
C SER B 250 7.61 4.16 18.38
N GLY B 251 7.87 3.05 17.70
CA GLY B 251 8.61 3.05 16.46
C GLY B 251 7.72 2.94 15.24
N ASN B 252 6.48 3.45 15.33
CA ASN B 252 5.53 3.43 14.22
C ASN B 252 5.16 2.03 13.74
N TYR B 253 5.41 1.03 14.57
CA TYR B 253 5.10 -0.35 14.22
C TYR B 253 3.77 -0.79 14.87
N CYS B 254 3.10 0.14 15.55
CA CYS B 254 1.83 -0.18 16.23
C CYS B 254 0.70 -0.61 15.27
N THR B 255 0.29 0.20 14.29
CA THR B 255 0.74 1.56 14.02
C THR B 255 -0.40 2.46 14.43
N ASP B 256 -0.10 3.56 15.11
CA ASP B 256 -1.13 4.44 15.59
C ASP B 256 -1.27 5.68 14.72
N LYS B 257 -2.47 5.87 14.19
CA LYS B 257 -2.83 7.10 13.47
C LYS B 257 -2.04 7.39 12.18
N LYS B 258 -1.49 6.35 11.57
CA LYS B 258 -0.92 6.44 10.22
C LYS B 258 -1.43 5.23 9.45
N PRO B 259 -1.64 5.33 8.14
CA PRO B 259 -2.02 4.16 7.35
C PRO B 259 -0.89 3.13 7.37
N ALA B 260 -1.26 1.86 7.52
CA ALA B 260 -0.27 0.81 7.63
C ALA B 260 -0.89 -0.55 7.42
N ALA B 261 -0.23 -1.32 6.57
CA ALA B 261 -0.73 -2.63 6.20
C ALA B 261 -0.73 -3.59 7.39
N ILE B 262 0.14 -3.36 8.37
CA ILE B 262 0.19 -4.25 9.53
C ILE B 262 -1.13 -4.24 10.29
N ASN B 263 -1.79 -3.09 10.39
CA ASN B 263 -3.09 -3.00 11.05
C ASN B 263 -4.16 -3.73 10.27
N TRP B 264 -4.11 -3.59 8.95
CA TRP B 264 -4.99 -4.32 8.02
C TRP B 264 -4.85 -5.85 8.10
N ILE B 265 -3.63 -6.33 8.26
CA ILE B 265 -3.36 -7.75 8.16
C ILE B 265 -3.43 -8.42 9.54
N GLU B 266 -2.91 -7.75 10.57
CA GLU B 266 -2.86 -8.30 11.94
C GLU B 266 -4.05 -7.85 12.77
N GLY B 267 -4.67 -6.73 12.39
CA GLY B 267 -5.72 -6.14 13.19
C GLY B 267 -5.14 -5.28 14.29
N ARG B 268 -5.93 -4.32 14.77
CA ARG B 268 -5.57 -3.47 15.90
C ARG B 268 -6.85 -3.01 16.58
N GLY B 269 -6.87 -3.02 17.91
CA GLY B 269 -8.13 -2.82 18.62
C GLY B 269 -9.06 -3.95 18.25
N LYS B 270 -10.27 -3.61 17.83
CA LYS B 270 -11.29 -4.62 17.53
C LYS B 270 -11.38 -4.93 16.05
N SER B 271 -11.35 -6.22 15.70
CA SER B 271 -11.59 -6.65 14.34
C SER B 271 -13.02 -7.18 14.27
N VAL B 272 -13.82 -6.62 13.38
CA VAL B 272 -15.26 -6.87 13.32
C VAL B 272 -15.72 -7.21 11.91
N VAL B 273 -16.74 -8.04 11.82
CA VAL B 273 -17.41 -8.31 10.55
C VAL B 273 -18.91 -8.18 10.78
N CYS B 274 -19.61 -7.57 9.82
CA CYS B 274 -21.05 -7.38 9.89
C CYS B 274 -21.63 -7.84 8.56
N GLU B 275 -22.88 -8.29 8.56
CA GLU B 275 -23.51 -8.80 7.35
C GLU B 275 -25.03 -8.63 7.38
N ALA B 276 -25.66 -8.88 6.25
CA ALA B 276 -27.12 -8.73 6.08
C ALA B 276 -27.51 -9.20 4.70
N VAL B 277 -28.76 -9.61 4.56
CA VAL B 277 -29.35 -9.98 3.27
C VAL B 277 -30.57 -9.06 3.09
N ILE B 278 -30.54 -8.23 2.06
CA ILE B 278 -31.61 -7.31 1.76
C ILE B 278 -32.47 -7.94 0.66
N PRO B 279 -33.71 -8.33 0.98
CA PRO B 279 -34.61 -8.88 -0.04
C PRO B 279 -34.74 -7.95 -1.23
N ALA B 280 -35.03 -8.49 -2.42
CA ALA B 280 -35.17 -7.68 -3.63
C ALA B 280 -36.18 -6.57 -3.45
N LYS B 281 -37.29 -6.89 -2.79
CA LYS B 281 -38.36 -5.93 -2.59
C LYS B 281 -37.86 -4.68 -1.85
N VAL B 282 -37.06 -4.88 -0.80
CA VAL B 282 -36.51 -3.79 -0.01
C VAL B 282 -35.47 -2.97 -0.79
N VAL B 283 -34.64 -3.67 -1.57
CA VAL B 283 -33.65 -3.00 -2.42
C VAL B 283 -34.38 -2.04 -3.37
N ARG B 284 -35.49 -2.49 -3.94
CA ARG B 284 -36.35 -1.66 -4.81
C ARG B 284 -37.01 -0.46 -4.10
N GLU B 285 -37.73 -0.73 -3.02
CA GLU B 285 -38.57 0.27 -2.36
C GLU B 285 -37.77 1.26 -1.50
N VAL B 286 -36.81 0.74 -0.73
CA VAL B 286 -35.99 1.57 0.14
C VAL B 286 -34.83 2.20 -0.63
N LEU B 287 -34.06 1.39 -1.36
CA LEU B 287 -32.81 1.83 -2.00
C LEU B 287 -32.94 2.25 -3.48
N LYS B 288 -34.11 2.03 -4.08
CA LYS B 288 -34.46 2.56 -5.41
C LYS B 288 -33.59 2.01 -6.54
N THR B 289 -33.16 0.77 -6.38
CA THR B 289 -32.31 0.16 -7.38
C THR B 289 -32.45 -1.36 -7.32
N THR B 290 -31.59 -2.04 -8.08
CA THR B 290 -31.53 -3.49 -8.09
C THR B 290 -30.22 -3.99 -7.50
N THR B 291 -30.28 -5.22 -7.03
CA THR B 291 -29.13 -5.93 -6.53
C THR B 291 -28.03 -6.02 -7.57
N GLU B 292 -28.40 -6.32 -8.81
CA GLU B 292 -27.44 -6.40 -9.92
C GLU B 292 -26.63 -5.09 -10.08
N ALA B 293 -27.31 -3.96 -10.05
CA ALA B 293 -26.64 -2.68 -10.26
C ALA B 293 -25.76 -2.36 -9.04
N MET B 294 -26.21 -2.74 -7.86
CA MET B 294 -25.42 -2.52 -6.66
C MET B 294 -24.11 -3.32 -6.68
N ILE B 295 -24.18 -4.56 -7.15
CA ILE B 295 -23.02 -5.42 -7.21
C ILE B 295 -22.05 -4.91 -8.28
N GLU B 296 -22.54 -4.50 -9.44
CA GLU B 296 -21.68 -3.99 -10.51
C GLU B 296 -20.88 -2.77 -10.03
N VAL B 297 -21.53 -1.88 -9.28
CA VAL B 297 -20.84 -0.73 -8.70
C VAL B 297 -19.87 -1.13 -7.59
N ASN B 298 -20.23 -2.11 -6.73
CA ASN B 298 -19.36 -2.44 -5.61
C ASN B 298 -18.08 -3.05 -6.13
N ILE B 299 -18.20 -3.95 -7.09
CA ILE B 299 -17.05 -4.57 -7.68
C ILE B 299 -16.12 -3.50 -8.28
N ASN B 300 -16.67 -2.61 -9.10
CA ASN B 300 -15.82 -1.77 -9.94
C ASN B 300 -15.37 -0.45 -9.30
N LYS B 301 -16.03 -0.09 -8.20
CA LYS B 301 -15.65 1.03 -7.36
C LYS B 301 -14.82 0.56 -6.16
N ASN B 302 -15.41 -0.26 -5.29
CA ASN B 302 -14.81 -0.61 -4.01
C ASN B 302 -13.69 -1.64 -4.06
N LEU B 303 -13.69 -2.48 -5.10
CA LEU B 303 -12.56 -3.38 -5.35
C LEU B 303 -11.66 -2.87 -6.47
N VAL B 304 -12.15 -2.82 -7.70
CA VAL B 304 -11.29 -2.47 -8.83
C VAL B 304 -10.82 -1.01 -8.73
N GLY B 305 -11.70 -0.10 -8.34
CA GLY B 305 -11.38 1.30 -8.23
C GLY B 305 -10.31 1.56 -7.21
N SER B 306 -10.53 1.06 -6.00
CA SER B 306 -9.56 1.14 -4.92
C SER B 306 -8.22 0.48 -5.32
N ALA B 307 -8.28 -0.59 -6.08
CA ALA B 307 -7.07 -1.24 -6.54
C ALA B 307 -6.29 -0.35 -7.51
N MET B 308 -6.98 0.30 -8.46
CA MET B 308 -6.31 1.16 -9.44
C MET B 308 -5.70 2.38 -8.75
N ALA B 309 -6.33 2.83 -7.66
CA ALA B 309 -5.83 3.97 -6.89
C ALA B 309 -4.68 3.63 -5.97
N GLY B 310 -4.30 2.35 -5.87
CA GLY B 310 -3.23 1.92 -5.01
C GLY B 310 -3.60 1.98 -3.54
N SER B 311 -4.77 1.44 -3.19
CA SER B 311 -5.24 1.47 -1.80
C SER B 311 -4.85 0.23 -0.97
N ILE B 312 -4.43 0.49 0.26
CA ILE B 312 -4.26 -0.54 1.28
C ILE B 312 -5.37 -0.30 2.29
N GLY B 313 -6.38 -1.17 2.30
CA GLY B 313 -7.42 -1.15 3.32
C GLY B 313 -8.63 -0.26 3.06
N GLY B 314 -8.66 0.41 1.91
CA GLY B 314 -9.72 1.38 1.61
C GLY B 314 -10.73 0.85 0.59
N TYR B 315 -11.17 -0.39 0.77
CA TYR B 315 -12.06 -1.02 -0.20
C TYR B 315 -13.52 -0.84 0.20
N ASN B 316 -13.93 0.41 0.27
CA ASN B 316 -15.22 0.80 0.80
C ASN B 316 -15.57 2.16 0.24
N ALA B 317 -16.82 2.60 0.40
CA ALA B 317 -17.28 3.84 -0.17
C ALA B 317 -16.98 5.04 0.72
N HIS B 318 -17.50 5.03 1.94
CA HIS B 318 -17.32 6.14 2.85
C HIS B 318 -17.36 5.74 4.33
N ALA B 319 -16.73 4.62 4.66
CA ALA B 319 -16.70 4.12 6.02
C ALA B 319 -16.22 5.21 6.97
N ALA B 320 -15.28 6.03 6.51
CA ALA B 320 -14.71 7.10 7.33
C ALA B 320 -15.75 8.13 7.75
N ASN B 321 -16.77 8.34 6.93
CA ASN B 321 -17.82 9.27 7.29
C ASN B 321 -18.53 8.82 8.56
N ILE B 322 -18.89 7.54 8.60
CA ILE B 322 -19.65 6.99 9.72
C ILE B 322 -18.76 6.90 10.95
N VAL B 323 -17.58 6.31 10.79
CA VAL B 323 -16.61 6.17 11.87
C VAL B 323 -16.38 7.54 12.50
N THR B 324 -16.09 8.54 11.68
CA THR B 324 -15.78 9.88 12.18
C THR B 324 -16.94 10.48 12.96
N ALA B 325 -18.15 10.35 12.43
CA ALA B 325 -19.33 10.92 13.03
C ALA B 325 -19.63 10.28 14.39
N ILE B 326 -19.62 8.95 14.44
CA ILE B 326 -19.81 8.25 15.73
C ILE B 326 -18.69 8.59 16.73
N TYR B 327 -17.46 8.69 16.25
CA TYR B 327 -16.30 8.88 17.11
C TYR B 327 -16.36 10.24 17.79
N ILE B 328 -16.69 11.28 17.03
CA ILE B 328 -16.83 12.60 17.61
C ILE B 328 -18.00 12.64 18.62
N ALA B 329 -19.05 11.90 18.31
CA ALA B 329 -20.25 11.88 19.15
C ALA B 329 -20.00 11.17 20.47
N CYS B 330 -19.18 10.12 20.45
CA CYS B 330 -19.03 9.18 21.56
C CYS B 330 -17.71 9.32 22.29
N GLY B 331 -17.05 10.47 22.11
CA GLY B 331 -15.85 10.81 22.85
C GLY B 331 -14.67 9.92 22.54
N GLN B 332 -14.58 9.46 21.30
CA GLN B 332 -13.41 8.70 20.84
C GLN B 332 -12.32 9.65 20.35
N ASP B 333 -11.17 9.08 20.02
CA ASP B 333 -10.07 9.86 19.47
C ASP B 333 -10.32 9.90 17.96
N ALA B 334 -10.81 11.01 17.47
CA ALA B 334 -11.21 11.12 16.07
C ALA B 334 -10.05 10.99 15.08
N ALA B 335 -8.82 11.24 15.53
CA ALA B 335 -7.62 11.05 14.70
C ALA B 335 -7.37 9.56 14.38
N GLN B 336 -7.89 8.67 15.22
CA GLN B 336 -7.81 7.22 14.96
C GLN B 336 -8.78 6.72 13.87
N ASN B 337 -9.57 7.61 13.29
CA ASN B 337 -10.32 7.24 12.11
C ASN B 337 -9.41 6.86 10.92
N VAL B 338 -8.15 7.31 10.94
CA VAL B 338 -7.20 6.90 9.91
C VAL B 338 -7.21 5.39 9.72
N GLY B 339 -6.93 4.64 10.78
CA GLY B 339 -6.94 3.18 10.74
C GLY B 339 -8.29 2.52 11.07
N SER B 340 -9.09 3.17 11.93
CA SER B 340 -10.38 2.61 12.32
C SER B 340 -11.38 2.53 11.17
N SER B 341 -11.19 3.37 10.15
CA SER B 341 -12.00 3.36 8.91
C SER B 341 -11.66 2.25 7.92
N ASN B 342 -10.56 1.55 8.15
CA ASN B 342 -10.19 0.43 7.29
C ASN B 342 -11.40 -0.47 7.15
N CYS B 343 -11.73 -0.82 5.92
CA CYS B 343 -12.95 -1.54 5.62
C CYS B 343 -12.93 -2.10 4.23
N ILE B 344 -13.35 -3.36 4.07
CA ILE B 344 -13.68 -3.89 2.75
C ILE B 344 -15.17 -4.23 2.74
N THR B 345 -15.87 -3.67 1.76
CA THR B 345 -17.31 -3.84 1.60
C THR B 345 -17.53 -4.81 0.45
N LEU B 346 -18.22 -5.91 0.73
CA LEU B 346 -18.49 -6.97 -0.24
C LEU B 346 -19.99 -7.06 -0.51
N MET B 347 -20.32 -7.35 -1.76
CA MET B 347 -21.70 -7.37 -2.22
C MET B 347 -21.84 -8.50 -3.22
N GLU B 348 -22.83 -9.34 -2.97
CA GLU B 348 -23.02 -10.56 -3.75
C GLU B 348 -24.51 -10.80 -3.95
N ALA B 349 -24.84 -11.54 -5.00
CA ALA B 349 -26.21 -11.91 -5.28
C ALA B 349 -26.63 -13.06 -4.36
N SER B 350 -27.87 -13.01 -3.91
CA SER B 350 -28.40 -14.05 -3.03
C SER B 350 -29.80 -14.45 -3.47
N GLY B 351 -30.20 -15.65 -3.08
CA GLY B 351 -31.56 -16.10 -3.33
C GLY B 351 -31.72 -16.79 -4.66
N PRO B 352 -32.91 -17.34 -4.88
CA PRO B 352 -33.23 -18.19 -6.03
C PRO B 352 -33.01 -17.56 -7.39
N THR B 353 -33.16 -16.25 -7.49
CA THR B 353 -33.00 -15.58 -8.79
C THR B 353 -31.91 -14.52 -8.79
N ASN B 354 -31.06 -14.53 -7.77
CA ASN B 354 -29.94 -13.59 -7.65
C ASN B 354 -30.39 -12.13 -7.51
N GLU B 355 -31.55 -11.91 -6.90
CA GLU B 355 -32.15 -10.58 -6.79
C GLU B 355 -32.11 -10.01 -5.39
N ASP B 356 -31.70 -10.82 -4.41
CA ASP B 356 -31.46 -10.37 -3.05
C ASP B 356 -29.98 -10.02 -2.94
N LEU B 357 -29.67 -9.11 -2.03
CA LEU B 357 -28.33 -8.54 -1.91
C LEU B 357 -27.72 -8.99 -0.60
N TYR B 358 -26.73 -9.86 -0.69
CA TYR B 358 -25.87 -10.16 0.44
C TYR B 358 -24.82 -9.07 0.54
N ILE B 359 -24.75 -8.41 1.68
CA ILE B 359 -23.72 -7.40 1.94
C ILE B 359 -23.00 -7.69 3.25
N SER B 360 -21.68 -7.45 3.23
CA SER B 360 -20.88 -7.49 4.45
C SER B 360 -19.82 -6.38 4.46
N CYS B 361 -19.53 -5.87 5.64
CA CYS B 361 -18.36 -5.03 5.86
C CYS B 361 -17.44 -5.70 6.87
N THR B 362 -16.14 -5.64 6.59
CA THR B 362 -15.11 -6.18 7.46
C THR B 362 -14.14 -5.06 7.79
N MET B 363 -14.01 -4.79 9.09
CA MET B 363 -13.19 -3.72 9.60
C MET B 363 -12.26 -4.28 10.66
N PRO B 364 -11.01 -4.53 10.30
CA PRO B 364 -10.09 -5.23 11.20
C PRO B 364 -9.39 -4.39 12.26
N SER B 365 -9.58 -3.08 12.27
CA SER B 365 -8.83 -2.25 13.19
C SER B 365 -9.63 -1.08 13.75
N ILE B 366 -10.81 -1.38 14.30
CA ILE B 366 -11.60 -0.38 15.01
C ILE B 366 -10.97 -0.12 16.40
N GLU B 367 -10.45 1.09 16.55
CA GLU B 367 -9.75 1.50 17.75
C GLU B 367 -10.69 2.34 18.58
N ILE B 368 -11.29 1.70 19.58
CA ILE B 368 -12.45 2.22 20.29
C ILE B 368 -12.39 1.94 21.80
N GLY B 369 -13.15 2.73 22.56
CA GLY B 369 -13.25 2.62 24.00
C GLY B 369 -14.53 3.26 24.55
N THR B 370 -15.02 2.77 25.69
CA THR B 370 -16.12 3.43 26.41
C THR B 370 -15.71 4.01 27.76
N VAL B 371 -14.43 3.85 28.14
CA VAL B 371 -13.86 4.45 29.36
C VAL B 371 -12.61 5.23 29.00
N GLY B 372 -12.38 6.36 29.66
CA GLY B 372 -11.19 7.16 29.46
C GLY B 372 -11.26 8.17 28.32
N GLY B 373 -10.30 9.10 28.30
CA GLY B 373 -10.22 10.10 27.25
C GLY B 373 -11.45 10.99 27.21
N GLY B 374 -11.99 11.17 26.00
CA GLY B 374 -13.20 11.95 25.81
C GLY B 374 -14.47 11.31 26.34
N THR B 375 -14.48 10.00 26.60
CA THR B 375 -15.65 9.32 27.16
C THR B 375 -15.86 9.62 28.64
N ASN B 376 -15.00 10.47 29.19
CA ASN B 376 -15.13 10.95 30.55
C ASN B 376 -16.06 12.15 30.64
N LEU B 377 -16.29 12.84 29.51
CA LEU B 377 -17.08 14.06 29.49
C LEU B 377 -18.55 13.68 29.38
N LEU B 378 -19.41 14.46 30.03
CA LEU B 378 -20.84 14.12 30.21
C LEU B 378 -21.68 14.11 28.92
N PRO B 379 -21.54 15.11 28.05
CA PRO B 379 -22.23 15.07 26.76
C PRO B 379 -21.85 13.84 25.94
N GLN B 380 -20.55 13.53 25.91
CA GLN B 380 -20.05 12.35 25.21
C GLN B 380 -20.62 11.09 25.85
N GLN B 381 -20.74 11.10 27.17
CA GLN B 381 -21.33 9.96 27.90
C GLN B 381 -22.81 9.81 27.56
N ALA B 382 -23.50 10.90 27.26
CA ALA B 382 -24.92 10.83 26.89
C ALA B 382 -25.11 10.01 25.61
N CYS B 383 -24.24 10.25 24.63
CA CYS B 383 -24.27 9.51 23.38
C CYS B 383 -23.87 8.06 23.60
N LEU B 384 -22.98 7.81 24.56
CA LEU B 384 -22.64 6.42 24.90
C LEU B 384 -23.81 5.73 25.59
N GLN B 385 -24.49 6.43 26.50
CA GLN B 385 -25.67 5.90 27.20
C GLN B 385 -26.78 5.57 26.21
N MET B 386 -26.94 6.44 25.22
CA MET B 386 -27.86 6.22 24.11
C MET B 386 -27.74 4.79 23.58
N LEU B 387 -26.51 4.34 23.41
CA LEU B 387 -26.23 3.03 22.84
C LEU B 387 -26.16 1.89 23.88
N GLY B 388 -26.15 2.28 25.16
CA GLY B 388 -26.13 1.35 26.28
C GLY B 388 -24.75 0.80 26.53
N VAL B 389 -23.74 1.57 26.20
CA VAL B 389 -22.34 1.11 26.23
C VAL B 389 -21.43 1.99 27.10
N GLN B 390 -22.01 2.94 27.83
CA GLN B 390 -21.20 3.90 28.59
C GLN B 390 -20.43 3.19 29.70
N GLY B 391 -19.18 3.60 29.86
CA GLY B 391 -18.34 3.11 30.94
C GLY B 391 -18.02 1.63 30.93
N ALA B 392 -17.38 1.19 32.02
CA ALA B 392 -16.92 -0.18 32.13
C ALA B 392 -18.07 -1.14 32.34
N CYS B 393 -17.92 -2.35 31.82
CA CYS B 393 -18.86 -3.44 32.05
C CYS B 393 -18.30 -4.35 33.16
N LYS B 394 -18.95 -4.31 34.32
CA LYS B 394 -18.46 -5.03 35.50
C LYS B 394 -18.40 -6.55 35.31
N ASP B 395 -19.51 -7.13 34.87
CA ASP B 395 -19.67 -8.59 34.81
C ASP B 395 -19.01 -9.26 33.59
N ASN B 396 -18.81 -8.50 32.51
CA ASN B 396 -18.04 -8.97 31.36
C ASN B 396 -17.17 -7.85 30.78
N PRO B 397 -15.96 -7.65 31.34
CA PRO B 397 -15.09 -6.55 30.88
C PRO B 397 -14.81 -6.62 29.39
N GLY B 398 -14.88 -5.47 28.73
CA GLY B 398 -14.74 -5.37 27.30
C GLY B 398 -16.05 -5.41 26.52
N GLU B 399 -17.14 -5.85 27.14
CA GLU B 399 -18.39 -6.04 26.43
C GLU B 399 -18.95 -4.72 25.90
N ASN B 400 -18.69 -3.61 26.58
CA ASN B 400 -19.16 -2.30 26.10
C ASN B 400 -18.33 -1.72 24.93
N ALA B 401 -17.01 -1.88 24.98
CA ALA B 401 -16.14 -1.51 23.85
C ALA B 401 -16.40 -2.42 22.64
N ARG B 402 -16.61 -3.71 22.89
CA ARG B 402 -16.91 -4.67 21.81
C ARG B 402 -18.25 -4.37 21.14
N GLN B 403 -19.26 -4.07 21.95
CA GLN B 403 -20.60 -3.74 21.46
C GLN B 403 -20.57 -2.43 20.69
N LEU B 404 -19.78 -1.47 21.12
CA LEU B 404 -19.66 -0.23 20.38
C LEU B 404 -18.98 -0.48 19.01
N ALA B 405 -18.00 -1.38 18.97
CA ALA B 405 -17.29 -1.69 17.73
C ALA B 405 -18.21 -2.40 16.74
N ARG B 406 -19.09 -3.26 17.24
CA ARG B 406 -20.10 -3.91 16.41
C ARG B 406 -21.08 -2.87 15.85
N ILE B 407 -21.49 -1.91 16.66
CA ILE B 407 -22.41 -0.86 16.22
C ILE B 407 -21.76 0.05 15.15
N VAL B 408 -20.46 0.31 15.30
CA VAL B 408 -19.74 1.11 14.32
C VAL B 408 -19.71 0.40 12.99
N CYS B 409 -19.43 -0.91 13.00
CA CYS B 409 -19.34 -1.70 11.79
C CYS B 409 -20.70 -1.83 11.13
N GLY B 410 -21.73 -2.06 11.94
CA GLY B 410 -23.08 -2.14 11.46
C GLY B 410 -23.61 -0.84 10.87
N THR B 411 -23.23 0.27 11.47
CA THR B 411 -23.62 1.58 10.98
C THR B 411 -22.85 1.91 9.68
N VAL B 412 -21.58 1.52 9.62
CA VAL B 412 -20.79 1.68 8.39
C VAL B 412 -21.49 0.91 7.27
N MET B 413 -21.97 -0.29 7.57
CA MET B 413 -22.67 -1.09 6.58
C MET B 413 -23.95 -0.42 6.11
N ALA B 414 -24.68 0.20 7.02
CA ALA B 414 -25.86 0.96 6.62
C ALA B 414 -25.45 2.08 5.67
N GLY B 415 -24.41 2.80 6.01
CA GLY B 415 -23.90 3.88 5.18
C GLY B 415 -23.48 3.40 3.81
N GLU B 416 -22.91 2.21 3.73
CA GLU B 416 -22.41 1.70 2.47
C GLU B 416 -23.60 1.36 1.59
N LEU B 417 -24.64 0.79 2.20
CA LEU B 417 -25.84 0.43 1.47
C LEU B 417 -26.44 1.64 0.77
N SER B 418 -26.62 2.71 1.54
CA SER B 418 -27.33 3.89 1.06
C SER B 418 -26.53 4.61 -0.01
N LEU B 419 -25.25 4.88 0.25
CA LEU B 419 -24.40 5.59 -0.72
C LEU B 419 -24.26 4.78 -2.00
N MET B 420 -23.97 3.50 -1.86
CA MET B 420 -23.79 2.64 -3.04
C MET B 420 -25.08 2.57 -3.88
N ALA B 421 -26.22 2.55 -3.19
CA ALA B 421 -27.51 2.57 -3.87
C ALA B 421 -27.70 3.85 -4.65
N ALA B 422 -27.33 4.98 -4.04
CA ALA B 422 -27.42 6.27 -4.71
C ALA B 422 -26.48 6.36 -5.91
N LEU B 423 -25.29 5.79 -5.80
CA LEU B 423 -24.34 5.79 -6.89
C LEU B 423 -24.85 4.90 -8.03
N ALA B 424 -25.48 3.79 -7.67
CA ALA B 424 -26.00 2.84 -8.65
C ALA B 424 -27.15 3.40 -9.49
N ALA B 425 -28.02 4.19 -8.87
CA ALA B 425 -29.18 4.75 -9.59
C ALA B 425 -28.84 5.99 -10.41
N GLY B 426 -28.06 6.91 -9.84
CA GLY B 426 -27.56 8.09 -10.51
C GLY B 426 -27.99 9.42 -9.90
N HIS B 427 -27.46 10.50 -10.48
CA HIS B 427 -28.01 11.87 -10.36
C HIS B 427 -27.65 12.64 -9.10
N PRO C 10 6.92 -44.18 -46.87
CA PRO C 10 5.55 -44.37 -47.45
C PRO C 10 4.46 -44.32 -46.39
N ASN C 11 3.25 -43.86 -46.76
CA ASN C 11 2.20 -43.58 -45.78
C ASN C 11 1.66 -44.82 -45.05
N GLU C 12 1.28 -45.85 -45.81
CA GLU C 12 0.69 -47.06 -45.21
C GLU C 12 1.76 -48.06 -44.74
N GLU C 13 2.93 -48.02 -45.36
CA GLU C 13 4.04 -48.90 -45.00
C GLU C 13 4.64 -48.51 -43.65
N CYS C 14 4.68 -47.21 -43.37
CA CYS C 14 5.20 -46.70 -42.10
C CYS C 14 4.18 -46.87 -40.98
N LEU C 15 2.89 -46.80 -41.33
CA LEU C 15 1.82 -47.05 -40.36
C LEU C 15 1.89 -48.47 -39.80
N GLN C 16 2.26 -49.44 -40.65
CA GLN C 16 2.40 -50.83 -40.22
C GLN C 16 3.64 -51.01 -39.33
N ILE C 17 4.65 -50.17 -39.52
CA ILE C 17 5.87 -50.21 -38.71
C ILE C 17 5.68 -49.66 -37.30
N LEU C 18 4.83 -48.64 -37.16
CA LEU C 18 4.51 -48.08 -35.84
C LEU C 18 3.69 -49.07 -35.02
N GLY C 19 2.69 -49.68 -35.67
CA GLY C 19 1.79 -50.63 -35.02
C GLY C 19 2.46 -51.90 -34.52
N ASN C 20 3.53 -52.33 -35.18
CA ASN C 20 4.32 -53.48 -34.72
C ASN C 20 5.05 -53.11 -33.44
N ALA C 21 4.62 -53.73 -32.33
CA ALA C 21 5.11 -53.40 -30.99
C ALA C 21 6.63 -53.39 -30.86
N GLU C 22 7.30 -54.29 -31.59
CA GLU C 22 8.76 -54.46 -31.50
C GLU C 22 9.56 -53.54 -32.44
N LYS C 23 8.93 -53.09 -33.52
CA LYS C 23 9.60 -52.20 -34.49
C LYS C 23 9.76 -50.76 -33.98
N GLY C 24 8.68 -49.99 -34.02
CA GLY C 24 8.67 -48.61 -33.54
C GLY C 24 9.02 -47.56 -34.59
N ALA C 25 8.92 -46.29 -34.19
CA ALA C 25 9.25 -45.15 -35.05
C ALA C 25 10.76 -44.99 -35.26
N LYS C 26 11.55 -45.67 -34.44
CA LYS C 26 13.02 -45.72 -34.61
C LYS C 26 13.42 -46.20 -36.02
N PHE C 27 12.60 -47.08 -36.60
CA PHE C 27 12.83 -47.59 -37.96
C PHE C 27 12.31 -46.64 -39.06
N LEU C 28 11.98 -45.40 -38.68
CA LEU C 28 11.51 -44.39 -39.62
C LEU C 28 12.44 -43.20 -39.63
N SER C 29 12.31 -42.35 -40.64
CA SER C 29 13.09 -41.12 -40.76
C SER C 29 12.23 -39.92 -40.36
N ASP C 30 12.87 -38.78 -40.20
CA ASP C 30 12.17 -37.54 -39.83
C ASP C 30 11.08 -37.21 -40.83
N ALA C 31 11.45 -37.23 -42.12
CA ALA C 31 10.52 -36.89 -43.20
C ALA C 31 9.32 -37.82 -43.26
N GLU C 32 9.51 -39.07 -42.86
CA GLU C 32 8.44 -40.08 -42.89
C GLU C 32 7.38 -39.78 -41.83
N ILE C 33 7.79 -39.60 -40.58
CA ILE C 33 6.86 -39.22 -39.50
C ILE C 33 6.09 -37.93 -39.83
N ILE C 34 6.79 -36.95 -40.39
CA ILE C 34 6.20 -35.66 -40.74
C ILE C 34 5.17 -35.79 -41.87
N GLN C 35 5.41 -36.68 -42.81
CA GLN C 35 4.47 -36.96 -43.90
C GLN C 35 3.16 -37.53 -43.33
N LEU C 36 3.30 -38.38 -42.32
CA LEU C 36 2.17 -39.04 -41.67
C LEU C 36 1.25 -38.02 -40.99
N VAL C 37 1.85 -37.10 -40.25
CA VAL C 37 1.09 -36.07 -39.52
C VAL C 37 0.36 -35.14 -40.49
N ASN C 38 1.06 -34.66 -41.51
CA ASN C 38 0.52 -33.65 -42.43
C ASN C 38 -0.57 -34.15 -43.39
N ALA C 39 -0.65 -35.46 -43.60
CA ALA C 39 -1.71 -36.07 -44.41
C ALA C 39 -2.93 -36.44 -43.57
N LYS C 40 -2.82 -36.27 -42.25
CA LYS C 40 -3.88 -36.58 -41.28
C LYS C 40 -3.99 -38.09 -41.01
N HIS C 41 -2.94 -38.84 -41.32
CA HIS C 41 -2.88 -40.26 -40.96
C HIS C 41 -2.68 -40.41 -39.46
N ILE C 42 -1.85 -39.56 -38.88
CA ILE C 42 -1.57 -39.58 -37.44
C ILE C 42 -1.84 -38.22 -36.80
N PRO C 43 -2.60 -38.20 -35.71
CA PRO C 43 -2.73 -37.00 -34.87
C PRO C 43 -1.38 -36.54 -34.30
N ALA C 44 -1.14 -35.22 -34.34
CA ALA C 44 0.14 -34.64 -33.92
C ALA C 44 0.45 -34.81 -32.43
N TYR C 45 -0.58 -34.89 -31.59
CA TYR C 45 -0.38 -35.07 -30.14
C TYR C 45 0.11 -36.48 -29.75
N LYS C 46 -0.01 -37.44 -30.68
CA LYS C 46 0.44 -38.82 -30.45
C LYS C 46 1.93 -39.02 -30.73
N LEU C 47 2.74 -37.97 -30.69
CA LEU C 47 4.17 -38.07 -31.00
C LEU C 47 5.03 -38.30 -29.75
N GLU C 48 4.62 -37.73 -28.62
CA GLU C 48 5.29 -37.99 -27.36
C GLU C 48 5.25 -39.49 -27.01
N THR C 49 4.10 -40.11 -27.26
CA THR C 49 3.87 -41.52 -26.93
C THR C 49 4.57 -42.47 -27.90
N LEU C 50 4.53 -42.15 -29.20
CA LEU C 50 5.10 -43.02 -30.23
C LEU C 50 6.63 -42.95 -30.25
N ILE C 51 7.17 -41.79 -30.60
CA ILE C 51 8.63 -41.59 -30.65
C ILE C 51 9.22 -41.97 -29.30
N GLU C 52 10.21 -42.87 -29.32
CA GLU C 52 10.76 -43.48 -28.11
C GLU C 52 11.81 -42.59 -27.43
N THR C 53 12.59 -41.86 -28.24
CA THR C 53 13.71 -41.05 -27.73
C THR C 53 13.32 -39.56 -27.54
N HIS C 54 14.06 -38.85 -26.68
CA HIS C 54 13.69 -37.49 -26.26
C HIS C 54 14.22 -36.37 -27.20
N GLU C 55 15.51 -36.39 -27.50
CA GLU C 55 16.09 -35.37 -28.39
C GLU C 55 15.47 -35.39 -29.78
N ARG C 56 15.09 -36.57 -30.25
CA ARG C 56 14.41 -36.69 -31.54
C ARG C 56 12.97 -36.14 -31.45
N GLY C 57 12.31 -36.36 -30.32
CA GLY C 57 11.02 -35.74 -30.06
C GLY C 57 11.08 -34.22 -30.19
N VAL C 58 12.05 -33.63 -29.50
CA VAL C 58 12.34 -32.20 -29.57
C VAL C 58 12.59 -31.74 -31.00
N SER C 59 13.38 -32.52 -31.74
CA SER C 59 13.72 -32.21 -33.13
C SER C 59 12.51 -32.22 -34.07
N ILE C 60 11.63 -33.22 -33.93
CA ILE C 60 10.45 -33.34 -34.79
C ILE C 60 9.47 -32.21 -34.45
N ARG C 61 9.32 -31.91 -33.16
CA ARG C 61 8.46 -30.81 -32.73
C ARG C 61 8.93 -29.49 -33.34
N ARG C 62 10.24 -29.28 -33.37
CA ARG C 62 10.85 -28.09 -33.97
C ARG C 62 10.60 -27.98 -35.46
N GLN C 63 10.71 -29.10 -36.15
CA GLN C 63 10.55 -29.11 -37.60
C GLN C 63 9.11 -28.84 -37.96
N LEU C 64 8.18 -29.46 -37.23
CA LEU C 64 6.74 -29.25 -37.43
C LEU C 64 6.41 -27.80 -37.14
N LEU C 65 7.01 -27.26 -36.09
CA LEU C 65 6.72 -25.88 -35.68
C LEU C 65 7.26 -24.87 -36.70
N SER C 66 8.42 -25.15 -37.26
CA SER C 66 9.11 -24.22 -38.14
C SER C 66 8.32 -23.95 -39.43
N LYS C 67 7.55 -24.95 -39.88
CA LYS C 67 6.72 -24.79 -41.07
C LYS C 67 5.53 -23.83 -40.84
N LYS C 68 5.17 -23.59 -39.59
CA LYS C 68 4.07 -22.67 -39.25
C LYS C 68 4.51 -21.25 -38.94
N LEU C 69 5.82 -21.00 -38.86
CA LEU C 69 6.32 -19.67 -38.57
C LEU C 69 6.41 -18.88 -39.87
N SER C 70 6.25 -17.56 -39.78
CA SER C 70 6.41 -16.70 -40.95
C SER C 70 7.87 -16.66 -41.44
N GLU C 71 8.80 -16.99 -40.54
CA GLU C 71 10.19 -17.24 -40.91
C GLU C 71 10.52 -18.66 -40.46
N PRO C 72 10.45 -19.62 -41.37
CA PRO C 72 10.78 -21.02 -41.07
C PRO C 72 12.18 -21.27 -40.52
N SER C 73 13.11 -20.34 -40.74
CA SER C 73 14.48 -20.43 -40.22
C SER C 73 14.67 -19.77 -38.84
N SER C 74 13.59 -19.53 -38.12
CA SER C 74 13.68 -18.79 -36.85
C SER C 74 14.53 -19.55 -35.82
N LEU C 75 14.35 -20.86 -35.75
CA LEU C 75 14.96 -21.68 -34.72
C LEU C 75 16.41 -22.08 -34.99
N GLN C 76 16.97 -21.63 -36.11
CA GLN C 76 18.36 -21.95 -36.49
C GLN C 76 19.32 -21.93 -35.30
N TYR C 77 19.31 -20.83 -34.56
CA TYR C 77 20.30 -20.62 -33.50
C TYR C 77 19.78 -20.92 -32.09
N LEU C 78 18.57 -21.46 -31.98
CA LEU C 78 18.09 -22.01 -30.71
C LEU C 78 18.66 -23.42 -30.55
N PRO C 79 19.60 -23.60 -29.63
CA PRO C 79 20.23 -24.92 -29.47
C PRO C 79 19.28 -25.90 -28.80
N TYR C 80 19.43 -27.17 -29.13
CA TYR C 80 18.62 -28.23 -28.53
C TYR C 80 19.37 -29.57 -28.34
N ARG C 81 20.53 -29.73 -28.99
CA ARG C 81 21.24 -30.99 -29.05
C ARG C 81 22.11 -31.19 -27.82
N ASP C 82 22.27 -32.45 -27.41
CA ASP C 82 23.20 -32.85 -26.35
C ASP C 82 22.85 -32.13 -25.05
N TYR C 83 21.60 -32.32 -24.63
CA TYR C 83 21.09 -31.82 -23.37
C TYR C 83 20.25 -32.92 -22.71
N ASN C 84 20.30 -32.97 -21.39
CA ASN C 84 19.63 -34.03 -20.65
C ASN C 84 18.13 -33.78 -20.49
N TYR C 85 17.36 -34.15 -21.52
CA TYR C 85 15.92 -33.96 -21.52
C TYR C 85 15.17 -35.01 -20.69
N SER C 86 15.86 -36.03 -20.18
CA SER C 86 15.21 -37.02 -19.32
C SER C 86 14.79 -36.42 -17.97
N LEU C 87 15.56 -35.45 -17.48
CA LEU C 87 15.22 -34.76 -16.23
C LEU C 87 14.30 -33.54 -16.43
N VAL C 88 13.99 -33.19 -17.69
CA VAL C 88 13.10 -32.09 -18.01
C VAL C 88 11.71 -32.60 -18.38
N MET C 89 11.62 -33.52 -19.33
CA MET C 89 10.34 -34.09 -19.76
C MET C 89 9.57 -34.64 -18.58
N GLY C 90 8.30 -34.24 -18.49
CA GLY C 90 7.38 -34.75 -17.49
C GLY C 90 7.67 -34.27 -16.07
N ALA C 91 8.42 -33.19 -15.93
CA ALA C 91 8.80 -32.65 -14.62
C ALA C 91 9.00 -31.11 -14.60
N CYS C 92 9.71 -30.55 -15.59
CA CYS C 92 10.12 -29.14 -15.61
C CYS C 92 9.64 -28.30 -16.80
N CYS C 93 9.29 -28.94 -17.91
CA CYS C 93 8.86 -28.22 -19.11
C CYS C 93 8.11 -29.11 -20.14
N GLU C 94 7.22 -28.49 -20.92
CA GLU C 94 6.45 -29.20 -21.93
C GLU C 94 6.55 -28.54 -23.30
N ASN C 95 6.18 -29.29 -24.34
CA ASN C 95 6.26 -28.84 -25.72
C ASN C 95 7.64 -28.24 -25.97
N VAL C 96 8.67 -28.98 -25.59
CA VAL C 96 10.03 -28.47 -25.55
C VAL C 96 10.64 -28.44 -26.93
N ILE C 97 11.27 -27.32 -27.25
CA ILE C 97 11.86 -27.14 -28.55
C ILE C 97 13.35 -26.85 -28.47
N GLY C 98 13.91 -26.86 -27.26
CA GLY C 98 15.32 -26.55 -27.10
C GLY C 98 15.66 -26.01 -25.74
N TYR C 99 16.77 -25.27 -25.67
CA TYR C 99 17.18 -24.62 -24.44
C TYR C 99 17.77 -23.22 -24.69
N MET C 100 17.68 -22.39 -23.66
CA MET C 100 18.13 -21.01 -23.73
C MET C 100 19.33 -20.87 -22.79
N PRO C 101 20.52 -20.68 -23.36
CA PRO C 101 21.72 -20.45 -22.58
C PRO C 101 21.79 -19.06 -21.98
N ILE C 102 21.93 -18.98 -20.67
CA ILE C 102 22.12 -17.69 -19.98
C ILE C 102 23.56 -17.66 -19.50
N PRO C 103 24.34 -16.68 -19.90
CA PRO C 103 25.73 -16.57 -19.42
C PRO C 103 25.82 -16.59 -17.90
N VAL C 104 26.80 -17.33 -17.36
CA VAL C 104 27.06 -17.40 -15.94
C VAL C 104 28.40 -16.75 -15.63
N GLY C 105 28.40 -15.73 -14.79
CA GLY C 105 29.60 -15.08 -14.30
C GLY C 105 29.75 -15.38 -12.83
N VAL C 106 30.92 -15.08 -12.27
CA VAL C 106 31.19 -15.38 -10.87
C VAL C 106 31.55 -14.12 -10.11
N ALA C 107 30.95 -13.96 -8.94
CA ALA C 107 31.31 -12.90 -8.01
C ALA C 107 31.79 -13.50 -6.71
N GLY C 108 32.97 -13.08 -6.27
CA GLY C 108 33.57 -13.59 -5.06
C GLY C 108 35.06 -13.29 -5.01
N PRO C 109 35.71 -13.65 -3.90
CA PRO C 109 35.06 -14.36 -2.78
C PRO C 109 34.15 -13.48 -1.93
N LEU C 110 33.03 -14.05 -1.51
CA LEU C 110 32.10 -13.38 -0.62
C LEU C 110 32.34 -13.93 0.77
N CYS C 111 32.87 -13.10 1.65
CA CYS C 111 33.27 -13.54 2.96
C CYS C 111 32.07 -13.42 3.90
N LEU C 112 31.38 -14.54 4.10
CA LEU C 112 30.12 -14.60 4.84
C LEU C 112 30.18 -15.68 5.93
N ASP C 113 29.97 -15.25 7.17
CA ASP C 113 30.00 -16.13 8.34
C ASP C 113 31.22 -17.04 8.32
N GLU C 114 32.41 -16.43 8.20
CA GLU C 114 33.69 -17.15 8.26
C GLU C 114 33.91 -18.15 7.12
N LYS C 115 33.09 -18.11 6.09
CA LYS C 115 33.32 -18.92 4.90
C LYS C 115 33.59 -18.00 3.73
N GLU C 116 33.96 -18.59 2.60
CA GLU C 116 34.21 -17.82 1.38
C GLU C 116 33.49 -18.49 0.21
N PHE C 117 32.46 -17.82 -0.31
CA PHE C 117 31.67 -18.33 -1.40
C PHE C 117 32.06 -17.70 -2.74
N GLN C 118 32.06 -18.50 -3.79
CA GLN C 118 32.16 -18.02 -5.16
C GLN C 118 30.77 -18.15 -5.73
N VAL C 119 30.11 -17.01 -5.92
CA VAL C 119 28.67 -16.96 -6.21
C VAL C 119 28.37 -16.92 -7.71
N PRO C 120 27.73 -17.94 -8.24
CA PRO C 120 27.35 -17.94 -9.65
C PRO C 120 26.13 -17.06 -9.94
N MET C 121 26.21 -16.29 -11.02
CA MET C 121 25.17 -15.33 -11.36
C MET C 121 24.83 -15.44 -12.85
N ALA C 122 23.60 -15.88 -13.14
CA ALA C 122 23.15 -16.05 -14.51
C ALA C 122 22.43 -14.81 -15.02
N THR C 123 23.07 -14.06 -15.91
CA THR C 123 22.56 -12.79 -16.35
C THR C 123 23.00 -12.38 -17.77
N THR C 124 22.31 -11.41 -18.34
CA THR C 124 22.76 -10.73 -19.57
C THR C 124 22.87 -9.21 -19.41
N GLU C 125 22.88 -8.72 -18.17
CA GLU C 125 23.04 -7.28 -17.94
C GLU C 125 24.52 -6.98 -17.72
N GLY C 126 25.11 -6.23 -18.66
CA GLY C 126 26.51 -5.87 -18.55
C GLY C 126 26.82 -5.14 -17.27
N CYS C 127 27.95 -5.49 -16.67
CA CYS C 127 28.45 -4.86 -15.43
C CYS C 127 27.85 -5.37 -14.13
N LEU C 128 26.86 -6.25 -14.18
CA LEU C 128 26.20 -6.69 -12.96
C LEU C 128 27.13 -7.56 -12.13
N VAL C 129 27.78 -8.51 -12.78
CA VAL C 129 28.75 -9.38 -12.09
C VAL C 129 29.96 -8.57 -11.61
N ALA C 130 30.43 -7.62 -12.43
CA ALA C 130 31.60 -6.81 -12.07
C ALA C 130 31.30 -6.00 -10.83
N SER C 131 30.20 -5.27 -10.85
CA SER C 131 29.78 -4.43 -9.74
C SER C 131 29.59 -5.22 -8.47
N THR C 132 29.01 -6.41 -8.59
CA THR C 132 28.71 -7.26 -7.44
C THR C 132 30.02 -7.78 -6.85
N ASN C 133 30.98 -8.03 -7.75
CA ASN C 133 32.33 -8.45 -7.38
C ASN C 133 33.03 -7.39 -6.55
N ARG C 134 32.91 -6.13 -6.94
CA ARG C 134 33.52 -5.04 -6.21
C ARG C 134 32.91 -4.90 -4.81
N GLY C 135 31.61 -5.13 -4.71
CA GLY C 135 30.96 -5.16 -3.42
C GLY C 135 31.54 -6.25 -2.52
N CYS C 136 31.73 -7.43 -3.07
CA CYS C 136 32.32 -8.53 -2.33
C CYS C 136 33.71 -8.15 -1.84
N ARG C 137 34.43 -7.39 -2.67
CA ARG C 137 35.83 -7.03 -2.40
C ARG C 137 35.92 -6.04 -1.24
N ALA C 138 35.00 -5.08 -1.19
CA ALA C 138 34.95 -4.12 -0.09
C ALA C 138 34.53 -4.83 1.19
N ILE C 139 33.67 -5.83 1.08
CA ILE C 139 33.25 -6.61 2.23
C ILE C 139 34.42 -7.43 2.79
N GLY C 140 35.19 -8.06 1.91
CA GLY C 140 36.33 -8.87 2.30
C GLY C 140 37.41 -8.05 3.00
N LEU C 141 37.64 -6.83 2.54
CA LEU C 141 38.62 -5.93 3.12
C LEU C 141 38.12 -5.24 4.39
N GLY C 142 36.88 -5.52 4.76
CA GLY C 142 36.26 -4.96 5.94
C GLY C 142 36.02 -5.96 7.04
N GLY C 143 36.49 -7.20 6.86
CA GLY C 143 36.40 -8.24 7.88
C GLY C 143 35.28 -9.27 7.70
N GLY C 144 34.59 -9.25 6.55
CA GLY C 144 33.54 -10.19 6.27
C GLY C 144 32.16 -9.71 6.71
N ALA C 145 31.13 -10.45 6.29
CA ALA C 145 29.75 -10.17 6.60
C ALA C 145 29.25 -11.25 7.54
N SER C 146 28.20 -10.92 8.30
CA SER C 146 27.54 -11.85 9.19
C SER C 146 26.05 -11.87 8.86
N SER C 147 25.44 -13.04 8.91
CA SER C 147 24.02 -13.18 8.61
C SER C 147 23.33 -14.18 9.54
N ARG C 148 22.01 -14.06 9.63
CA ARG C 148 21.17 -14.96 10.43
C ARG C 148 19.82 -15.20 9.78
N VAL C 149 19.36 -16.44 9.80
CA VAL C 149 18.03 -16.78 9.33
C VAL C 149 17.07 -16.55 10.50
N LEU C 150 16.14 -15.61 10.32
CA LEU C 150 15.26 -15.17 11.40
C LEU C 150 14.01 -16.02 11.48
N ALA C 151 13.64 -16.62 10.36
CA ALA C 151 12.45 -17.46 10.31
C ALA C 151 12.51 -18.30 9.05
N ASP C 152 11.71 -19.36 9.01
CA ASP C 152 11.69 -20.27 7.88
C ASP C 152 10.33 -20.95 7.82
N GLY C 153 9.70 -20.90 6.65
CA GLY C 153 8.39 -21.50 6.46
C GLY C 153 7.72 -21.01 5.20
N MET C 154 7.52 -21.92 4.26
CA MET C 154 6.75 -21.66 3.06
C MET C 154 5.27 -21.60 3.43
N THR C 155 4.47 -20.88 2.64
CA THR C 155 3.04 -20.76 2.87
C THR C 155 2.20 -21.06 1.66
N ARG C 156 0.94 -21.34 1.93
CA ARG C 156 -0.11 -21.39 0.93
C ARG C 156 -1.37 -20.82 1.59
N GLY C 157 -2.13 -20.03 0.84
CA GLY C 157 -3.18 -19.20 1.42
C GLY C 157 -4.50 -19.39 0.71
N PRO C 158 -5.13 -20.56 0.87
CA PRO C 158 -6.44 -20.86 0.25
C PRO C 158 -7.54 -19.92 0.68
N VAL C 159 -8.59 -19.81 -0.13
CA VAL C 159 -9.80 -19.10 0.24
C VAL C 159 -10.99 -20.06 0.34
N VAL C 160 -11.63 -20.10 1.51
CA VAL C 160 -12.86 -20.87 1.70
C VAL C 160 -14.04 -19.93 1.96
N ARG C 161 -15.26 -20.38 1.68
CA ARG C 161 -16.44 -19.64 2.08
C ARG C 161 -17.50 -20.50 2.76
N LEU C 162 -18.19 -19.86 3.70
CA LEU C 162 -19.32 -20.46 4.39
C LEU C 162 -20.57 -19.71 3.98
N PRO C 163 -21.75 -20.20 4.33
CA PRO C 163 -22.99 -19.53 3.96
C PRO C 163 -23.08 -18.07 4.46
N ARG C 164 -22.48 -17.80 5.62
CA ARG C 164 -22.56 -16.49 6.25
C ARG C 164 -21.26 -16.14 6.97
N ALA C 165 -21.04 -14.84 7.18
CA ALA C 165 -19.94 -14.31 7.98
C ALA C 165 -19.96 -14.80 9.42
N CYS C 166 -21.15 -15.11 9.94
CA CYS C 166 -21.24 -15.67 11.29
C CYS C 166 -20.56 -17.03 11.30
N ASP C 167 -20.77 -17.78 10.24
CA ASP C 167 -20.15 -19.10 10.09
C ASP C 167 -18.63 -19.03 9.91
N SER C 168 -18.13 -18.11 9.07
CA SER C 168 -16.68 -17.99 8.86
C SER C 168 -15.99 -17.54 10.13
N ALA C 169 -16.60 -16.61 10.85
CA ALA C 169 -16.12 -16.24 12.17
C ALA C 169 -16.07 -17.43 13.12
N GLU C 170 -17.06 -18.32 13.03
CA GLU C 170 -17.08 -19.52 13.85
C GLU C 170 -15.89 -20.43 13.51
N VAL C 171 -15.61 -20.59 12.22
CA VAL C 171 -14.47 -21.41 11.80
C VAL C 171 -13.15 -20.79 12.27
N LYS C 172 -13.03 -19.47 12.15
CA LYS C 172 -11.82 -18.78 12.57
C LYS C 172 -11.56 -18.96 14.09
N ALA C 173 -12.61 -18.93 14.91
CA ALA C 173 -12.44 -19.12 16.36
C ALA C 173 -12.08 -20.57 16.69
N TRP C 174 -12.60 -21.49 15.88
CA TRP C 174 -12.34 -22.92 16.06
C TRP C 174 -10.88 -23.23 15.71
N LEU C 175 -10.36 -22.64 14.62
CA LEU C 175 -8.97 -22.84 14.23
C LEU C 175 -8.00 -22.17 15.21
N GLU C 176 -8.48 -21.21 15.99
CA GLU C 176 -7.67 -20.52 16.99
C GLU C 176 -7.68 -21.22 18.37
N THR C 177 -8.60 -22.16 18.57
CA THR C 177 -8.60 -22.97 19.79
C THR C 177 -7.44 -23.94 19.73
N SER C 178 -6.93 -24.31 20.91
CA SER C 178 -5.85 -25.29 21.01
C SER C 178 -6.25 -26.63 20.39
N GLU C 179 -7.50 -27.04 20.61
CA GLU C 179 -7.98 -28.35 20.15
C GLU C 179 -8.15 -28.37 18.64
N GLY C 180 -8.74 -27.31 18.11
CA GLY C 180 -8.95 -27.18 16.67
C GLY C 180 -7.66 -27.16 15.88
N PHE C 181 -6.70 -26.37 16.33
CA PHE C 181 -5.39 -26.31 15.68
C PHE C 181 -4.77 -27.70 15.65
N ALA C 182 -4.81 -28.39 16.79
CA ALA C 182 -4.25 -29.74 16.92
C ALA C 182 -4.77 -30.69 15.84
N VAL C 183 -6.08 -30.69 15.62
CA VAL C 183 -6.72 -31.59 14.65
C VAL C 183 -6.31 -31.25 13.21
N ILE C 184 -6.16 -29.95 12.94
CA ILE C 184 -5.75 -29.49 11.61
C ILE C 184 -4.28 -29.78 11.39
N LYS C 185 -3.48 -29.59 12.43
CA LYS C 185 -2.06 -29.85 12.37
C LYS C 185 -1.76 -31.31 12.11
N GLU C 186 -2.58 -32.21 12.64
CA GLU C 186 -2.34 -33.65 12.50
C GLU C 186 -2.59 -34.09 11.06
N ALA C 187 -3.68 -33.63 10.46
CA ALA C 187 -4.00 -33.97 9.08
C ALA C 187 -2.96 -33.41 8.10
N PHE C 188 -2.48 -32.20 8.36
CA PHE C 188 -1.48 -31.51 7.53
C PHE C 188 -0.12 -32.24 7.61
N ASP C 189 0.30 -32.51 8.85
CA ASP C 189 1.60 -33.12 9.13
C ASP C 189 1.73 -34.56 8.65
N SER C 190 0.60 -35.23 8.44
CA SER C 190 0.56 -36.63 8.02
C SER C 190 0.83 -36.86 6.52
N THR C 191 1.02 -35.79 5.75
CA THR C 191 1.25 -35.89 4.30
C THR C 191 2.74 -36.01 3.94
N SER C 192 3.61 -35.50 4.81
CA SER C 192 5.06 -35.43 4.51
C SER C 192 5.91 -35.44 5.80
N ARG C 193 7.12 -35.94 5.69
CA ARG C 193 8.06 -36.01 6.81
C ARG C 193 8.41 -34.64 7.36
N PHE C 194 8.56 -33.66 6.46
CA PHE C 194 8.93 -32.29 6.86
C PHE C 194 7.73 -31.38 7.13
N ALA C 195 6.53 -31.83 6.76
CA ALA C 195 5.30 -31.08 7.00
C ALA C 195 5.00 -30.98 8.49
N ARG C 196 5.37 -29.87 9.09
CA ARG C 196 5.03 -29.57 10.48
C ARG C 196 4.39 -28.17 10.56
N LEU C 197 3.06 -28.15 10.54
CA LEU C 197 2.26 -26.93 10.55
C LEU C 197 2.57 -26.06 11.76
N GLN C 198 2.99 -24.83 11.48
CA GLN C 198 3.18 -23.81 12.50
C GLN C 198 1.86 -23.06 12.67
N LYS C 199 1.85 -21.96 13.41
CA LYS C 199 0.60 -21.22 13.64
C LYS C 199 -0.11 -20.88 12.32
N LEU C 200 -1.44 -20.81 12.37
CA LEU C 200 -2.24 -20.38 11.23
C LEU C 200 -2.40 -18.89 11.31
N HIS C 201 -2.45 -18.24 10.16
CA HIS C 201 -2.82 -16.84 10.07
C HIS C 201 -4.09 -16.75 9.23
N THR C 202 -5.16 -16.18 9.77
CA THR C 202 -6.42 -16.10 9.04
C THR C 202 -6.99 -14.69 9.00
N SER C 203 -7.70 -14.41 7.91
CA SER C 203 -8.43 -13.17 7.74
C SER C 203 -9.79 -13.47 7.16
N ILE C 204 -10.79 -12.84 7.74
CA ILE C 204 -12.15 -12.93 7.24
C ILE C 204 -12.39 -11.75 6.31
N ALA C 205 -13.07 -12.03 5.19
CA ALA C 205 -13.68 -11.00 4.37
C ALA C 205 -15.14 -11.44 4.14
N GLY C 206 -16.02 -11.01 5.04
CA GLY C 206 -17.41 -11.45 4.99
C GLY C 206 -17.51 -12.93 5.28
N ARG C 207 -18.16 -13.64 4.37
CA ARG C 207 -18.32 -15.08 4.51
C ARG C 207 -17.12 -15.85 3.93
N ASN C 208 -16.13 -15.13 3.41
CA ASN C 208 -14.83 -15.71 3.07
C ASN C 208 -13.87 -15.80 4.26
N LEU C 209 -13.04 -16.83 4.23
CA LEU C 209 -12.01 -17.05 5.22
C LEU C 209 -10.74 -17.42 4.48
N TYR C 210 -9.71 -16.60 4.64
CA TYR C 210 -8.41 -16.84 4.03
C TYR C 210 -7.50 -17.46 5.07
N ILE C 211 -7.00 -18.66 4.81
CA ILE C 211 -6.20 -19.40 5.77
C ILE C 211 -4.78 -19.59 5.25
N ARG C 212 -3.84 -19.00 5.96
CA ARG C 212 -2.43 -19.05 5.60
C ARG C 212 -1.72 -20.19 6.36
N PHE C 213 -1.55 -21.33 5.71
CA PHE C 213 -0.80 -22.45 6.28
C PHE C 213 0.68 -22.18 6.11
N GLN C 214 1.45 -22.33 7.18
CA GLN C 214 2.90 -22.15 7.13
C GLN C 214 3.61 -23.38 7.67
N SER C 215 4.65 -23.81 6.97
CA SER C 215 5.46 -24.94 7.42
C SER C 215 6.84 -24.98 6.77
N ARG C 216 7.81 -25.50 7.51
CA ARG C 216 9.13 -25.78 6.95
C ARG C 216 8.95 -26.90 5.94
N SER C 217 9.98 -27.17 5.15
CA SER C 217 9.88 -28.12 4.07
C SER C 217 11.22 -28.74 3.72
N GLY C 218 12.02 -29.05 4.72
CA GLY C 218 13.37 -29.55 4.49
C GLY C 218 14.16 -28.55 3.66
N ASP C 219 14.83 -29.04 2.62
CA ASP C 219 15.62 -28.17 1.76
C ASP C 219 14.89 -27.78 0.48
N ALA C 220 13.66 -28.24 0.32
CA ALA C 220 12.86 -27.89 -0.84
C ALA C 220 12.23 -26.53 -0.58
N MET C 221 11.87 -25.83 -1.65
CA MET C 221 11.22 -24.52 -1.53
C MET C 221 9.87 -24.68 -0.81
N GLY C 222 9.17 -25.76 -1.12
CA GLY C 222 8.04 -26.19 -0.32
C GLY C 222 6.69 -26.12 -0.99
N MET C 223 6.57 -25.44 -2.12
CA MET C 223 5.25 -25.14 -2.71
C MET C 223 4.36 -26.38 -2.75
N ASN C 224 4.79 -27.39 -3.50
CA ASN C 224 4.00 -28.61 -3.71
C ASN C 224 3.66 -29.31 -2.39
N MET C 225 4.67 -29.52 -1.56
CA MET C 225 4.48 -30.20 -0.29
C MET C 225 3.44 -29.49 0.56
N ILE C 226 3.59 -28.18 0.72
CA ILE C 226 2.65 -27.38 1.52
C ILE C 226 1.25 -27.45 0.91
N SER C 227 1.15 -27.44 -0.41
CA SER C 227 -0.14 -27.47 -1.10
C SER C 227 -0.88 -28.80 -0.87
N LYS C 228 -0.13 -29.89 -0.72
CA LYS C 228 -0.72 -31.20 -0.46
C LYS C 228 -1.16 -31.31 1.00
N GLY C 229 -0.32 -30.82 1.92
CA GLY C 229 -0.67 -30.76 3.32
C GLY C 229 -1.89 -29.89 3.54
N THR C 230 -1.95 -28.79 2.80
CA THR C 230 -3.06 -27.85 2.86
C THR C 230 -4.36 -28.51 2.45
N GLU C 231 -4.32 -29.30 1.39
CA GLU C 231 -5.53 -29.97 0.89
C GLU C 231 -6.10 -30.97 1.88
N LYS C 232 -5.22 -31.71 2.56
CA LYS C 232 -5.68 -32.74 3.51
C LYS C 232 -6.20 -32.08 4.76
N ALA C 233 -5.53 -30.99 5.18
CA ALA C 233 -5.96 -30.18 6.30
C ALA C 233 -7.37 -29.63 6.10
N LEU C 234 -7.64 -29.12 4.90
CA LEU C 234 -8.94 -28.53 4.59
C LEU C 234 -10.02 -29.61 4.47
N SER C 235 -9.60 -30.82 4.11
CA SER C 235 -10.50 -31.97 4.06
C SER C 235 -10.97 -32.33 5.47
N LYS C 236 -10.05 -32.25 6.43
CA LYS C 236 -10.37 -32.44 7.84
C LYS C 236 -11.34 -31.36 8.33
N LEU C 237 -11.11 -30.12 7.90
CA LEU C 237 -11.92 -28.99 8.31
C LEU C 237 -13.34 -29.15 7.78
N HIS C 238 -13.46 -29.69 6.58
CA HIS C 238 -14.77 -29.92 5.97
C HIS C 238 -15.61 -30.94 6.76
N GLU C 239 -14.96 -31.84 7.49
CA GLU C 239 -15.67 -32.80 8.35
C GLU C 239 -16.27 -32.11 9.58
N TYR C 240 -15.60 -31.09 10.08
CA TYR C 240 -16.14 -30.26 11.18
C TYR C 240 -17.15 -29.22 10.70
N PHE C 241 -17.11 -28.88 9.41
CA PHE C 241 -17.92 -27.81 8.84
C PHE C 241 -18.29 -28.18 7.41
N PRO C 242 -19.26 -29.09 7.25
CA PRO C 242 -19.74 -29.50 5.91
C PRO C 242 -20.28 -28.40 4.98
N GLU C 243 -20.74 -27.27 5.52
CA GLU C 243 -21.26 -26.17 4.69
C GLU C 243 -20.12 -25.36 4.03
N MET C 244 -18.89 -25.66 4.41
CA MET C 244 -17.72 -24.94 3.89
C MET C 244 -17.43 -25.34 2.44
N GLN C 245 -17.21 -24.34 1.60
CA GLN C 245 -16.85 -24.54 0.19
C GLN C 245 -15.39 -24.19 0.03
N ILE C 246 -14.60 -25.11 -0.52
CA ILE C 246 -13.21 -24.82 -0.84
C ILE C 246 -13.22 -24.11 -2.18
N LEU C 247 -13.12 -22.78 -2.14
CA LEU C 247 -13.23 -21.99 -3.36
C LEU C 247 -12.01 -22.16 -4.27
N ALA C 248 -10.83 -22.02 -3.70
CA ALA C 248 -9.56 -22.20 -4.42
C ALA C 248 -8.42 -22.48 -3.43
N VAL C 249 -7.59 -23.48 -3.72
CA VAL C 249 -6.49 -23.85 -2.84
C VAL C 249 -5.47 -22.71 -2.64
N SER C 250 -5.39 -21.80 -3.62
CA SER C 250 -4.74 -20.52 -3.43
C SER C 250 -5.76 -19.42 -3.61
N GLY C 251 -6.00 -18.66 -2.55
CA GLY C 251 -6.80 -17.45 -2.62
C GLY C 251 -5.98 -16.17 -2.58
N ASN C 252 -4.72 -16.26 -3.06
CA ASN C 252 -3.75 -15.15 -3.08
C ASN C 252 -3.34 -14.63 -1.71
N TYR C 253 -3.58 -15.41 -0.67
CA TYR C 253 -3.20 -15.03 0.68
C TYR C 253 -1.84 -15.60 1.08
N CYS C 254 -1.20 -16.31 0.15
CA CYS C 254 0.07 -16.96 0.40
C CYS C 254 1.18 -15.98 0.79
N THR C 255 1.54 -14.96 -0.01
CA THR C 255 1.12 -14.73 -1.37
C THR C 255 2.29 -15.12 -2.28
N ASP C 256 1.97 -15.85 -3.35
CA ASP C 256 2.97 -16.41 -4.24
C ASP C 256 3.07 -15.60 -5.54
N LYS C 257 4.25 -15.07 -5.82
CA LYS C 257 4.56 -14.46 -7.13
C LYS C 257 3.78 -13.17 -7.47
N LYS C 258 3.20 -12.54 -6.45
CA LYS C 258 2.64 -11.20 -6.55
C LYS C 258 3.13 -10.38 -5.37
N PRO C 259 3.28 -9.08 -5.53
CA PRO C 259 3.65 -8.23 -4.38
C PRO C 259 2.54 -8.24 -3.33
N ALA C 260 2.94 -8.34 -2.07
CA ALA C 260 1.98 -8.40 -0.99
C ALA C 260 2.63 -8.06 0.34
N ALA C 261 2.02 -7.12 1.05
CA ALA C 261 2.47 -6.69 2.35
C ALA C 261 2.53 -7.84 3.35
N ILE C 262 1.70 -8.87 3.18
CA ILE C 262 1.74 -9.98 4.13
C ILE C 262 3.09 -10.72 4.08
N ASN C 263 3.66 -10.89 2.90
CA ASN C 263 5.00 -11.48 2.81
C ASN C 263 6.03 -10.60 3.50
N TRP C 264 5.91 -9.29 3.33
CA TRP C 264 6.82 -8.32 3.93
C TRP C 264 6.74 -8.27 5.45
N ILE C 265 5.54 -8.50 6.01
CA ILE C 265 5.31 -8.36 7.43
C ILE C 265 5.41 -9.71 8.15
N GLU C 266 4.77 -10.73 7.60
CA GLU C 266 4.82 -12.07 8.20
C GLU C 266 6.05 -12.90 7.77
N GLY C 267 6.62 -12.53 6.63
CA GLY C 267 7.66 -13.34 6.02
C GLY C 267 7.07 -14.48 5.20
N ARG C 268 7.91 -15.03 4.34
CA ARG C 268 7.56 -16.19 3.55
C ARG C 268 8.86 -16.84 3.12
N GLY C 269 8.92 -18.16 3.22
CA GLY C 269 10.18 -18.87 3.01
C GLY C 269 11.14 -18.50 4.10
N LYS C 270 12.38 -18.14 3.72
CA LYS C 270 13.39 -17.70 4.68
C LYS C 270 13.38 -16.19 4.85
N SER C 271 13.31 -15.72 6.09
CA SER C 271 13.56 -14.33 6.41
C SER C 271 15.01 -14.26 6.86
N VAL C 272 15.74 -13.26 6.42
CA VAL C 272 17.19 -13.25 6.59
C VAL C 272 17.68 -11.84 6.83
N VAL C 273 18.71 -11.71 7.64
CA VAL C 273 19.37 -10.43 7.83
C VAL C 273 20.88 -10.62 7.58
N CYS C 274 21.52 -9.58 7.08
CA CYS C 274 22.95 -9.59 6.80
C CYS C 274 23.53 -8.22 7.12
N GLU C 275 24.78 -8.18 7.56
CA GLU C 275 25.43 -6.93 7.95
C GLU C 275 26.95 -6.97 7.79
N ALA C 276 27.58 -5.79 7.75
CA ALA C 276 29.03 -5.66 7.68
C ALA C 276 29.43 -4.23 8.01
N VAL C 277 30.72 -4.02 8.25
CA VAL C 277 31.28 -2.68 8.44
C VAL C 277 32.44 -2.53 7.46
N ILE C 278 32.38 -1.47 6.65
CA ILE C 278 33.40 -1.17 5.68
C ILE C 278 34.21 0.00 6.22
N PRO C 279 35.51 -0.20 6.46
CA PRO C 279 36.39 0.86 6.94
C PRO C 279 36.41 2.06 6.01
N ALA C 280 36.59 3.25 6.58
CA ALA C 280 36.62 4.48 5.79
C ALA C 280 37.57 4.39 4.62
N LYS C 281 38.75 3.81 4.83
CA LYS C 281 39.76 3.70 3.77
C LYS C 281 39.27 2.83 2.64
N VAL C 282 38.54 1.77 2.96
CA VAL C 282 38.01 0.87 1.94
C VAL C 282 36.89 1.52 1.12
N VAL C 283 36.12 2.38 1.76
CA VAL C 283 35.05 3.08 1.07
C VAL C 283 35.67 4.06 0.08
N ARG C 284 36.75 4.71 0.46
CA ARG C 284 37.43 5.68 -0.42
C ARG C 284 38.16 5.00 -1.57
N GLU C 285 38.83 3.88 -1.30
CA GLU C 285 39.78 3.31 -2.26
C GLU C 285 39.14 2.25 -3.14
N VAL C 286 38.24 1.46 -2.57
CA VAL C 286 37.52 0.43 -3.32
C VAL C 286 36.24 1.01 -3.93
N LEU C 287 35.45 1.72 -3.12
CA LEU C 287 34.12 2.22 -3.51
C LEU C 287 34.11 3.66 -4.05
N LYS C 288 35.24 4.37 -3.96
CA LYS C 288 35.42 5.67 -4.61
C LYS C 288 34.45 6.75 -4.12
N THR C 289 34.12 6.69 -2.84
CA THR C 289 33.18 7.63 -2.22
C THR C 289 33.52 7.79 -0.73
N THR C 290 32.60 8.35 0.06
CA THR C 290 32.76 8.40 1.51
C THR C 290 31.58 7.76 2.23
N THR C 291 31.75 7.53 3.53
CA THR C 291 30.68 7.02 4.35
C THR C 291 29.54 8.05 4.45
N GLU C 292 29.91 9.32 4.55
CA GLU C 292 28.94 10.37 4.65
C GLU C 292 28.05 10.43 3.39
N ALA C 293 28.63 10.21 2.21
CA ALA C 293 27.88 10.28 0.96
C ALA C 293 26.97 9.05 0.78
N MET C 294 27.48 7.87 1.12
CA MET C 294 26.72 6.62 1.08
C MET C 294 25.44 6.72 1.90
N ILE C 295 25.59 7.14 3.16
CA ILE C 295 24.47 7.31 4.09
C ILE C 295 23.45 8.25 3.47
N GLU C 296 23.94 9.36 2.95
CA GLU C 296 23.07 10.40 2.43
C GLU C 296 22.21 9.87 1.28
N VAL C 297 22.84 9.13 0.36
CA VAL C 297 22.12 8.55 -0.76
C VAL C 297 21.20 7.43 -0.29
N ASN C 298 21.62 6.66 0.70
CA ASN C 298 20.80 5.55 1.16
C ASN C 298 19.51 6.06 1.76
N ILE C 299 19.62 7.07 2.61
CA ILE C 299 18.44 7.62 3.24
C ILE C 299 17.47 8.14 2.17
N ASN C 300 17.99 8.91 1.23
CA ASN C 300 17.15 9.69 0.33
C ASN C 300 16.71 8.95 -0.93
N LYS C 301 17.30 7.79 -1.19
CA LYS C 301 16.92 6.93 -2.30
C LYS C 301 16.12 5.75 -1.78
N ASN C 302 16.75 4.93 -0.95
CA ASN C 302 16.16 3.65 -0.54
C ASN C 302 15.03 3.77 0.50
N LEU C 303 15.02 4.85 1.27
CA LEU C 303 13.94 5.12 2.21
C LEU C 303 12.98 6.18 1.65
N VAL C 304 13.44 7.42 1.56
CA VAL C 304 12.58 8.52 1.18
C VAL C 304 12.08 8.37 -0.25
N GLY C 305 12.98 7.99 -1.16
CA GLY C 305 12.65 7.81 -2.55
C GLY C 305 11.63 6.70 -2.78
N SER C 306 11.89 5.52 -2.23
CA SER C 306 10.95 4.42 -2.30
C SER C 306 9.62 4.81 -1.67
N ALA C 307 9.67 5.59 -0.59
CA ALA C 307 8.46 6.07 0.08
C ALA C 307 7.64 6.99 -0.85
N MET C 308 8.29 7.94 -1.52
CA MET C 308 7.62 8.85 -2.44
C MET C 308 7.00 8.10 -3.64
N ALA C 309 7.60 6.98 -4.04
CA ALA C 309 7.07 6.10 -5.10
C ALA C 309 5.97 5.13 -4.63
N GLY C 310 5.74 5.08 -3.34
CA GLY C 310 4.68 4.24 -2.80
C GLY C 310 5.11 2.80 -2.85
N SER C 311 6.28 2.51 -2.28
CA SER C 311 6.80 1.16 -2.28
C SER C 311 6.40 0.42 -1.01
N ILE C 312 5.96 -0.82 -1.19
CA ILE C 312 5.86 -1.79 -0.10
C ILE C 312 6.99 -2.79 -0.31
N GLY C 313 8.02 -2.74 0.52
CA GLY C 313 9.07 -3.74 0.53
C GLY C 313 10.25 -3.50 -0.43
N GLY C 314 10.21 -2.41 -1.18
CA GLY C 314 11.26 -2.07 -2.15
C GLY C 314 12.20 -0.97 -1.66
N TYR C 315 12.72 -1.14 -0.44
CA TYR C 315 13.57 -0.12 0.15
C TYR C 315 15.04 -0.46 -0.09
N ASN C 316 15.36 -0.67 -1.36
CA ASN C 316 16.66 -1.15 -1.78
C ASN C 316 17.00 -0.59 -3.17
N ALA C 317 18.26 -0.74 -3.59
CA ALA C 317 18.71 -0.24 -4.89
C ALA C 317 18.40 -1.27 -5.98
N HIS C 318 18.92 -2.48 -5.84
CA HIS C 318 18.73 -3.49 -6.89
C HIS C 318 18.86 -4.92 -6.40
N ALA C 319 18.29 -5.23 -5.23
CA ALA C 319 18.25 -6.59 -4.75
C ALA C 319 17.75 -7.56 -5.82
N ALA C 320 16.77 -7.13 -6.61
CA ALA C 320 16.21 -8.00 -7.64
C ALA C 320 17.26 -8.48 -8.68
N ASN C 321 18.21 -7.63 -9.05
CA ASN C 321 19.29 -8.05 -9.95
C ASN C 321 20.04 -9.26 -9.42
N ILE C 322 20.47 -9.19 -8.17
CA ILE C 322 21.26 -10.26 -7.56
C ILE C 322 20.40 -11.50 -7.34
N VAL C 323 19.21 -11.31 -6.75
CA VAL C 323 18.30 -12.43 -6.52
C VAL C 323 18.02 -13.16 -7.83
N THR C 324 17.72 -12.41 -8.89
CA THR C 324 17.37 -12.99 -10.17
C THR C 324 18.50 -13.81 -10.79
N ALA C 325 19.70 -13.25 -10.78
CA ALA C 325 20.85 -13.90 -11.37
C ALA C 325 21.20 -15.18 -10.61
N ILE C 326 21.22 -15.11 -9.29
CA ILE C 326 21.51 -16.30 -8.49
C ILE C 326 20.45 -17.39 -8.73
N TYR C 327 19.19 -16.96 -8.77
CA TYR C 327 18.04 -17.86 -8.93
C TYR C 327 18.08 -18.64 -10.24
N ILE C 328 18.43 -17.96 -11.33
CA ILE C 328 18.45 -18.61 -12.64
C ILE C 328 19.59 -19.63 -12.67
N ALA C 329 20.75 -19.20 -12.17
CA ALA C 329 21.93 -20.05 -12.12
C ALA C 329 21.72 -21.28 -11.24
N CYS C 330 20.96 -21.14 -10.15
CA CYS C 330 20.87 -22.18 -9.13
C CYS C 330 19.58 -22.98 -9.20
N GLY C 331 18.83 -22.85 -10.30
CA GLY C 331 17.68 -23.68 -10.53
C GLY C 331 16.44 -23.33 -9.73
N GLN C 332 16.38 -22.11 -9.23
CA GLN C 332 15.21 -21.63 -8.50
C GLN C 332 14.10 -21.23 -9.47
N ASP C 333 12.94 -20.93 -8.91
CA ASP C 333 11.82 -20.43 -9.67
C ASP C 333 12.01 -18.91 -9.75
N ALA C 334 12.57 -18.44 -10.86
CA ALA C 334 12.91 -17.02 -11.02
C ALA C 334 11.69 -16.09 -10.93
N ALA C 335 10.48 -16.62 -11.16
CA ALA C 335 9.26 -15.83 -10.98
C ALA C 335 9.06 -15.39 -9.53
N GLN C 336 9.58 -16.18 -8.60
CA GLN C 336 9.54 -15.83 -7.18
C GLN C 336 10.48 -14.69 -6.82
N ASN C 337 11.20 -14.14 -7.80
CA ASN C 337 11.90 -12.88 -7.59
C ASN C 337 10.97 -11.73 -7.16
N VAL C 338 9.68 -11.81 -7.49
CA VAL C 338 8.71 -10.77 -7.11
C VAL C 338 8.79 -10.52 -5.58
N GLY C 339 8.54 -11.55 -4.78
CA GLY C 339 8.64 -11.45 -3.33
C GLY C 339 10.03 -11.65 -2.73
N SER C 340 10.85 -12.47 -3.38
CA SER C 340 12.17 -12.82 -2.82
C SER C 340 13.11 -11.65 -2.82
N SER C 341 12.82 -10.64 -3.65
CA SER C 341 13.59 -9.41 -3.74
C SER C 341 13.25 -8.37 -2.68
N ASN C 342 12.18 -8.58 -1.90
CA ASN C 342 11.83 -7.65 -0.82
C ASN C 342 13.07 -7.43 0.03
N CYS C 343 13.40 -6.18 0.28
CA CYS C 343 14.65 -5.86 0.94
C CYS C 343 14.67 -4.44 1.41
N ILE C 344 15.08 -4.24 2.66
CA ILE C 344 15.43 -2.93 3.15
C ILE C 344 16.92 -2.88 3.42
N THR C 345 17.55 -1.85 2.86
CA THR C 345 18.97 -1.63 3.00
C THR C 345 19.15 -0.45 3.94
N LEU C 346 19.86 -0.66 5.04
CA LEU C 346 20.19 0.41 5.98
C LEU C 346 21.70 0.73 5.99
N MET C 347 22.01 2.00 6.19
CA MET C 347 23.38 2.47 6.24
C MET C 347 23.50 3.50 7.35
N GLU C 348 24.45 3.29 8.24
CA GLU C 348 24.77 4.31 9.24
C GLU C 348 26.27 4.41 9.48
N ALA C 349 26.65 5.45 10.22
CA ALA C 349 28.04 5.70 10.54
C ALA C 349 28.45 4.74 11.66
N SER C 350 29.74 4.50 11.77
CA SER C 350 30.25 3.54 12.75
C SER C 350 31.69 3.85 13.11
N GLY C 351 32.14 3.26 14.21
CA GLY C 351 33.51 3.40 14.62
C GLY C 351 33.79 4.69 15.36
N PRO C 352 35.06 4.88 15.76
CA PRO C 352 35.51 5.98 16.62
C PRO C 352 35.02 7.37 16.26
N THR C 353 35.22 7.80 15.02
CA THR C 353 34.84 9.13 14.55
C THR C 353 33.75 9.06 13.47
N ASN C 354 32.87 8.07 13.58
CA ASN C 354 31.77 7.88 12.65
C ASN C 354 32.22 7.92 11.18
N GLU C 355 33.34 7.26 10.88
CA GLU C 355 33.89 7.27 9.52
C GLU C 355 33.73 5.92 8.82
N ASP C 356 33.42 4.88 9.58
CA ASP C 356 33.21 3.56 8.99
C ASP C 356 31.74 3.42 8.62
N LEU C 357 31.46 2.60 7.61
CA LEU C 357 30.11 2.43 7.10
C LEU C 357 29.56 1.10 7.57
N TYR C 358 28.59 1.15 8.46
CA TYR C 358 27.80 -0.03 8.79
C TYR C 358 26.67 -0.19 7.78
N ILE C 359 26.58 -1.37 7.17
CA ILE C 359 25.51 -1.68 6.23
C ILE C 359 24.80 -2.95 6.64
N SER C 360 23.50 -2.98 6.38
CA SER C 360 22.71 -4.20 6.55
C SER C 360 21.60 -4.30 5.52
N CYS C 361 21.32 -5.52 5.09
CA CYS C 361 20.16 -5.80 4.29
C CYS C 361 19.28 -6.78 5.05
N THR C 362 17.98 -6.52 5.03
CA THR C 362 17.00 -7.43 5.62
C THR C 362 16.01 -7.86 4.54
N MET C 363 15.96 -9.16 4.30
CA MET C 363 15.13 -9.74 3.25
C MET C 363 14.19 -10.78 3.87
N PRO C 364 12.97 -10.35 4.18
CA PRO C 364 12.02 -11.17 4.93
C PRO C 364 11.33 -12.33 4.22
N SER C 365 11.43 -12.41 2.90
CA SER C 365 10.66 -13.38 2.13
C SER C 365 11.44 -14.02 0.98
N ILE C 366 12.64 -14.51 1.28
CA ILE C 366 13.44 -15.29 0.33
C ILE C 366 12.89 -16.70 0.14
N GLU C 367 12.27 -16.94 -1.01
CA GLU C 367 11.65 -18.23 -1.33
C GLU C 367 12.62 -19.05 -2.15
N ILE C 368 13.08 -20.16 -1.57
CA ILE C 368 14.28 -20.81 -2.05
C ILE C 368 14.38 -22.29 -1.70
N GLY C 369 15.17 -23.02 -2.47
CA GLY C 369 15.44 -24.42 -2.22
C GLY C 369 16.65 -24.98 -2.93
N THR C 370 17.16 -26.10 -2.43
CA THR C 370 18.28 -26.82 -3.05
C THR C 370 17.88 -28.21 -3.55
N VAL C 371 16.61 -28.57 -3.34
CA VAL C 371 16.04 -29.84 -3.80
C VAL C 371 14.70 -29.59 -4.50
N GLY C 372 14.44 -30.32 -5.58
CA GLY C 372 13.18 -30.24 -6.29
C GLY C 372 13.22 -29.23 -7.43
N GLY C 373 12.27 -29.37 -8.36
CA GLY C 373 12.13 -28.43 -9.47
C GLY C 373 13.37 -28.35 -10.35
N GLY C 374 13.80 -27.13 -10.65
CA GLY C 374 14.98 -26.85 -11.44
C GLY C 374 16.32 -27.15 -10.77
N THR C 375 16.32 -27.45 -9.48
CA THR C 375 17.56 -27.86 -8.80
C THR C 375 17.86 -29.33 -9.07
N ASN C 376 16.98 -30.00 -9.82
CA ASN C 376 17.19 -31.39 -10.23
C ASN C 376 18.01 -31.50 -11.52
N LEU C 377 18.16 -30.40 -12.25
CA LEU C 377 18.93 -30.41 -13.50
C LEU C 377 20.40 -30.30 -13.15
N LEU C 378 21.24 -30.90 -13.99
CA LEU C 378 22.65 -31.07 -13.64
C LEU C 378 23.46 -29.78 -13.71
N PRO C 379 23.28 -28.96 -14.74
CA PRO C 379 23.96 -27.66 -14.79
C PRO C 379 23.60 -26.78 -13.60
N GLN C 380 22.32 -26.75 -13.24
CA GLN C 380 21.90 -25.99 -12.07
C GLN C 380 22.55 -26.58 -10.81
N GLN C 381 22.63 -27.92 -10.74
CA GLN C 381 23.27 -28.60 -9.60
C GLN C 381 24.74 -28.25 -9.47
N ALA C 382 25.40 -27.96 -10.60
CA ALA C 382 26.82 -27.59 -10.57
C ALA C 382 27.03 -26.26 -9.87
N CYS C 383 26.15 -25.31 -10.14
CA CYS C 383 26.19 -23.99 -9.51
C CYS C 383 25.85 -24.08 -8.04
N LEU C 384 24.94 -24.98 -7.69
CA LEU C 384 24.59 -25.25 -6.31
C LEU C 384 25.75 -25.92 -5.57
N GLN C 385 26.46 -26.79 -6.29
CA GLN C 385 27.62 -27.47 -5.73
C GLN C 385 28.80 -26.52 -5.50
N MET C 386 29.00 -25.53 -6.39
CA MET C 386 30.04 -24.50 -6.19
C MET C 386 29.89 -23.84 -4.82
N LEU C 387 28.64 -23.66 -4.38
CA LEU C 387 28.34 -23.02 -3.12
C LEU C 387 28.33 -23.99 -1.94
N GLY C 388 28.27 -25.29 -2.23
CA GLY C 388 28.31 -26.33 -1.22
C GLY C 388 26.96 -26.52 -0.54
N VAL C 389 25.88 -26.41 -1.33
CA VAL C 389 24.52 -26.51 -0.82
C VAL C 389 23.62 -27.38 -1.68
N GLN C 390 24.19 -28.08 -2.66
CA GLN C 390 23.36 -28.88 -3.55
C GLN C 390 22.68 -30.01 -2.78
N GLY C 391 21.39 -30.19 -3.04
CA GLY C 391 20.63 -31.31 -2.51
C GLY C 391 20.26 -31.20 -1.05
N ALA C 392 19.66 -32.27 -0.53
CA ALA C 392 19.22 -32.34 0.86
C ALA C 392 20.39 -32.48 1.82
N CYS C 393 20.30 -31.85 2.98
CA CYS C 393 21.26 -32.04 4.04
C CYS C 393 20.70 -33.11 5.00
N LYS C 394 21.38 -34.25 5.04
CA LYS C 394 20.91 -35.41 5.82
C LYS C 394 21.04 -35.19 7.33
N ASP C 395 22.15 -34.60 7.75
CA ASP C 395 22.43 -34.37 9.17
C ASP C 395 21.58 -33.27 9.78
N ASN C 396 21.14 -32.33 8.95
CA ASN C 396 20.38 -31.17 9.40
C ASN C 396 19.43 -30.68 8.29
N PRO C 397 18.25 -31.29 8.20
CA PRO C 397 17.28 -30.92 7.17
C PRO C 397 17.07 -29.40 7.06
N GLY C 398 16.96 -28.92 5.83
CA GLY C 398 16.81 -27.49 5.57
C GLY C 398 18.05 -26.63 5.65
N GLU C 399 19.18 -27.20 6.03
CA GLU C 399 20.40 -26.44 6.26
C GLU C 399 21.02 -25.90 4.97
N ASN C 400 20.92 -26.66 3.89
CA ASN C 400 21.46 -26.24 2.61
C ASN C 400 20.60 -25.09 2.04
N ALA C 401 19.29 -25.20 2.21
CA ALA C 401 18.34 -24.14 1.81
C ALA C 401 18.55 -22.87 2.60
N ARG C 402 18.79 -23.00 3.91
CA ARG C 402 19.07 -21.87 4.79
C ARG C 402 20.39 -21.19 4.43
N GLN C 403 21.39 -21.99 4.08
CA GLN C 403 22.70 -21.48 3.72
C GLN C 403 22.61 -20.67 2.44
N LEU C 404 21.89 -21.21 1.45
CA LEU C 404 21.71 -20.53 0.19
C LEU C 404 21.00 -19.18 0.42
N ALA C 405 19.97 -19.18 1.27
CA ALA C 405 19.25 -17.96 1.58
C ALA C 405 20.20 -16.90 2.13
N ARG C 406 21.11 -17.34 3.00
CA ARG C 406 22.10 -16.44 3.60
C ARG C 406 23.11 -15.89 2.58
N ILE C 407 23.46 -16.74 1.60
CA ILE C 407 24.34 -16.35 0.49
C ILE C 407 23.65 -15.31 -0.44
N VAL C 408 22.34 -15.48 -0.66
CA VAL C 408 21.59 -14.53 -1.47
C VAL C 408 21.56 -13.19 -0.76
N CYS C 409 21.22 -13.21 0.52
CA CYS C 409 21.17 -11.98 1.28
C CYS C 409 22.52 -11.27 1.37
N GLY C 410 23.59 -12.05 1.53
CA GLY C 410 24.93 -11.49 1.57
C GLY C 410 25.39 -10.92 0.25
N THR C 411 25.07 -11.62 -0.84
CA THR C 411 25.43 -11.15 -2.17
C THR C 411 24.65 -9.88 -2.51
N VAL C 412 23.37 -9.85 -2.10
CA VAL C 412 22.54 -8.69 -2.30
C VAL C 412 23.23 -7.52 -1.66
N MET C 413 23.69 -7.68 -0.42
CA MET C 413 24.37 -6.60 0.28
C MET C 413 25.64 -6.11 -0.45
N ALA C 414 26.39 -7.04 -1.04
CA ALA C 414 27.56 -6.69 -1.82
C ALA C 414 27.14 -5.81 -2.98
N GLY C 415 26.08 -6.23 -3.66
CA GLY C 415 25.50 -5.46 -4.75
C GLY C 415 25.02 -4.07 -4.38
N GLU C 416 24.40 -3.92 -3.21
CA GLU C 416 23.90 -2.62 -2.76
C GLU C 416 25.06 -1.70 -2.45
N LEU C 417 26.10 -2.28 -1.89
CA LEU C 417 27.28 -1.54 -1.50
C LEU C 417 27.91 -0.92 -2.74
N SER C 418 28.07 -1.73 -3.77
CA SER C 418 28.73 -1.29 -4.98
C SER C 418 27.90 -0.29 -5.75
N LEU C 419 26.65 -0.64 -6.05
CA LEU C 419 25.77 0.25 -6.82
C LEU C 419 25.54 1.59 -6.12
N MET C 420 25.35 1.57 -4.81
CA MET C 420 25.16 2.80 -4.05
C MET C 420 26.42 3.64 -4.06
N ALA C 421 27.58 2.99 -3.99
CA ALA C 421 28.86 3.68 -4.10
C ALA C 421 28.95 4.40 -5.44
N ALA C 422 28.59 3.71 -6.51
CA ALA C 422 28.62 4.30 -7.86
C ALA C 422 27.63 5.44 -8.03
N LEU C 423 26.46 5.34 -7.40
CA LEU C 423 25.46 6.41 -7.49
C LEU C 423 25.93 7.62 -6.70
N ALA C 424 26.50 7.37 -5.53
CA ALA C 424 27.01 8.43 -4.64
C ALA C 424 28.19 9.19 -5.24
N ALA C 425 29.07 8.49 -5.96
CA ALA C 425 30.22 9.11 -6.62
C ALA C 425 29.79 9.88 -7.86
N GLY C 426 28.77 9.38 -8.54
CA GLY C 426 28.21 10.03 -9.72
C GLY C 426 29.19 10.05 -10.89
N GLY D 24 52.40 -16.18 -28.61
CA GLY D 24 51.77 -15.55 -27.41
C GLY D 24 51.34 -16.57 -26.38
N ALA D 25 50.10 -16.47 -25.91
CA ALA D 25 49.52 -17.43 -24.96
C ALA D 25 49.31 -18.79 -25.60
N LYS D 26 49.10 -18.79 -26.92
CA LYS D 26 48.98 -20.03 -27.70
C LYS D 26 50.28 -20.83 -27.60
N PHE D 27 51.40 -20.12 -27.49
CA PHE D 27 52.71 -20.75 -27.31
C PHE D 27 53.06 -20.99 -25.82
N LEU D 28 52.01 -21.17 -25.01
CA LEU D 28 52.12 -21.66 -23.63
C LEU D 28 51.09 -22.78 -23.47
N SER D 29 50.97 -23.32 -22.25
CA SER D 29 49.94 -24.31 -21.93
C SER D 29 49.01 -23.75 -20.85
N ASP D 30 47.92 -24.46 -20.58
CA ASP D 30 46.96 -24.03 -19.55
C ASP D 30 47.65 -23.90 -18.21
N ALA D 31 48.36 -24.95 -17.82
CA ALA D 31 49.08 -25.00 -16.53
C ALA D 31 50.09 -23.87 -16.36
N GLU D 32 50.72 -23.45 -17.47
CA GLU D 32 51.77 -22.44 -17.44
C GLU D 32 51.23 -21.03 -17.26
N ILE D 33 50.09 -20.72 -17.87
CA ILE D 33 49.49 -19.39 -17.74
C ILE D 33 48.91 -19.24 -16.34
N ILE D 34 48.32 -20.31 -15.83
CA ILE D 34 47.78 -20.35 -14.47
C ILE D 34 48.90 -20.18 -13.44
N GLN D 35 50.06 -20.81 -13.70
CA GLN D 35 51.25 -20.65 -12.85
C GLN D 35 51.74 -19.20 -12.88
N LEU D 36 51.55 -18.53 -14.02
CA LEU D 36 51.90 -17.13 -14.18
C LEU D 36 50.90 -16.21 -13.45
N VAL D 37 49.63 -16.60 -13.39
CA VAL D 37 48.60 -15.81 -12.72
C VAL D 37 48.73 -15.92 -11.20
N ASN D 38 49.08 -17.10 -10.72
CA ASN D 38 49.30 -17.34 -9.30
C ASN D 38 50.56 -16.62 -8.79
N ALA D 39 51.54 -16.44 -9.68
CA ALA D 39 52.80 -15.76 -9.33
C ALA D 39 52.69 -14.23 -9.39
N LYS D 40 51.46 -13.72 -9.51
CA LYS D 40 51.18 -12.27 -9.51
C LYS D 40 51.81 -11.55 -10.72
N HIS D 41 51.69 -12.17 -11.89
CA HIS D 41 52.20 -11.61 -13.15
C HIS D 41 51.05 -11.32 -14.11
N LEU D 50 44.53 -11.06 -23.23
CA LEU D 50 45.81 -11.77 -23.12
C LEU D 50 45.77 -13.06 -23.92
N ILE D 51 44.87 -13.96 -23.53
CA ILE D 51 44.58 -15.19 -24.31
C ILE D 51 43.87 -14.74 -25.58
N GLU D 52 44.07 -15.45 -26.68
CA GLU D 52 43.60 -14.99 -27.99
C GLU D 52 42.31 -15.65 -28.50
N THR D 53 41.74 -16.54 -27.71
CA THR D 53 40.45 -17.17 -28.01
C THR D 53 39.53 -17.08 -26.79
N HIS D 54 38.26 -16.72 -27.01
CA HIS D 54 37.32 -16.50 -25.91
C HIS D 54 37.05 -17.76 -25.10
N GLU D 55 36.81 -18.88 -25.77
CA GLU D 55 36.50 -20.15 -25.09
C GLU D 55 37.61 -20.62 -24.14
N ARG D 56 38.86 -20.28 -24.47
CA ARG D 56 40.00 -20.67 -23.64
C ARG D 56 40.12 -19.76 -22.41
N GLY D 57 39.80 -18.48 -22.57
CA GLY D 57 39.68 -17.58 -21.44
C GLY D 57 38.69 -18.10 -20.41
N VAL D 58 37.56 -18.64 -20.90
CA VAL D 58 36.55 -19.22 -20.01
C VAL D 58 37.08 -20.49 -19.35
N SER D 59 37.75 -21.35 -20.12
CA SER D 59 38.32 -22.58 -19.57
C SER D 59 39.32 -22.25 -18.46
N ILE D 60 40.18 -21.29 -18.73
CA ILE D 60 41.22 -20.90 -17.77
C ILE D 60 40.64 -20.23 -16.53
N ARG D 61 39.53 -19.49 -16.69
CA ARG D 61 38.86 -18.89 -15.54
C ARG D 61 38.23 -19.97 -14.69
N ARG D 62 37.65 -20.99 -15.32
CA ARG D 62 37.04 -22.10 -14.59
C ARG D 62 38.08 -22.85 -13.76
N GLN D 63 39.24 -23.07 -14.38
CA GLN D 63 40.36 -23.79 -13.74
C GLN D 63 40.94 -23.00 -12.57
N LEU D 64 41.02 -21.68 -12.71
CA LEU D 64 41.45 -20.81 -11.62
C LEU D 64 40.45 -20.82 -10.45
N LEU D 65 39.16 -20.85 -10.79
CA LEU D 65 38.07 -20.84 -9.82
C LEU D 65 37.97 -22.19 -9.16
N SER D 66 38.30 -23.25 -9.90
CA SER D 66 38.19 -24.61 -9.39
C SER D 66 39.10 -24.81 -8.16
N LYS D 67 40.22 -24.09 -8.15
CA LYS D 67 41.19 -24.14 -7.05
C LYS D 67 40.65 -23.62 -5.72
N LYS D 68 39.61 -22.78 -5.79
CA LYS D 68 39.05 -22.12 -4.62
C LYS D 68 37.89 -22.91 -4.03
N LEU D 69 37.26 -23.76 -4.82
CA LEU D 69 36.08 -24.52 -4.36
C LEU D 69 36.48 -25.77 -3.60
N SER D 70 35.62 -26.19 -2.66
CA SER D 70 35.84 -27.42 -1.91
C SER D 70 35.62 -28.66 -2.80
N GLU D 71 34.59 -28.63 -3.64
CA GLU D 71 34.43 -29.61 -4.72
C GLU D 71 34.85 -28.97 -6.06
N PRO D 72 36.11 -29.17 -6.48
CA PRO D 72 36.58 -28.63 -7.77
C PRO D 72 36.00 -29.32 -8.99
N SER D 73 35.43 -30.51 -8.82
CA SER D 73 34.76 -31.22 -9.90
C SER D 73 33.28 -30.79 -10.06
N SER D 74 32.82 -29.85 -9.25
CA SER D 74 31.44 -29.38 -9.35
C SER D 74 31.14 -28.70 -10.69
N LEU D 75 32.16 -28.10 -11.30
CA LEU D 75 32.00 -27.42 -12.59
C LEU D 75 31.88 -28.38 -13.79
N GLN D 76 32.13 -29.67 -13.57
CA GLN D 76 32.18 -30.66 -14.66
C GLN D 76 30.94 -30.67 -15.54
N TYR D 77 29.77 -30.45 -14.93
CA TYR D 77 28.50 -30.48 -15.66
C TYR D 77 27.87 -29.11 -15.89
N LEU D 78 28.59 -28.05 -15.56
CA LEU D 78 28.26 -26.70 -16.02
C LEU D 78 28.84 -26.53 -17.43
N PRO D 79 28.00 -26.46 -18.45
CA PRO D 79 28.53 -26.37 -19.82
C PRO D 79 29.25 -25.07 -20.06
N TYR D 80 30.04 -25.03 -21.12
CA TYR D 80 30.71 -23.81 -21.58
C TYR D 80 31.19 -23.90 -23.04
N ARG D 81 31.33 -25.12 -23.54
CA ARG D 81 31.82 -25.40 -24.89
C ARG D 81 30.88 -24.95 -26.00
N ASP D 82 31.46 -24.38 -27.05
CA ASP D 82 30.75 -24.05 -28.29
C ASP D 82 29.59 -23.10 -28.10
N TYR D 83 29.82 -22.13 -27.23
CA TYR D 83 28.92 -21.01 -27.05
C TYR D 83 29.63 -19.79 -27.61
N ASN D 84 28.85 -18.85 -28.14
CA ASN D 84 29.39 -17.67 -28.83
C ASN D 84 29.66 -16.54 -27.84
N TYR D 85 30.81 -16.60 -27.19
CA TYR D 85 31.17 -15.60 -26.18
C TYR D 85 31.58 -14.23 -26.74
N SER D 86 31.71 -14.10 -28.06
CA SER D 86 32.10 -12.81 -28.66
C SER D 86 31.10 -11.67 -28.41
N LEU D 87 29.80 -11.99 -28.37
CA LEU D 87 28.75 -11.00 -28.16
C LEU D 87 28.46 -10.74 -26.67
N VAL D 88 29.00 -11.61 -25.81
CA VAL D 88 28.77 -11.55 -24.36
C VAL D 88 29.82 -10.72 -23.62
N MET D 89 31.11 -10.98 -23.89
CA MET D 89 32.18 -10.35 -23.12
C MET D 89 32.18 -8.84 -23.37
N GLY D 90 32.26 -8.07 -22.28
CA GLY D 90 32.21 -6.62 -22.36
C GLY D 90 30.86 -6.07 -22.81
N ALA D 91 29.77 -6.78 -22.51
CA ALA D 91 28.43 -6.33 -22.91
C ALA D 91 27.30 -6.88 -22.02
N CYS D 92 27.32 -8.19 -21.76
CA CYS D 92 26.23 -8.88 -21.08
C CYS D 92 26.58 -9.54 -19.75
N CYS D 93 27.86 -9.88 -19.56
CA CYS D 93 28.31 -10.64 -18.39
C CYS D 93 29.84 -10.54 -18.24
N GLU D 94 30.33 -10.50 -17.01
CA GLU D 94 31.77 -10.54 -16.70
C GLU D 94 32.13 -11.76 -15.87
N ASN D 95 33.42 -12.08 -15.81
CA ASN D 95 33.93 -13.23 -15.07
C ASN D 95 33.20 -14.51 -15.46
N VAL D 96 33.09 -14.74 -16.76
CA VAL D 96 32.22 -15.77 -17.32
C VAL D 96 32.84 -17.16 -17.22
N ILE D 97 32.09 -18.11 -16.66
CA ILE D 97 32.55 -19.48 -16.49
C ILE D 97 31.74 -20.51 -17.27
N GLY D 98 30.81 -20.06 -18.11
CA GLY D 98 29.93 -20.96 -18.82
C GLY D 98 28.55 -20.39 -19.06
N TYR D 99 27.57 -21.27 -19.18
CA TYR D 99 26.17 -20.86 -19.33
C TYR D 99 25.22 -21.85 -18.68
N MET D 100 24.01 -21.37 -18.41
CA MET D 100 22.94 -22.14 -17.80
C MET D 100 21.82 -22.40 -18.80
N PRO D 101 21.70 -23.64 -19.27
CA PRO D 101 20.59 -24.01 -20.15
C PRO D 101 19.26 -24.00 -19.41
N ILE D 102 18.30 -23.21 -19.91
CA ILE D 102 16.96 -23.19 -19.38
C ILE D 102 16.06 -23.77 -20.45
N PRO D 103 15.33 -24.84 -20.13
CA PRO D 103 14.39 -25.45 -21.06
C PRO D 103 13.40 -24.44 -21.63
N VAL D 104 13.08 -24.59 -22.92
CA VAL D 104 12.18 -23.70 -23.62
C VAL D 104 11.05 -24.53 -24.20
N GLY D 105 9.83 -24.22 -23.78
CA GLY D 105 8.63 -24.81 -24.34
C GLY D 105 7.90 -23.79 -25.18
N VAL D 106 6.89 -24.26 -25.90
CA VAL D 106 6.11 -23.39 -26.77
C VAL D 106 4.62 -23.49 -26.41
N ALA D 107 4.02 -22.33 -26.16
CA ALA D 107 2.59 -22.17 -25.97
C ALA D 107 2.03 -21.45 -27.17
N GLY D 108 1.01 -22.05 -27.80
CA GLY D 108 0.49 -21.56 -29.03
C GLY D 108 -0.30 -22.61 -29.80
N PRO D 109 -0.97 -22.21 -30.88
CA PRO D 109 -0.97 -20.81 -31.32
C PRO D 109 -1.82 -19.93 -30.40
N LEU D 110 -1.36 -18.70 -30.16
CA LEU D 110 -2.12 -17.70 -29.43
C LEU D 110 -2.68 -16.73 -30.47
N CYS D 111 -4.00 -16.71 -30.62
CA CYS D 111 -4.68 -15.85 -31.57
C CYS D 111 -4.84 -14.48 -30.96
N LEU D 112 -4.03 -13.53 -31.42
CA LEU D 112 -3.95 -12.22 -30.83
C LEU D 112 -3.95 -11.15 -31.91
N ASP D 113 -4.96 -10.29 -31.87
CA ASP D 113 -5.11 -9.21 -32.84
C ASP D 113 -5.08 -9.73 -34.29
N GLU D 114 -5.85 -10.80 -34.55
CA GLU D 114 -5.96 -11.41 -35.87
C GLU D 114 -4.69 -12.14 -36.39
N LYS D 115 -3.67 -12.28 -35.55
CA LYS D 115 -2.45 -13.00 -35.92
C LYS D 115 -2.34 -14.21 -35.04
N GLU D 116 -1.39 -15.09 -35.35
CA GLU D 116 -1.14 -16.29 -34.54
C GLU D 116 0.31 -16.27 -34.09
N PHE D 117 0.55 -16.54 -32.82
CA PHE D 117 1.90 -16.49 -32.26
C PHE D 117 2.23 -17.81 -31.61
N GLN D 118 3.48 -18.23 -31.79
CA GLN D 118 4.02 -19.39 -31.09
C GLN D 118 4.95 -18.85 -30.01
N VAL D 119 4.48 -18.83 -28.77
CA VAL D 119 5.19 -18.13 -27.70
C VAL D 119 6.21 -19.03 -27.00
N PRO D 120 7.49 -18.63 -27.01
CA PRO D 120 8.52 -19.39 -26.32
C PRO D 120 8.53 -19.03 -24.85
N MET D 121 8.69 -20.03 -23.99
CA MET D 121 8.67 -19.83 -22.55
C MET D 121 9.83 -20.64 -21.96
N ALA D 122 10.77 -19.95 -21.33
CA ALA D 122 11.91 -20.58 -20.70
C ALA D 122 11.58 -20.73 -19.22
N THR D 123 11.43 -21.97 -18.78
CA THR D 123 11.04 -22.26 -17.41
C THR D 123 11.54 -23.66 -16.98
N THR D 124 11.58 -23.87 -15.67
CA THR D 124 11.81 -25.20 -15.10
C THR D 124 10.68 -25.62 -14.16
N GLU D 125 9.53 -24.96 -14.28
CA GLU D 125 8.36 -25.29 -13.48
C GLU D 125 7.45 -26.17 -14.29
N GLY D 126 7.25 -27.40 -13.81
CA GLY D 126 6.45 -28.38 -14.53
C GLY D 126 5.05 -27.86 -14.70
N CYS D 127 4.44 -28.21 -15.84
CA CYS D 127 3.07 -27.84 -16.19
C CYS D 127 2.82 -26.40 -16.62
N LEU D 128 3.78 -25.49 -16.44
CA LEU D 128 3.52 -24.09 -16.71
C LEU D 128 3.20 -23.90 -18.18
N VAL D 129 3.98 -24.54 -19.06
CA VAL D 129 3.80 -24.38 -20.50
C VAL D 129 2.56 -25.13 -20.96
N ALA D 130 2.33 -26.33 -20.44
CA ALA D 130 1.13 -27.07 -20.77
C ALA D 130 -0.12 -26.28 -20.36
N SER D 131 -0.09 -25.63 -19.20
CA SER D 131 -1.26 -24.91 -18.72
C SER D 131 -1.52 -23.66 -19.57
N THR D 132 -0.46 -22.89 -19.84
CA THR D 132 -0.55 -21.72 -20.69
C THR D 132 -1.07 -22.12 -22.06
N ASN D 133 -0.65 -23.30 -22.52
CA ASN D 133 -1.07 -23.84 -23.79
C ASN D 133 -2.58 -24.11 -23.83
N ARG D 134 -3.13 -24.64 -22.75
CA ARG D 134 -4.57 -24.84 -22.66
C ARG D 134 -5.31 -23.52 -22.73
N GLY D 135 -4.78 -22.50 -22.06
CA GLY D 135 -5.37 -21.17 -22.12
C GLY D 135 -5.39 -20.58 -23.51
N CYS D 136 -4.32 -20.79 -24.27
CA CYS D 136 -4.27 -20.35 -25.66
C CYS D 136 -5.38 -21.00 -26.48
N ARG D 137 -5.60 -22.29 -26.22
CA ARG D 137 -6.58 -23.08 -26.94
C ARG D 137 -7.97 -22.54 -26.68
N ALA D 138 -8.28 -22.23 -25.42
CA ALA D 138 -9.58 -21.67 -25.07
C ALA D 138 -9.78 -20.33 -25.76
N ILE D 139 -8.72 -19.52 -25.82
CA ILE D 139 -8.83 -18.23 -26.48
C ILE D 139 -9.08 -18.41 -27.98
N GLY D 140 -8.41 -19.39 -28.60
CA GLY D 140 -8.56 -19.66 -30.03
C GLY D 140 -10.00 -20.01 -30.39
N LEU D 141 -10.61 -20.89 -29.61
CA LEU D 141 -11.98 -21.34 -29.82
C LEU D 141 -13.05 -20.28 -29.47
N GLY D 142 -12.64 -19.17 -28.87
CA GLY D 142 -13.51 -18.04 -28.64
C GLY D 142 -13.26 -16.87 -29.57
N GLY D 143 -12.68 -17.14 -30.74
CA GLY D 143 -12.41 -16.11 -31.73
C GLY D 143 -11.16 -15.29 -31.49
N GLY D 144 -10.38 -15.61 -30.46
CA GLY D 144 -9.12 -14.95 -30.22
C GLY D 144 -9.19 -13.72 -29.33
N ALA D 145 -8.02 -13.14 -29.08
CA ALA D 145 -7.85 -12.03 -28.15
C ALA D 145 -7.54 -10.74 -28.91
N SER D 146 -7.80 -9.60 -28.26
CA SER D 146 -7.50 -8.28 -28.80
C SER D 146 -6.76 -7.47 -27.73
N SER D 147 -5.75 -6.71 -28.14
CA SER D 147 -4.96 -5.94 -27.20
C SER D 147 -4.70 -4.55 -27.72
N ARG D 148 -4.36 -3.65 -26.82
CA ARG D 148 -4.02 -2.28 -27.14
C ARG D 148 -2.93 -1.78 -26.21
N VAL D 149 -2.01 -1.01 -26.76
CA VAL D 149 -0.97 -0.36 -25.97
C VAL D 149 -1.50 1.02 -25.62
N LEU D 150 -1.58 1.29 -24.32
CA LEU D 150 -2.22 2.47 -23.79
C LEU D 150 -1.25 3.61 -23.52
N ALA D 151 0.00 3.26 -23.18
CA ALA D 151 1.07 4.23 -22.92
C ALA D 151 2.44 3.57 -23.17
N ASP D 152 3.44 4.40 -23.41
CA ASP D 152 4.72 3.89 -23.83
C ASP D 152 5.83 4.86 -23.48
N GLY D 153 6.63 4.52 -22.46
CA GLY D 153 7.84 5.27 -22.14
C GLY D 153 8.61 4.75 -20.93
N MET D 154 9.88 4.48 -21.14
CA MET D 154 10.77 4.07 -20.07
C MET D 154 11.09 5.29 -19.19
N THR D 155 11.37 5.07 -17.91
CA THR D 155 11.63 6.15 -16.98
C THR D 155 12.91 6.04 -16.19
N ARG D 156 13.36 7.19 -15.69
CA ARG D 156 14.42 7.29 -14.73
C ARG D 156 14.06 8.41 -13.78
N GLY D 157 14.24 8.17 -12.48
CA GLY D 157 13.72 9.05 -11.45
C GLY D 157 14.79 9.48 -10.47
N PRO D 158 15.72 10.35 -10.92
CA PRO D 158 16.75 10.91 -10.06
C PRO D 158 16.22 11.65 -8.86
N VAL D 159 17.07 11.79 -7.85
CA VAL D 159 16.81 12.66 -6.70
C VAL D 159 17.86 13.79 -6.67
N VAL D 160 17.35 15.01 -6.59
CA VAL D 160 18.18 16.19 -6.38
C VAL D 160 17.81 16.80 -5.03
N ARG D 161 18.74 17.56 -4.47
CA ARG D 161 18.42 18.38 -3.30
C ARG D 161 18.81 19.83 -3.50
N LEU D 162 18.11 20.68 -2.78
CA LEU D 162 18.34 22.10 -2.82
C LEU D 162 18.59 22.55 -1.40
N PRO D 163 19.17 23.73 -1.21
CA PRO D 163 19.45 24.25 0.14
C PRO D 163 18.24 24.15 1.09
N ARG D 164 17.07 24.50 0.56
CA ARG D 164 15.84 24.60 1.34
C ARG D 164 14.66 24.06 0.53
N ALA D 165 13.62 23.63 1.24
CA ALA D 165 12.33 23.26 0.65
C ALA D 165 11.75 24.37 -0.23
N CYS D 166 11.97 25.62 0.15
CA CYS D 166 11.52 26.75 -0.66
C CYS D 166 12.21 26.78 -2.03
N ASP D 167 13.48 26.39 -2.05
CA ASP D 167 14.24 26.28 -3.31
C ASP D 167 13.81 25.07 -4.12
N SER D 168 13.54 23.94 -3.47
CA SER D 168 13.04 22.78 -4.19
C SER D 168 11.64 23.07 -4.78
N ALA D 169 10.82 23.82 -4.04
CA ALA D 169 9.51 24.23 -4.51
C ALA D 169 9.66 25.10 -5.76
N GLU D 170 10.64 26.00 -5.73
CA GLU D 170 10.87 26.91 -6.86
C GLU D 170 11.26 26.10 -8.07
N VAL D 171 12.08 25.07 -7.90
CA VAL D 171 12.51 24.24 -9.03
C VAL D 171 11.33 23.45 -9.65
N LYS D 172 10.41 22.99 -8.79
CA LYS D 172 9.21 22.29 -9.21
C LYS D 172 8.32 23.20 -10.07
N ALA D 173 8.02 24.40 -9.56
CA ALA D 173 7.32 25.45 -10.33
C ALA D 173 7.97 25.71 -11.68
N TRP D 174 9.29 25.91 -11.69
CA TRP D 174 10.03 26.12 -12.92
C TRP D 174 9.85 24.96 -13.91
N LEU D 175 9.99 23.73 -13.42
CA LEU D 175 9.83 22.55 -14.26
C LEU D 175 8.41 22.40 -14.82
N GLU D 176 7.43 23.02 -14.17
CA GLU D 176 6.03 22.93 -14.59
C GLU D 176 5.63 24.03 -15.57
N THR D 177 6.46 25.05 -15.75
CA THR D 177 6.22 26.05 -16.80
C THR D 177 6.53 25.44 -18.15
N SER D 178 5.84 25.88 -19.19
CA SER D 178 6.08 25.38 -20.55
C SER D 178 7.50 25.71 -21.03
N GLU D 179 8.05 26.82 -20.57
CA GLU D 179 9.38 27.28 -20.98
C GLU D 179 10.48 26.48 -20.25
N GLY D 180 10.24 26.14 -19.00
CA GLY D 180 11.15 25.31 -18.23
C GLY D 180 11.20 23.92 -18.79
N PHE D 181 10.03 23.33 -19.02
CA PHE D 181 9.95 22.02 -19.66
C PHE D 181 10.61 21.99 -21.05
N ALA D 182 10.41 23.04 -21.85
CA ALA D 182 10.96 23.05 -23.21
C ALA D 182 12.49 23.02 -23.18
N VAL D 183 13.11 23.79 -22.29
CA VAL D 183 14.58 23.78 -22.22
C VAL D 183 15.10 22.44 -21.71
N ILE D 184 14.42 21.85 -20.73
CA ILE D 184 14.79 20.51 -20.23
C ILE D 184 14.59 19.46 -21.34
N LYS D 185 13.49 19.58 -22.07
CA LYS D 185 13.21 18.67 -23.18
C LYS D 185 14.33 18.76 -24.23
N GLU D 186 14.69 19.97 -24.63
CA GLU D 186 15.72 20.18 -25.66
C GLU D 186 17.01 19.50 -25.24
N ALA D 187 17.38 19.64 -23.98
CA ALA D 187 18.61 19.06 -23.47
C ALA D 187 18.55 17.53 -23.51
N PHE D 188 17.43 16.98 -23.07
CA PHE D 188 17.22 15.55 -23.00
C PHE D 188 17.21 14.96 -24.39
N ASP D 189 16.46 15.58 -25.29
CA ASP D 189 16.31 15.10 -26.66
C ASP D 189 17.59 15.17 -27.50
N SER D 190 18.59 15.94 -27.06
CA SER D 190 19.86 16.06 -27.79
C SER D 190 20.76 14.82 -27.73
N THR D 191 20.52 13.93 -26.76
CA THR D 191 21.45 12.85 -26.49
C THR D 191 21.37 11.68 -27.45
N SER D 192 20.25 11.49 -28.14
CA SER D 192 20.13 10.38 -29.09
C SER D 192 18.92 10.47 -30.03
N ARG D 193 18.93 9.63 -31.08
CA ARG D 193 17.86 9.55 -32.10
C ARG D 193 16.48 9.56 -31.48
N PHE D 194 16.28 8.64 -30.53
CA PHE D 194 14.95 8.32 -29.99
C PHE D 194 14.60 9.04 -28.69
N ALA D 195 15.49 9.88 -28.19
CA ALA D 195 15.22 10.66 -26.98
C ALA D 195 14.15 11.69 -27.27
N ARG D 196 12.94 11.41 -26.76
CA ARG D 196 11.82 12.33 -26.95
C ARG D 196 11.02 12.45 -25.64
N LEU D 197 11.37 13.46 -24.84
CA LEU D 197 10.86 13.61 -23.49
C LEU D 197 9.36 13.94 -23.44
N GLN D 198 8.63 13.14 -22.67
CA GLN D 198 7.20 13.35 -22.41
C GLN D 198 7.00 14.14 -21.09
N LYS D 199 5.75 14.36 -20.68
CA LYS D 199 5.43 15.07 -19.44
C LYS D 199 6.34 14.62 -18.28
N LEU D 200 6.87 15.57 -17.51
CA LEU D 200 7.64 15.24 -16.31
C LEU D 200 6.66 14.97 -15.17
N HIS D 201 7.05 14.07 -14.28
CA HIS D 201 6.35 13.90 -13.02
C HIS D 201 7.30 14.22 -11.86
N THR D 202 6.90 15.09 -10.95
CA THR D 202 7.78 15.43 -9.84
C THR D 202 7.11 15.27 -8.48
N SER D 203 7.93 14.97 -7.48
CA SER D 203 7.49 14.97 -6.10
C SER D 203 8.56 15.58 -5.19
N ILE D 204 8.11 16.41 -4.27
CA ILE D 204 8.97 17.04 -3.26
C ILE D 204 8.89 16.28 -1.93
N ALA D 205 10.02 16.23 -1.23
CA ALA D 205 10.09 15.77 0.13
C ALA D 205 11.08 16.70 0.84
N GLY D 206 10.56 17.80 1.36
CA GLY D 206 11.41 18.78 2.01
C GLY D 206 12.26 19.45 0.95
N ARG D 207 13.56 19.43 1.14
CA ARG D 207 14.48 20.05 0.17
C ARG D 207 14.89 19.09 -0.92
N ASN D 208 14.36 17.87 -0.88
CA ASN D 208 14.53 16.93 -1.98
C ASN D 208 13.53 17.20 -3.10
N LEU D 209 13.92 16.89 -4.32
CA LEU D 209 13.01 16.82 -5.46
C LEU D 209 13.29 15.56 -6.25
N TYR D 210 12.23 14.78 -6.48
CA TYR D 210 12.28 13.59 -7.31
C TYR D 210 11.70 13.96 -8.68
N ILE D 211 12.45 13.68 -9.73
CA ILE D 211 12.06 14.05 -11.07
C ILE D 211 12.06 12.81 -11.92
N ARG D 212 10.87 12.45 -12.40
CA ARG D 212 10.65 11.28 -13.24
C ARG D 212 10.68 11.71 -14.69
N PHE D 213 11.72 11.29 -15.39
CA PHE D 213 11.88 11.50 -16.82
C PHE D 213 11.34 10.30 -17.56
N GLN D 214 10.55 10.55 -18.59
CA GLN D 214 9.93 9.50 -19.36
C GLN D 214 10.10 9.73 -20.86
N SER D 215 10.52 8.71 -21.57
CA SER D 215 10.63 8.82 -23.02
C SER D 215 10.57 7.47 -23.67
N ARG D 216 10.08 7.44 -24.91
CA ARG D 216 10.24 6.26 -25.75
C ARG D 216 11.71 6.11 -26.08
N SER D 217 12.10 4.97 -26.63
CA SER D 217 13.51 4.64 -26.79
C SER D 217 13.76 3.69 -27.97
N GLY D 218 13.02 3.90 -29.05
CA GLY D 218 13.01 2.96 -30.15
C GLY D 218 12.56 1.59 -29.70
N ASP D 219 13.25 0.56 -30.18
CA ASP D 219 12.88 -0.81 -29.81
C ASP D 219 13.67 -1.33 -28.60
N ALA D 220 14.57 -0.51 -28.10
CA ALA D 220 15.30 -0.86 -26.88
C ALA D 220 14.41 -0.66 -25.66
N MET D 221 14.67 -1.46 -24.62
CA MET D 221 14.08 -1.23 -23.29
C MET D 221 14.37 0.20 -22.84
N GLY D 222 15.60 0.63 -23.02
CA GLY D 222 15.92 2.05 -23.03
C GLY D 222 16.58 2.63 -21.81
N MET D 223 16.91 1.81 -20.80
CA MET D 223 17.55 2.29 -19.55
C MET D 223 18.75 3.18 -19.82
N ASN D 224 19.67 2.69 -20.64
CA ASN D 224 20.89 3.43 -20.92
C ASN D 224 20.60 4.75 -21.63
N MET D 225 19.69 4.71 -22.60
CA MET D 225 19.29 5.90 -23.34
C MET D 225 18.64 6.93 -22.43
N ILE D 226 17.73 6.49 -21.56
CA ILE D 226 17.03 7.42 -20.67
C ILE D 226 17.99 7.95 -19.59
N SER D 227 18.95 7.14 -19.18
CA SER D 227 19.92 7.57 -18.16
C SER D 227 20.85 8.65 -18.70
N LYS D 228 21.31 8.49 -19.93
CA LYS D 228 22.14 9.49 -20.62
C LYS D 228 21.35 10.78 -20.86
N GLY D 229 20.11 10.63 -21.34
CA GLY D 229 19.23 11.78 -21.48
C GLY D 229 19.02 12.51 -20.17
N THR D 230 18.84 11.75 -19.10
CA THR D 230 18.53 12.32 -17.79
C THR D 230 19.70 13.11 -17.26
N GLU D 231 20.89 12.59 -17.50
CA GLU D 231 22.15 13.21 -17.06
C GLU D 231 22.31 14.60 -17.67
N LYS D 232 22.11 14.73 -18.97
CA LYS D 232 22.24 16.02 -19.63
C LYS D 232 21.10 16.97 -19.30
N ALA D 233 19.90 16.44 -19.12
CA ALA D 233 18.78 17.26 -18.64
C ALA D 233 19.09 17.83 -17.27
N LEU D 234 19.61 16.99 -16.37
CA LEU D 234 19.94 17.43 -15.02
C LEU D 234 21.08 18.45 -15.04
N SER D 235 21.99 18.30 -16.00
CA SER D 235 23.12 19.23 -16.17
C SER D 235 22.60 20.60 -16.60
N LYS D 236 21.63 20.61 -17.51
CA LYS D 236 20.99 21.85 -17.92
C LYS D 236 20.23 22.48 -16.76
N LEU D 237 19.58 21.67 -15.93
CA LEU D 237 18.86 22.18 -14.78
C LEU D 237 19.81 22.85 -13.79
N HIS D 238 21.00 22.29 -13.63
CA HIS D 238 22.01 22.81 -12.72
C HIS D 238 22.46 24.20 -13.17
N GLU D 239 22.49 24.44 -14.48
CA GLU D 239 22.82 25.78 -14.97
C GLU D 239 21.83 26.80 -14.43
N TYR D 240 20.55 26.46 -14.46
CA TYR D 240 19.51 27.35 -13.93
C TYR D 240 19.53 27.44 -12.41
N PHE D 241 19.93 26.37 -11.74
CA PHE D 241 19.92 26.32 -10.29
C PHE D 241 21.24 25.78 -9.79
N PRO D 242 22.23 26.67 -9.70
CA PRO D 242 23.61 26.27 -9.32
C PRO D 242 23.75 25.61 -7.96
N GLU D 243 22.90 25.99 -7.00
CA GLU D 243 22.89 25.37 -5.67
C GLU D 243 22.28 23.95 -5.61
N MET D 244 21.71 23.47 -6.71
CA MET D 244 21.17 22.11 -6.76
C MET D 244 22.28 21.07 -6.74
N GLN D 245 22.14 20.09 -5.86
CA GLN D 245 23.02 18.93 -5.84
C GLN D 245 22.30 17.76 -6.50
N ILE D 246 22.99 17.07 -7.41
CA ILE D 246 22.50 15.82 -7.95
C ILE D 246 22.93 14.67 -7.05
N LEU D 247 22.03 14.25 -6.16
CA LEU D 247 22.38 13.24 -5.18
C LEU D 247 22.55 11.86 -5.80
N ALA D 248 21.68 11.51 -6.75
CA ALA D 248 21.78 10.21 -7.42
C ALA D 248 20.96 10.20 -8.70
N VAL D 249 21.52 9.64 -9.76
CA VAL D 249 20.84 9.61 -11.06
C VAL D 249 19.55 8.78 -11.00
N SER D 250 19.51 7.81 -10.09
CA SER D 250 18.25 7.14 -9.71
C SER D 250 17.99 7.32 -8.22
N GLY D 251 16.97 8.09 -7.88
CA GLY D 251 16.45 8.19 -6.52
C GLY D 251 15.31 7.24 -6.16
N ASN D 252 15.18 6.13 -6.90
CA ASN D 252 14.11 5.12 -6.68
C ASN D 252 12.70 5.61 -7.05
N TYR D 253 12.63 6.72 -7.78
CA TYR D 253 11.35 7.30 -8.17
C TYR D 253 10.98 6.82 -9.57
N CYS D 254 11.77 5.90 -10.13
CA CYS D 254 11.60 5.49 -11.53
C CYS D 254 10.31 4.72 -11.76
N THR D 255 10.03 3.64 -11.03
CA THR D 255 10.93 2.90 -10.15
C THR D 255 11.35 1.65 -10.89
N ASP D 256 12.65 1.31 -10.79
CA ASP D 256 13.22 0.18 -11.52
C ASP D 256 13.54 -0.98 -10.60
N LYS D 257 12.85 -2.10 -10.82
CA LYS D 257 13.15 -3.37 -10.17
C LYS D 257 12.83 -3.40 -8.68
N LYS D 258 12.00 -2.48 -8.20
CA LYS D 258 11.38 -2.59 -6.87
C LYS D 258 9.88 -2.34 -7.00
N PRO D 259 9.07 -2.99 -6.16
CA PRO D 259 7.63 -2.67 -6.14
C PRO D 259 7.38 -1.21 -5.86
N ALA D 260 6.52 -0.57 -6.64
CA ALA D 260 6.15 0.81 -6.37
C ALA D 260 4.80 1.15 -6.98
N ALA D 261 3.94 1.81 -6.18
CA ALA D 261 2.65 2.27 -6.68
C ALA D 261 2.79 3.26 -7.84
N ILE D 262 3.90 4.01 -7.92
CA ILE D 262 4.07 4.95 -9.04
C ILE D 262 4.05 4.27 -10.40
N ASN D 263 4.62 3.07 -10.52
CA ASN D 263 4.59 2.35 -11.78
C ASN D 263 3.19 1.81 -12.13
N TRP D 264 2.44 1.46 -11.09
CA TRP D 264 1.11 0.91 -11.26
C TRP D 264 0.13 2.01 -11.70
N ILE D 265 0.30 3.22 -11.18
CA ILE D 265 -0.62 4.32 -11.45
C ILE D 265 -0.25 5.17 -12.69
N GLU D 266 1.05 5.36 -12.92
CA GLU D 266 1.54 6.17 -14.03
C GLU D 266 2.00 5.34 -15.21
N GLY D 267 2.34 4.09 -14.96
CA GLY D 267 2.83 3.21 -15.99
C GLY D 267 4.33 3.29 -16.05
N ARG D 268 4.95 2.30 -16.68
CA ARG D 268 6.38 2.33 -16.94
C ARG D 268 6.65 1.38 -18.09
N GLY D 269 7.40 1.84 -19.08
CA GLY D 269 7.52 1.06 -20.30
C GLY D 269 6.19 1.03 -21.02
N LYS D 270 5.69 -0.16 -21.36
CA LYS D 270 4.42 -0.27 -22.10
C LYS D 270 3.27 -0.59 -21.14
N SER D 271 2.21 0.21 -21.20
CA SER D 271 0.98 -0.11 -20.50
C SER D 271 0.10 -0.77 -21.54
N VAL D 272 -0.43 -1.93 -21.22
CA VAL D 272 -1.16 -2.74 -22.19
C VAL D 272 -2.45 -3.28 -21.55
N VAL D 273 -3.49 -3.40 -22.36
CA VAL D 273 -4.70 -4.12 -22.00
C VAL D 273 -4.99 -5.19 -23.04
N CYS D 274 -5.55 -6.30 -22.59
CA CYS D 274 -5.88 -7.41 -23.47
C CYS D 274 -7.21 -8.00 -23.03
N GLU D 275 -7.94 -8.60 -23.97
CA GLU D 275 -9.27 -9.14 -23.69
C GLU D 275 -9.70 -10.26 -24.65
N ALA D 276 -10.74 -10.96 -24.25
CA ALA D 276 -11.25 -12.11 -24.99
C ALA D 276 -12.57 -12.49 -24.35
N VAL D 277 -13.53 -12.96 -25.16
CA VAL D 277 -14.75 -13.58 -24.65
C VAL D 277 -14.66 -15.06 -24.97
N ILE D 278 -14.81 -15.91 -23.95
CA ILE D 278 -14.75 -17.37 -24.09
C ILE D 278 -16.18 -17.94 -24.06
N PRO D 279 -16.66 -18.51 -25.17
CA PRO D 279 -17.99 -19.13 -25.22
C PRO D 279 -18.22 -20.15 -24.10
N ALA D 280 -19.44 -20.16 -23.54
CA ALA D 280 -19.78 -21.04 -22.42
C ALA D 280 -19.34 -22.46 -22.66
N LYS D 281 -19.66 -22.97 -23.83
CA LYS D 281 -19.29 -24.32 -24.23
C LYS D 281 -17.78 -24.55 -24.06
N VAL D 282 -16.97 -23.59 -24.49
CA VAL D 282 -15.51 -23.71 -24.40
C VAL D 282 -14.99 -23.66 -22.95
N VAL D 283 -15.59 -22.83 -22.12
CA VAL D 283 -15.26 -22.83 -20.69
C VAL D 283 -15.54 -24.21 -20.08
N ARG D 284 -16.60 -24.87 -20.55
CA ARG D 284 -17.02 -26.17 -20.03
C ARG D 284 -16.14 -27.31 -20.54
N GLU D 285 -15.89 -27.34 -21.85
CA GLU D 285 -15.20 -28.48 -22.48
C GLU D 285 -13.68 -28.39 -22.37
N VAL D 286 -13.14 -27.21 -22.65
CA VAL D 286 -11.70 -27.02 -22.56
C VAL D 286 -11.22 -26.77 -21.12
N LEU D 287 -11.89 -25.85 -20.40
CA LEU D 287 -11.45 -25.42 -19.06
C LEU D 287 -12.07 -26.23 -17.90
N LYS D 288 -13.06 -27.08 -18.21
CA LYS D 288 -13.62 -28.02 -17.23
C LYS D 288 -14.27 -27.31 -16.05
N THR D 289 -14.97 -26.22 -16.34
CA THR D 289 -15.63 -25.42 -15.31
C THR D 289 -16.76 -24.60 -15.95
N THR D 290 -17.24 -23.56 -15.27
CA THR D 290 -18.28 -22.69 -15.81
C THR D 290 -17.87 -21.22 -15.69
N THR D 291 -18.53 -20.37 -16.47
CA THR D 291 -18.33 -18.94 -16.38
C THR D 291 -18.60 -18.42 -14.97
N GLU D 292 -19.66 -18.94 -14.36
CA GLU D 292 -20.07 -18.57 -13.00
C GLU D 292 -18.97 -18.87 -11.98
N ALA D 293 -18.39 -20.06 -12.07
CA ALA D 293 -17.39 -20.51 -11.10
C ALA D 293 -16.09 -19.72 -11.30
N MET D 294 -15.73 -19.46 -12.55
CA MET D 294 -14.56 -18.64 -12.90
C MET D 294 -14.66 -17.25 -12.30
N ILE D 295 -15.83 -16.64 -12.42
CA ILE D 295 -16.06 -15.29 -11.94
C ILE D 295 -15.92 -15.22 -10.44
N GLU D 296 -16.46 -16.22 -9.75
CA GLU D 296 -16.47 -16.25 -8.31
C GLU D 296 -15.03 -16.38 -7.77
N VAL D 297 -14.23 -17.20 -8.43
CA VAL D 297 -12.84 -17.37 -8.00
C VAL D 297 -12.02 -16.11 -8.28
N ASN D 298 -12.24 -15.49 -9.43
CA ASN D 298 -11.48 -14.29 -9.79
C ASN D 298 -11.75 -13.16 -8.81
N ILE D 299 -13.01 -12.86 -8.58
CA ILE D 299 -13.37 -11.84 -7.61
C ILE D 299 -12.72 -12.12 -6.26
N ASN D 300 -12.83 -13.36 -5.80
CA ASN D 300 -12.48 -13.65 -4.40
C ASN D 300 -11.02 -14.02 -4.18
N LYS D 301 -10.33 -14.35 -5.26
CA LYS D 301 -8.89 -14.60 -5.19
C LYS D 301 -8.14 -13.36 -5.66
N ASN D 302 -8.31 -13.01 -6.93
CA ASN D 302 -7.51 -11.96 -7.53
C ASN D 302 -7.84 -10.56 -7.07
N LEU D 303 -9.05 -10.37 -6.54
CA LEU D 303 -9.43 -9.07 -6.03
C LEU D 303 -9.44 -9.08 -4.50
N VAL D 304 -10.38 -9.81 -3.90
CA VAL D 304 -10.56 -9.75 -2.45
C VAL D 304 -9.34 -10.29 -1.71
N GLY D 305 -8.78 -11.39 -2.20
CA GLY D 305 -7.62 -12.02 -1.59
C GLY D 305 -6.35 -11.21 -1.71
N SER D 306 -6.05 -10.71 -2.90
CA SER D 306 -4.90 -9.83 -3.05
C SER D 306 -5.11 -8.62 -2.16
N ALA D 307 -6.36 -8.22 -1.98
CA ALA D 307 -6.67 -7.04 -1.17
C ALA D 307 -6.40 -7.31 0.31
N MET D 308 -6.83 -8.47 0.80
CA MET D 308 -6.56 -8.86 2.19
C MET D 308 -5.05 -9.05 2.44
N ALA D 309 -4.31 -9.42 1.40
CA ALA D 309 -2.87 -9.61 1.51
C ALA D 309 -2.05 -8.32 1.50
N GLY D 310 -2.72 -7.20 1.27
CA GLY D 310 -2.03 -5.92 1.11
C GLY D 310 -1.25 -5.80 -0.19
N SER D 311 -1.84 -6.23 -1.30
CA SER D 311 -1.15 -6.16 -2.59
C SER D 311 -1.35 -4.82 -3.25
N ILE D 312 -0.27 -4.26 -3.77
CA ILE D 312 -0.31 -3.16 -4.74
C ILE D 312 0.14 -3.73 -6.09
N GLY D 313 -0.81 -3.89 -7.00
CA GLY D 313 -0.53 -4.29 -8.38
C GLY D 313 -0.56 -5.79 -8.64
N GLY D 314 -0.79 -6.58 -7.61
CA GLY D 314 -0.74 -8.03 -7.75
C GLY D 314 -2.13 -8.65 -7.74
N TYR D 315 -3.00 -8.11 -8.58
CA TYR D 315 -4.40 -8.55 -8.61
C TYR D 315 -4.60 -9.60 -9.72
N ASN D 316 -3.84 -10.67 -9.61
CA ASN D 316 -3.77 -11.68 -10.65
C ASN D 316 -3.33 -13.00 -10.05
N ALA D 317 -3.40 -14.06 -10.83
CA ALA D 317 -3.06 -15.40 -10.34
C ALA D 317 -1.57 -15.68 -10.47
N HIS D 318 -1.01 -15.54 -11.68
CA HIS D 318 0.42 -15.82 -11.88
C HIS D 318 1.02 -15.16 -13.13
N ALA D 319 0.68 -13.91 -13.39
CA ALA D 319 1.28 -13.19 -14.49
C ALA D 319 2.80 -13.35 -14.48
N ALA D 320 3.42 -13.28 -13.31
CA ALA D 320 4.87 -13.42 -13.16
C ALA D 320 5.46 -14.72 -13.70
N ASN D 321 4.72 -15.83 -13.63
CA ASN D 321 5.18 -17.06 -14.27
C ASN D 321 5.37 -16.86 -15.77
N ILE D 322 4.42 -16.19 -16.40
CA ILE D 322 4.45 -16.02 -17.85
C ILE D 322 5.47 -14.98 -18.24
N VAL D 323 5.44 -13.84 -17.58
CA VAL D 323 6.35 -12.76 -17.88
C VAL D 323 7.80 -13.26 -17.74
N THR D 324 8.07 -13.92 -16.63
CA THR D 324 9.40 -14.46 -16.38
C THR D 324 9.81 -15.42 -17.47
N ALA D 325 8.93 -16.34 -17.82
CA ALA D 325 9.27 -17.35 -18.82
C ALA D 325 9.57 -16.73 -20.18
N ILE D 326 8.73 -15.80 -20.62
CA ILE D 326 8.94 -15.14 -21.89
C ILE D 326 10.20 -14.27 -21.85
N TYR D 327 10.44 -13.65 -20.70
CA TYR D 327 11.55 -12.72 -20.53
C TYR D 327 12.89 -13.45 -20.64
N ILE D 328 13.00 -14.59 -19.99
CA ILE D 328 14.23 -15.36 -20.07
C ILE D 328 14.47 -15.85 -21.51
N ALA D 329 13.42 -16.37 -22.15
CA ALA D 329 13.52 -16.87 -23.51
C ALA D 329 13.88 -15.79 -24.53
N CYS D 330 13.40 -14.57 -24.34
CA CYS D 330 13.52 -13.50 -25.35
C CYS D 330 14.56 -12.43 -25.00
N GLY D 331 15.47 -12.75 -24.09
CA GLY D 331 16.62 -11.90 -23.85
C GLY D 331 16.34 -10.62 -23.12
N GLN D 332 15.23 -10.60 -22.38
CA GLN D 332 14.85 -9.44 -21.57
C GLN D 332 15.61 -9.48 -20.27
N ASP D 333 15.49 -8.41 -19.50
CA ASP D 333 16.05 -8.33 -18.16
C ASP D 333 15.05 -8.97 -17.17
N ALA D 334 15.33 -10.21 -16.76
CA ALA D 334 14.39 -10.98 -15.95
C ALA D 334 14.11 -10.34 -14.59
N ALA D 335 15.03 -9.49 -14.10
CA ALA D 335 14.82 -8.80 -12.84
C ALA D 335 13.69 -7.78 -12.92
N GLN D 336 13.38 -7.31 -14.12
CA GLN D 336 12.26 -6.39 -14.28
C GLN D 336 10.90 -7.12 -14.24
N ASN D 337 10.87 -8.42 -13.96
CA ASN D 337 9.62 -9.09 -13.64
C ASN D 337 8.94 -8.47 -12.43
N VAL D 338 9.69 -7.77 -11.59
CA VAL D 338 9.14 -7.12 -10.38
C VAL D 338 8.01 -6.16 -10.77
N GLY D 339 8.32 -5.16 -11.58
CA GLY D 339 7.29 -4.27 -12.11
C GLY D 339 6.49 -4.78 -13.31
N SER D 340 7.14 -5.52 -14.19
CA SER D 340 6.50 -6.00 -15.42
C SER D 340 5.34 -6.98 -15.19
N SER D 341 5.34 -7.66 -14.06
CA SER D 341 4.29 -8.63 -13.69
C SER D 341 3.02 -7.98 -13.13
N ASN D 342 3.08 -6.69 -12.81
CA ASN D 342 1.90 -5.92 -12.42
C ASN D 342 0.74 -6.22 -13.36
N CYS D 343 -0.38 -6.65 -12.79
CA CYS D 343 -1.51 -7.11 -13.58
C CYS D 343 -2.80 -7.16 -12.74
N ILE D 344 -3.88 -6.62 -13.31
CA ILE D 344 -5.20 -6.88 -12.78
C ILE D 344 -6.01 -7.68 -13.80
N THR D 345 -6.49 -8.84 -13.34
CA THR D 345 -7.24 -9.78 -14.15
C THR D 345 -8.70 -9.64 -13.75
N LEU D 346 -9.55 -9.30 -14.71
CA LEU D 346 -10.98 -9.15 -14.51
C LEU D 346 -11.77 -10.16 -15.33
N MET D 347 -12.88 -10.61 -14.75
CA MET D 347 -13.72 -11.62 -15.36
C MET D 347 -15.18 -11.27 -15.08
N GLU D 348 -16.00 -11.34 -16.14
CA GLU D 348 -17.42 -11.02 -16.09
C GLU D 348 -18.24 -11.98 -16.94
N ALA D 349 -19.53 -12.04 -16.64
CA ALA D 349 -20.48 -12.77 -17.46
C ALA D 349 -20.73 -11.96 -18.72
N SER D 350 -20.98 -12.67 -19.82
CA SER D 350 -21.10 -12.06 -21.15
C SER D 350 -22.09 -12.84 -22.02
N GLY D 351 -22.50 -12.25 -23.13
CA GLY D 351 -23.36 -12.90 -24.10
C GLY D 351 -24.86 -12.78 -23.85
N PRO D 352 -25.67 -13.29 -24.78
CA PRO D 352 -27.14 -13.26 -24.66
C PRO D 352 -27.66 -13.85 -23.35
N THR D 353 -27.25 -15.07 -23.02
CA THR D 353 -27.73 -15.76 -21.82
C THR D 353 -26.83 -15.52 -20.60
N ASN D 354 -25.93 -14.53 -20.72
CA ASN D 354 -24.98 -14.21 -19.66
C ASN D 354 -24.13 -15.41 -19.23
N GLU D 355 -23.87 -16.34 -20.16
CA GLU D 355 -23.16 -17.57 -19.85
C GLU D 355 -21.72 -17.59 -20.38
N ASP D 356 -21.36 -16.61 -21.23
CA ASP D 356 -20.01 -16.52 -21.78
C ASP D 356 -19.07 -15.74 -20.83
N LEU D 357 -17.78 -16.08 -20.85
CA LEU D 357 -16.78 -15.45 -19.97
C LEU D 357 -16.01 -14.35 -20.67
N TYR D 358 -16.25 -13.10 -20.29
CA TYR D 358 -15.39 -11.98 -20.70
C TYR D 358 -14.18 -11.97 -19.77
N ILE D 359 -12.98 -11.99 -20.34
CA ILE D 359 -11.76 -11.89 -19.54
C ILE D 359 -10.89 -10.77 -20.08
N SER D 360 -10.31 -9.99 -19.16
CA SER D 360 -9.26 -9.05 -19.52
C SER D 360 -8.13 -9.05 -18.50
N CYS D 361 -6.92 -8.76 -19.00
CA CYS D 361 -5.78 -8.44 -18.17
C CYS D 361 -5.26 -7.06 -18.53
N THR D 362 -4.98 -6.26 -17.50
CA THR D 362 -4.39 -4.94 -17.67
C THR D 362 -3.03 -4.86 -16.97
N MET D 363 -2.00 -4.53 -17.73
CA MET D 363 -0.60 -4.54 -17.30
C MET D 363 0.02 -3.18 -17.60
N PRO D 364 0.08 -2.31 -16.60
CA PRO D 364 0.49 -0.92 -16.85
C PRO D 364 1.97 -0.67 -17.00
N SER D 365 2.82 -1.66 -16.75
CA SER D 365 4.25 -1.38 -16.65
C SER D 365 5.14 -2.51 -17.18
N ILE D 366 4.87 -2.94 -18.42
CA ILE D 366 5.70 -3.95 -19.11
C ILE D 366 7.00 -3.31 -19.62
N GLU D 367 8.11 -3.66 -18.97
CA GLU D 367 9.44 -3.10 -19.28
C GLU D 367 10.20 -4.06 -20.21
N ILE D 368 10.35 -3.66 -21.47
CA ILE D 368 10.62 -4.60 -22.53
C ILE D 368 11.28 -3.99 -23.76
N GLY D 369 11.95 -4.83 -24.55
CA GLY D 369 12.71 -4.38 -25.70
C GLY D 369 13.09 -5.51 -26.64
N THR D 370 13.31 -5.19 -27.91
CA THR D 370 13.70 -6.19 -28.90
C THR D 370 15.10 -5.94 -29.49
N VAL D 371 15.80 -4.92 -28.98
CA VAL D 371 17.21 -4.66 -29.29
C VAL D 371 17.96 -4.34 -28.00
N GLY D 372 19.24 -4.73 -27.94
CA GLY D 372 20.10 -4.44 -26.81
C GLY D 372 19.99 -5.52 -25.75
N GLY D 373 20.90 -5.48 -24.77
CA GLY D 373 20.93 -6.48 -23.72
C GLY D 373 21.01 -7.90 -24.22
N GLY D 374 20.30 -8.82 -23.59
CA GLY D 374 20.29 -10.21 -23.98
C GLY D 374 19.67 -10.49 -25.34
N THR D 375 18.91 -9.54 -25.90
CA THR D 375 18.40 -9.68 -27.26
C THR D 375 19.51 -9.56 -28.32
N ASN D 376 20.70 -9.13 -27.92
CA ASN D 376 21.85 -9.11 -28.82
C ASN D 376 22.40 -10.51 -29.10
N LEU D 377 22.01 -11.50 -28.30
CA LEU D 377 22.53 -12.87 -28.43
C LEU D 377 21.67 -13.66 -29.40
N LEU D 378 22.30 -14.60 -30.09
CA LEU D 378 21.63 -15.31 -31.18
C LEU D 378 20.50 -16.24 -30.74
N PRO D 379 20.67 -17.03 -29.68
CA PRO D 379 19.58 -17.89 -29.20
C PRO D 379 18.37 -17.07 -28.76
N GLN D 380 18.63 -15.97 -28.07
CA GLN D 380 17.59 -15.05 -27.66
C GLN D 380 16.88 -14.50 -28.91
N GLN D 381 17.68 -14.15 -29.92
CA GLN D 381 17.15 -13.65 -31.17
C GLN D 381 16.32 -14.69 -31.89
N ALA D 382 16.61 -15.96 -31.67
CA ALA D 382 15.81 -17.04 -32.26
C ALA D 382 14.37 -16.96 -31.76
N CYS D 383 14.22 -16.85 -30.45
CA CYS D 383 12.89 -16.77 -29.82
C CYS D 383 12.14 -15.49 -30.22
N LEU D 384 12.86 -14.38 -30.40
CA LEU D 384 12.24 -13.14 -30.85
C LEU D 384 11.77 -13.27 -32.30
N GLN D 385 12.54 -13.99 -33.12
CA GLN D 385 12.20 -14.21 -34.52
C GLN D 385 10.98 -15.13 -34.66
N MET D 386 10.83 -16.12 -33.78
CA MET D 386 9.60 -16.92 -33.78
C MET D 386 8.40 -15.99 -33.73
N LEU D 387 8.52 -14.96 -32.90
CA LEU D 387 7.46 -13.98 -32.69
C LEU D 387 7.37 -12.88 -33.77
N GLY D 388 8.38 -12.79 -34.62
CA GLY D 388 8.41 -11.81 -35.70
C GLY D 388 8.71 -10.42 -35.21
N VAL D 389 9.37 -10.30 -34.06
CA VAL D 389 9.68 -9.00 -33.45
C VAL D 389 11.17 -8.76 -33.18
N GLN D 390 12.04 -9.61 -33.72
CA GLN D 390 13.48 -9.49 -33.45
C GLN D 390 14.02 -8.18 -34.00
N GLY D 391 14.83 -7.50 -33.20
CA GLY D 391 15.52 -6.32 -33.65
C GLY D 391 14.61 -5.13 -33.87
N ALA D 392 15.18 -4.08 -34.47
CA ALA D 392 14.48 -2.81 -34.69
C ALA D 392 13.44 -2.95 -35.79
N CYS D 393 12.31 -2.26 -35.61
CA CYS D 393 11.34 -2.12 -36.67
C CYS D 393 11.76 -0.89 -37.44
N LYS D 394 12.28 -1.11 -38.64
CA LYS D 394 12.90 -0.05 -39.41
C LYS D 394 11.84 0.94 -39.91
N ASP D 395 10.66 0.41 -40.26
CA ASP D 395 9.56 1.25 -40.70
C ASP D 395 9.11 2.22 -39.61
N ASN D 396 8.79 1.68 -38.43
CA ASN D 396 8.22 2.45 -37.33
C ASN D 396 8.97 2.13 -36.03
N PRO D 397 10.05 2.87 -35.76
CA PRO D 397 10.84 2.66 -34.54
C PRO D 397 10.01 2.45 -33.26
N GLY D 398 10.22 1.32 -32.61
CA GLY D 398 9.58 1.01 -31.35
C GLY D 398 8.39 0.07 -31.51
N GLU D 399 8.07 -0.24 -32.76
CA GLU D 399 6.90 -1.04 -33.06
C GLU D 399 7.10 -2.52 -32.73
N ASN D 400 8.33 -3.02 -32.80
CA ASN D 400 8.60 -4.41 -32.41
C ASN D 400 8.48 -4.62 -30.90
N ALA D 401 8.92 -3.65 -30.11
CA ALA D 401 8.82 -3.70 -28.65
C ALA D 401 7.36 -3.64 -28.21
N ARG D 402 6.58 -2.80 -28.88
CA ARG D 402 5.17 -2.69 -28.58
C ARG D 402 4.49 -4.03 -28.83
N GLN D 403 4.80 -4.65 -29.97
CA GLN D 403 4.24 -5.95 -30.32
C GLN D 403 4.57 -7.03 -29.30
N LEU D 404 5.81 -7.01 -28.80
CA LEU D 404 6.22 -7.99 -27.82
C LEU D 404 5.47 -7.82 -26.49
N ALA D 405 5.25 -6.57 -26.09
CA ALA D 405 4.47 -6.27 -24.90
C ALA D 405 3.05 -6.79 -25.06
N ARG D 406 2.45 -6.55 -26.22
CA ARG D 406 1.12 -7.06 -26.55
C ARG D 406 1.09 -8.58 -26.44
N ILE D 407 2.10 -9.25 -26.99
CA ILE D 407 2.18 -10.72 -26.90
C ILE D 407 2.29 -11.17 -25.45
N VAL D 408 3.06 -10.45 -24.65
CA VAL D 408 3.27 -10.81 -23.25
C VAL D 408 1.94 -10.71 -22.50
N CYS D 409 1.18 -9.64 -22.77
CA CYS D 409 -0.07 -9.41 -22.07
C CYS D 409 -1.09 -10.49 -22.48
N GLY D 410 -1.05 -10.86 -23.75
CA GLY D 410 -1.92 -11.88 -24.28
C GLY D 410 -1.63 -13.25 -23.72
N THR D 411 -0.35 -13.58 -23.59
CA THR D 411 0.06 -14.87 -23.03
C THR D 411 -0.22 -14.93 -21.52
N VAL D 412 -0.06 -13.81 -20.84
CA VAL D 412 -0.45 -13.70 -19.44
C VAL D 412 -1.94 -13.98 -19.28
N MET D 413 -2.76 -13.43 -20.18
CA MET D 413 -4.19 -13.67 -20.11
C MET D 413 -4.50 -15.14 -20.34
N ALA D 414 -3.75 -15.79 -21.22
CA ALA D 414 -3.89 -17.23 -21.46
C ALA D 414 -3.60 -18.03 -20.19
N GLY D 415 -2.49 -17.70 -19.54
CA GLY D 415 -2.10 -18.36 -18.30
C GLY D 415 -3.12 -18.14 -17.20
N GLU D 416 -3.62 -16.92 -17.08
CA GLU D 416 -4.64 -16.59 -16.10
C GLU D 416 -5.88 -17.45 -16.32
N LEU D 417 -6.30 -17.55 -17.58
CA LEU D 417 -7.51 -18.31 -17.91
C LEU D 417 -7.40 -19.74 -17.42
N SER D 418 -6.29 -20.39 -17.76
CA SER D 418 -6.09 -21.80 -17.47
C SER D 418 -5.89 -22.13 -16.00
N LEU D 419 -5.05 -21.36 -15.32
CA LEU D 419 -4.78 -21.63 -13.92
C LEU D 419 -6.04 -21.36 -13.10
N MET D 420 -6.77 -20.31 -13.44
CA MET D 420 -7.98 -19.96 -12.71
C MET D 420 -9.04 -21.04 -12.88
N ALA D 421 -9.09 -21.62 -14.07
CA ALA D 421 -10.03 -22.68 -14.37
C ALA D 421 -9.65 -23.93 -13.58
N ALA D 422 -8.35 -24.18 -13.47
CA ALA D 422 -7.84 -25.32 -12.71
C ALA D 422 -8.17 -25.20 -11.22
N LEU D 423 -8.10 -23.99 -10.69
CA LEU D 423 -8.42 -23.72 -9.28
C LEU D 423 -9.92 -23.80 -9.01
N ALA D 424 -10.74 -23.32 -9.94
CA ALA D 424 -12.20 -23.33 -9.77
C ALA D 424 -12.77 -24.74 -9.90
N ALA D 425 -12.14 -25.53 -10.78
CA ALA D 425 -12.59 -26.88 -11.11
C ALA D 425 -12.55 -27.77 -9.90
#